data_4A81
# 
_entry.id   4A81 
# 
_audit_conform.dict_name       mmcif_pdbx.dic 
_audit_conform.dict_version    5.383 
_audit_conform.dict_location   http://mmcif.pdb.org/dictionaries/ascii/mmcif_pdbx.dic 
# 
loop_
_database_2.database_id 
_database_2.database_code 
_database_2.pdbx_database_accession 
_database_2.pdbx_DOI 
PDB   4A81         pdb_00004a81 10.2210/pdb4a81/pdb 
PDBE  EBI-50357    ?            ?                   
WWPDB D_1290050357 ?            ?                   
# 
loop_
_pdbx_database_related.db_name 
_pdbx_database_related.db_id 
_pdbx_database_related.content_type 
_pdbx_database_related.details 
PDB 1FSK unspecified 
'COMPLEX FORMATION BETWEEN A FAB FRAGMENT OF A MONOCLONALIGG ANTIBODY AND THE MAJOR ALLERGEN FROM BIRCH POLLEN BET V1' 
PDB 4A8G unspecified 
'CRYSTAL STRUCTURE OF MAJOR BIRCH POLLEN ALLERGEN BET V 1 A IN COMPLEX WITH DIMETHYLBENZYLAMMONIUM PROPANE SULFONATE' 
PDB 1B6F unspecified 'BIRCH POLLEN ALLERGEN BET V 1' 
PDB 4A84 unspecified 'CRYSTAL STRUCTURE OF MAJOR BIRCH POLLEN ALLERGEN BET V 1 A F30V MUTANT IN COMPLEX WITH DEOXYCHOLATE.' 
PDB 1BV1 unspecified 'BIRCH POLLEN ALLERGEN BET V 1' 
PDB 4A80 unspecified 
'CRYSTAL STRUCTURE OF MAJOR BIRCH POLLEN ALLERGEN BET V 1 A IN COMPLEX WITH 8-ANILINONAPHTHALENE-1-SULFONATE (ANS)' 
PDB 4A85 unspecified 'CRYSTAL STRUCTURE OF MAJOR BIRCH POLLEN ALLERGEN BET V 1 A IN COMPLEX WITH KINETIN.' 
PDB 4A88 unspecified 'CRYSTAL STRUCTURE OF NATIVE MAJOR BIRCH POLLEN ALLERGEN BET V 1 ISOFORM A' 
PDB 1LLT unspecified 'BIRCH POLLEN ALLERGEN BET V 1 MUTANT E45S' 
PDB 1QMR unspecified 'BIRCH POLLEN ALLERGEN BET V 1 MUTANT N28T, K32Q, E45S, P108G' 
PDB 4A86 unspecified 
;CRYSTAL STRUCTURE OF MAJOR BIRCH POLLEN ALLERGEN BET V 1 A IN TERNARY COMPLEX WITH KINETIN AND 8- ANILINONAPHTHALENE-1-SULFONATE (ANS)
;
PDB 1BTV unspecified 'STRUCTURE OF BET V 1, NMR, 20 STRUCTURES' 
PDB 4A83 unspecified 'CRYSTAL STRUCTURE OF MAJOR BIRCH POLLEN ALLERGEN BET V 1 A IN COMPLEX WITH DEOXYCHOLATE.' 
PDB 4A87 unspecified 'CRYSTAL STRUCTURE OF MAJOR BIRCH POLLEN ALLERGEN BET V 1 A IN COMPLEX NARINGENIN.' 
# 
_pdbx_database_status.status_code                     REL 
_pdbx_database_status.entry_id                        4A81 
_pdbx_database_status.deposit_site                    PDBE 
_pdbx_database_status.process_site                    PDBE 
_pdbx_database_status.SG_entry                        . 
_pdbx_database_status.recvd_initial_deposition_date   2011-11-18 
_pdbx_database_status.pdb_format_compatible           Y 
_pdbx_database_status.status_code_sf                  REL 
_pdbx_database_status.status_code_mr                  ? 
_pdbx_database_status.status_code_cs                  ? 
_pdbx_database_status.methods_development_category    ? 
_pdbx_database_status.status_code_nmr_data            ? 
# 
loop_
_audit_author.name 
_audit_author.pdbx_ordinal 
'Kofler, S.'       1 
'Brandstetter, H.' 2 
# 
_citation.id                        primary 
_citation.title                     
'Crystallographically Mapped Ligand Binding Differs in High and Low Ige Binding Isoforms of Birch Pollen Allergen Bet V 1.' 
_citation.journal_abbrev            J.Mol.Biol. 
_citation.journal_volume            422 
_citation.page_first                109 
_citation.page_last                 ? 
_citation.year                      2012 
_citation.journal_id_ASTM           JMOBAK 
_citation.country                   UK 
_citation.journal_id_ISSN           0022-2836 
_citation.journal_id_CSD            0070 
_citation.book_publisher            ? 
_citation.pdbx_database_id_PubMed   22634284 
_citation.pdbx_database_id_DOI      10.1016/J.JMB.2012.05.016 
# 
loop_
_citation_author.citation_id 
_citation_author.name 
_citation_author.ordinal 
_citation_author.identifier_ORCID 
primary 'Kofler, S.'       1 ? 
primary 'Asam, C.'         2 ? 
primary 'Eckhard, U.'      3 ? 
primary 'Wallner, M.'      4 ? 
primary 'Ferreira, F.'     5 ? 
primary 'Brandstetter, H.' 6 ? 
# 
_cell.entry_id           4A81 
_cell.length_a           32.600 
_cell.length_b           55.820 
_cell.length_c           37.850 
_cell.angle_alpha        90.00 
_cell.angle_beta         93.04 
_cell.angle_gamma        90.00 
_cell.Z_PDB              2 
_cell.pdbx_unique_axis   ? 
# 
_symmetry.entry_id                         4A81 
_symmetry.space_group_name_H-M             'P 1 21 1' 
_symmetry.pdbx_full_space_group_name_H-M   ? 
_symmetry.cell_setting                     ? 
_symmetry.Int_Tables_number                4 
# 
loop_
_entity.id 
_entity.type 
_entity.src_method 
_entity.pdbx_description 
_entity.formula_weight 
_entity.pdbx_number_of_molecules 
_entity.pdbx_ec 
_entity.pdbx_mutation 
_entity.pdbx_fragment 
_entity.details 
1 polymer     man 'MAJOR POLLEN ALLERGEN BET V 1-A'                         17461.594 1   ? ? ? ? 
2 non-polymer syn 'SULFATE ION'                                             96.063    1   ? ? ? ? 
3 non-polymer syn '(3ALPHA,5BETA,12ALPHA)-3,12-DIHYDROXYCHOLAN-24-OIC ACID' 392.572   1   ? ? ? ? 
4 non-polymer syn '8-ANILINO-1-NAPHTHALENE SULFONATE'                       299.344   1   ? ? ? ? 
5 non-polymer syn '(4S)-2-METHYL-2,4-PENTANEDIOL'                           118.174   1   ? ? ? ? 
6 non-polymer syn 'SODIUM ION'                                              22.990    1   ? ? ? ? 
7 water       nat water                                                     18.015    108 ? ? ? ? 
# 
_entity_name_com.entity_id   1 
_entity_name_com.name        'BET V 1 A, ALLERGEN BET V I-A, BET V 1-A' 
# 
_entity_poly.entity_id                      1 
_entity_poly.type                           'polypeptide(L)' 
_entity_poly.nstd_linkage                   no 
_entity_poly.nstd_monomer                   no 
_entity_poly.pdbx_seq_one_letter_code       
;GVFNYETETTSVIPAARLFKAFILDGDNLFPKVAPQAISSVENIEGNGGPGTIKKISFPEGFPFKYVKDRVDEVDHTNFK
YNYSVIEGGPIGDTLEKISNEIKIVATPDGGSILKISNKYHTKGDHEVKAEQVKASKEMGETLLRAVESYLLAHSDAYN
;
_entity_poly.pdbx_seq_one_letter_code_can   
;GVFNYETETTSVIPAARLFKAFILDGDNLFPKVAPQAISSVENIEGNGGPGTIKKISFPEGFPFKYVKDRVDEVDHTNFK
YNYSVIEGGPIGDTLEKISNEIKIVATPDGGSILKISNKYHTKGDHEVKAEQVKASKEMGETLLRAVESYLLAHSDAYN
;
_entity_poly.pdbx_strand_id                 A 
_entity_poly.pdbx_target_identifier         ? 
# 
loop_
_entity_poly_seq.entity_id 
_entity_poly_seq.num 
_entity_poly_seq.mon_id 
_entity_poly_seq.hetero 
1 1   GLY n 
1 2   VAL n 
1 3   PHE n 
1 4   ASN n 
1 5   TYR n 
1 6   GLU n 
1 7   THR n 
1 8   GLU n 
1 9   THR n 
1 10  THR n 
1 11  SER n 
1 12  VAL n 
1 13  ILE n 
1 14  PRO n 
1 15  ALA n 
1 16  ALA n 
1 17  ARG n 
1 18  LEU n 
1 19  PHE n 
1 20  LYS n 
1 21  ALA n 
1 22  PHE n 
1 23  ILE n 
1 24  LEU n 
1 25  ASP n 
1 26  GLY n 
1 27  ASP n 
1 28  ASN n 
1 29  LEU n 
1 30  PHE n 
1 31  PRO n 
1 32  LYS n 
1 33  VAL n 
1 34  ALA n 
1 35  PRO n 
1 36  GLN n 
1 37  ALA n 
1 38  ILE n 
1 39  SER n 
1 40  SER n 
1 41  VAL n 
1 42  GLU n 
1 43  ASN n 
1 44  ILE n 
1 45  GLU n 
1 46  GLY n 
1 47  ASN n 
1 48  GLY n 
1 49  GLY n 
1 50  PRO n 
1 51  GLY n 
1 52  THR n 
1 53  ILE n 
1 54  LYS n 
1 55  LYS n 
1 56  ILE n 
1 57  SER n 
1 58  PHE n 
1 59  PRO n 
1 60  GLU n 
1 61  GLY n 
1 62  PHE n 
1 63  PRO n 
1 64  PHE n 
1 65  LYS n 
1 66  TYR n 
1 67  VAL n 
1 68  LYS n 
1 69  ASP n 
1 70  ARG n 
1 71  VAL n 
1 72  ASP n 
1 73  GLU n 
1 74  VAL n 
1 75  ASP n 
1 76  HIS n 
1 77  THR n 
1 78  ASN n 
1 79  PHE n 
1 80  LYS n 
1 81  TYR n 
1 82  ASN n 
1 83  TYR n 
1 84  SER n 
1 85  VAL n 
1 86  ILE n 
1 87  GLU n 
1 88  GLY n 
1 89  GLY n 
1 90  PRO n 
1 91  ILE n 
1 92  GLY n 
1 93  ASP n 
1 94  THR n 
1 95  LEU n 
1 96  GLU n 
1 97  LYS n 
1 98  ILE n 
1 99  SER n 
1 100 ASN n 
1 101 GLU n 
1 102 ILE n 
1 103 LYS n 
1 104 ILE n 
1 105 VAL n 
1 106 ALA n 
1 107 THR n 
1 108 PRO n 
1 109 ASP n 
1 110 GLY n 
1 111 GLY n 
1 112 SER n 
1 113 ILE n 
1 114 LEU n 
1 115 LYS n 
1 116 ILE n 
1 117 SER n 
1 118 ASN n 
1 119 LYS n 
1 120 TYR n 
1 121 HIS n 
1 122 THR n 
1 123 LYS n 
1 124 GLY n 
1 125 ASP n 
1 126 HIS n 
1 127 GLU n 
1 128 VAL n 
1 129 LYS n 
1 130 ALA n 
1 131 GLU n 
1 132 GLN n 
1 133 VAL n 
1 134 LYS n 
1 135 ALA n 
1 136 SER n 
1 137 LYS n 
1 138 GLU n 
1 139 MET n 
1 140 GLY n 
1 141 GLU n 
1 142 THR n 
1 143 LEU n 
1 144 LEU n 
1 145 ARG n 
1 146 ALA n 
1 147 VAL n 
1 148 GLU n 
1 149 SER n 
1 150 TYR n 
1 151 LEU n 
1 152 LEU n 
1 153 ALA n 
1 154 HIS n 
1 155 SER n 
1 156 ASP n 
1 157 ALA n 
1 158 TYR n 
1 159 ASN n 
# 
_entity_src_gen.entity_id                          1 
_entity_src_gen.pdbx_src_id                        1 
_entity_src_gen.pdbx_alt_source_flag               sample 
_entity_src_gen.pdbx_seq_type                      ? 
_entity_src_gen.pdbx_beg_seq_num                   ? 
_entity_src_gen.pdbx_end_seq_num                   ? 
_entity_src_gen.gene_src_common_name               'EUROPEAN WHITE BIRCH' 
_entity_src_gen.gene_src_genus                     ? 
_entity_src_gen.pdbx_gene_src_gene                 ? 
_entity_src_gen.gene_src_species                   ? 
_entity_src_gen.gene_src_strain                    ? 
_entity_src_gen.gene_src_tissue                    ? 
_entity_src_gen.gene_src_tissue_fraction           ? 
_entity_src_gen.gene_src_details                   ? 
_entity_src_gen.pdbx_gene_src_fragment             ? 
_entity_src_gen.pdbx_gene_src_scientific_name      'BETULA PENDULA' 
_entity_src_gen.pdbx_gene_src_ncbi_taxonomy_id     3505 
_entity_src_gen.pdbx_gene_src_variant              ? 
_entity_src_gen.pdbx_gene_src_cell_line            ? 
_entity_src_gen.pdbx_gene_src_atcc                 ? 
_entity_src_gen.pdbx_gene_src_organ                ? 
_entity_src_gen.pdbx_gene_src_organelle            ? 
_entity_src_gen.pdbx_gene_src_cell                 ? 
_entity_src_gen.pdbx_gene_src_cellular_location    ? 
_entity_src_gen.host_org_common_name               ? 
_entity_src_gen.pdbx_host_org_scientific_name      'ESCHERICHIA COLI' 
_entity_src_gen.pdbx_host_org_ncbi_taxonomy_id     469008 
_entity_src_gen.host_org_genus                     ? 
_entity_src_gen.pdbx_host_org_gene                 ? 
_entity_src_gen.pdbx_host_org_organ                ? 
_entity_src_gen.host_org_species                   ? 
_entity_src_gen.pdbx_host_org_tissue               ? 
_entity_src_gen.pdbx_host_org_tissue_fraction      ? 
_entity_src_gen.pdbx_host_org_strain               'BL21(DE3)' 
_entity_src_gen.pdbx_host_org_variant              ? 
_entity_src_gen.pdbx_host_org_cell_line            ? 
_entity_src_gen.pdbx_host_org_atcc                 ? 
_entity_src_gen.pdbx_host_org_culture_collection   ? 
_entity_src_gen.pdbx_host_org_cell                 ? 
_entity_src_gen.pdbx_host_org_organelle            ? 
_entity_src_gen.pdbx_host_org_cellular_location    ? 
_entity_src_gen.pdbx_host_org_vector_type          PLASMID 
_entity_src_gen.pdbx_host_org_vector               PET-28B 
_entity_src_gen.host_org_details                   ? 
_entity_src_gen.expression_system_id               ? 
_entity_src_gen.plasmid_name                       ? 
_entity_src_gen.plasmid_details                    ? 
_entity_src_gen.pdbx_description                   ? 
# 
_struct_ref.id                         1 
_struct_ref.db_name                    UNP 
_struct_ref.db_code                    BEV1A_BETPN 
_struct_ref.entity_id                  1 
_struct_ref.pdbx_seq_one_letter_code   ? 
_struct_ref.pdbx_align_begin           ? 
_struct_ref.pdbx_db_accession          P15494 
_struct_ref.pdbx_db_isoform            ? 
# 
_struct_ref_seq.align_id                      1 
_struct_ref_seq.ref_id                        1 
_struct_ref_seq.pdbx_PDB_id_code              4A81 
_struct_ref_seq.pdbx_strand_id                A 
_struct_ref_seq.seq_align_beg                 1 
_struct_ref_seq.pdbx_seq_align_beg_ins_code   ? 
_struct_ref_seq.seq_align_end                 159 
_struct_ref_seq.pdbx_seq_align_end_ins_code   ? 
_struct_ref_seq.pdbx_db_accession             P15494 
_struct_ref_seq.db_align_beg                  2 
_struct_ref_seq.pdbx_db_align_beg_ins_code    ? 
_struct_ref_seq.db_align_end                  160 
_struct_ref_seq.pdbx_db_align_end_ins_code    ? 
_struct_ref_seq.pdbx_auth_seq_align_beg       1 
_struct_ref_seq.pdbx_auth_seq_align_end       159 
# 
loop_
_chem_comp.id 
_chem_comp.type 
_chem_comp.mon_nstd_flag 
_chem_comp.name 
_chem_comp.pdbx_synonyms 
_chem_comp.formula 
_chem_comp.formula_weight 
2AN non-polymer         . '8-ANILINO-1-NAPHTHALENE SULFONATE'                       ?                  'C16 H13 N O3 S' 299.344 
ALA 'L-peptide linking' y ALANINE                                                   ?                  'C3 H7 N O2'     89.093  
ARG 'L-peptide linking' y ARGININE                                                  ?                  'C6 H15 N4 O2 1' 175.209 
ASN 'L-peptide linking' y ASPARAGINE                                                ?                  'C4 H8 N2 O3'    132.118 
ASP 'L-peptide linking' y 'ASPARTIC ACID'                                           ?                  'C4 H7 N O4'     133.103 
DXC non-polymer         . '(3ALPHA,5BETA,12ALPHA)-3,12-DIHYDROXYCHOLAN-24-OIC ACID' 'DEOXYCHOLIC ACID' 'C24 H40 O4'     392.572 
GLN 'L-peptide linking' y GLUTAMINE                                                 ?                  'C5 H10 N2 O3'   146.144 
GLU 'L-peptide linking' y 'GLUTAMIC ACID'                                           ?                  'C5 H9 N O4'     147.129 
GLY 'peptide linking'   y GLYCINE                                                   ?                  'C2 H5 N O2'     75.067  
HIS 'L-peptide linking' y HISTIDINE                                                 ?                  'C6 H10 N3 O2 1' 156.162 
HOH non-polymer         . WATER                                                     ?                  'H2 O'           18.015  
ILE 'L-peptide linking' y ISOLEUCINE                                                ?                  'C6 H13 N O2'    131.173 
LEU 'L-peptide linking' y LEUCINE                                                   ?                  'C6 H13 N O2'    131.173 
LYS 'L-peptide linking' y LYSINE                                                    ?                  'C6 H15 N2 O2 1' 147.195 
MET 'L-peptide linking' y METHIONINE                                                ?                  'C5 H11 N O2 S'  149.211 
MPD non-polymer         . '(4S)-2-METHYL-2,4-PENTANEDIOL'                           ?                  'C6 H14 O2'      118.174 
NA  non-polymer         . 'SODIUM ION'                                              ?                  'Na 1'           22.990  
PHE 'L-peptide linking' y PHENYLALANINE                                             ?                  'C9 H11 N O2'    165.189 
PRO 'L-peptide linking' y PROLINE                                                   ?                  'C5 H9 N O2'     115.130 
SER 'L-peptide linking' y SERINE                                                    ?                  'C3 H7 N O3'     105.093 
SO4 non-polymer         . 'SULFATE ION'                                             ?                  'O4 S -2'        96.063  
THR 'L-peptide linking' y THREONINE                                                 ?                  'C4 H9 N O3'     119.119 
TYR 'L-peptide linking' y TYROSINE                                                  ?                  'C9 H11 N O3'    181.189 
VAL 'L-peptide linking' y VALINE                                                    ?                  'C5 H11 N O2'    117.146 
# 
_exptl.entry_id          4A81 
_exptl.method            'X-RAY DIFFRACTION' 
_exptl.crystals_number   1 
# 
_exptl_crystal.id                    1 
_exptl_crystal.density_meas          ? 
_exptl_crystal.density_Matthews      1.97 
_exptl_crystal.density_percent_sol   37.49 
_exptl_crystal.description           NONE 
# 
_exptl_crystal_grow.crystal_id      1 
_exptl_crystal_grow.method          ? 
_exptl_crystal_grow.temp            ? 
_exptl_crystal_grow.temp_details    ? 
_exptl_crystal_grow.pH              7 
_exptl_crystal_grow.pdbx_pH_range   ? 
_exptl_crystal_grow.pdbx_details    'pH 7' 
# 
_diffrn.id                     1 
_diffrn.ambient_temp           100 
_diffrn.ambient_temp_details   ? 
_diffrn.crystal_id             1 
# 
_diffrn_detector.diffrn_id              1 
_diffrn_detector.detector               'IMAGE PLATE' 
_diffrn_detector.type                   'MAR scanner 345 mm plate' 
_diffrn_detector.pdbx_collection_date   2011-01-19 
_diffrn_detector.details                MIRRORS 
# 
_diffrn_radiation.diffrn_id                        1 
_diffrn_radiation.wavelength_id                    1 
_diffrn_radiation.pdbx_monochromatic_or_laue_m_l   M 
_diffrn_radiation.monochromator                    MIRRORS 
_diffrn_radiation.pdbx_diffrn_protocol             'SINGLE WAVELENGTH' 
_diffrn_radiation.pdbx_scattering_type             x-ray 
# 
_diffrn_radiation_wavelength.id           1 
_diffrn_radiation_wavelength.wavelength   1.5418 
_diffrn_radiation_wavelength.wt           1.0 
# 
_diffrn_source.diffrn_id                   1 
_diffrn_source.source                      'ROTATING ANODE' 
_diffrn_source.type                        'BRUKER AXS MICROSTAR' 
_diffrn_source.pdbx_synchrotron_site       ? 
_diffrn_source.pdbx_synchrotron_beamline   ? 
_diffrn_source.pdbx_wavelength             1.5418 
_diffrn_source.pdbx_wavelength_list        ? 
# 
_reflns.pdbx_diffrn_id               1 
_reflns.pdbx_ordinal                 1 
_reflns.entry_id                     4A81 
_reflns.observed_criterion_sigma_I   0.0 
_reflns.observed_criterion_sigma_F   ? 
_reflns.d_resolution_low             37.80 
_reflns.d_resolution_high            2.05 
_reflns.number_obs                   7579 
_reflns.number_all                   ? 
_reflns.percent_possible_obs         88.3 
_reflns.pdbx_Rmerge_I_obs            0.05 
_reflns.pdbx_Rsym_value              ? 
_reflns.pdbx_netI_over_sigmaI        13.00 
_reflns.B_iso_Wilson_estimate        ? 
_reflns.pdbx_redundancy              2.6 
# 
_reflns_shell.pdbx_diffrn_id         1 
_reflns_shell.pdbx_ordinal           1 
_reflns_shell.d_res_high             2.05 
_reflns_shell.d_res_low              2.16 
_reflns_shell.percent_possible_all   90.5 
_reflns_shell.Rmerge_I_obs           0.16 
_reflns_shell.pdbx_Rsym_value        ? 
_reflns_shell.meanI_over_sigI_obs    5.90 
_reflns_shell.pdbx_redundancy        2.4 
# 
_refine.pdbx_refine_id                           'X-RAY DIFFRACTION' 
_refine.entry_id                                 4A81 
_refine.pdbx_diffrn_id                           1 
_refine.pdbx_TLS_residual_ADP_flag               ? 
_refine.ls_number_reflns_obs                     7189 
_refine.ls_number_reflns_all                     ? 
_refine.pdbx_ls_sigma_I                          ? 
_refine.pdbx_ls_sigma_F                          . 
_refine.pdbx_data_cutoff_high_absF               ? 
_refine.pdbx_data_cutoff_low_absF                ? 
_refine.pdbx_data_cutoff_high_rms_absF           ? 
_refine.ls_d_res_low                             37.80 
_refine.ls_d_res_high                            2.05 
_refine.ls_percent_reflns_obs                    88.07 
_refine.ls_R_factor_obs                          0.16525 
_refine.ls_R_factor_all                          ? 
_refine.ls_R_factor_R_work                       0.16194 
_refine.ls_R_factor_R_free                       0.23011 
_refine.ls_R_factor_R_free_error                 ? 
_refine.ls_R_factor_R_free_error_details         ? 
_refine.ls_percent_reflns_R_free                 4.8 
_refine.ls_number_reflns_R_free                  366 
_refine.ls_number_parameters                     ? 
_refine.ls_number_restraints                     ? 
_refine.occupancy_min                            ? 
_refine.occupancy_max                            ? 
_refine.correlation_coeff_Fo_to_Fc               0.957 
_refine.correlation_coeff_Fo_to_Fc_free          0.920 
_refine.B_iso_mean                               20.571 
_refine.aniso_B[1][1]                            -0.15 
_refine.aniso_B[2][2]                            1.04 
_refine.aniso_B[3][3]                            -0.88 
_refine.aniso_B[1][2]                            0.00 
_refine.aniso_B[1][3]                            0.06 
_refine.aniso_B[2][3]                            0.00 
_refine.solvent_model_details                    MASK 
_refine.solvent_model_param_ksol                 ? 
_refine.solvent_model_param_bsol                 ? 
_refine.pdbx_solvent_vdw_probe_radii             1.20 
_refine.pdbx_solvent_ion_probe_radii             0.80 
_refine.pdbx_solvent_shrinkage_radii             0.80 
_refine.pdbx_ls_cross_valid_method               THROUGHOUT 
_refine.details                                  
'HYDROGENS HAVE BEEN ADDED IN THE RIDING POSITIONS. U VALUES REFINED INDIVIDUALLY.' 
_refine.pdbx_starting_model                      'PDB ENTRY 4A80' 
_refine.pdbx_method_to_determine_struct          'MOLECULAR REPLACEMENT' 
_refine.pdbx_isotropic_thermal_model             ? 
_refine.pdbx_stereochemistry_target_values       'MAXIMUM LIKELIHOOD' 
_refine.pdbx_stereochem_target_val_spec_case     ? 
_refine.pdbx_R_Free_selection_details            RANDOM 
_refine.pdbx_overall_ESU_R                       0.340 
_refine.pdbx_overall_ESU_R_Free                  0.222 
_refine.overall_SU_ML                            0.136 
_refine.pdbx_overall_phase_error                 ? 
_refine.overall_SU_B                             4.985 
_refine.overall_SU_R_Cruickshank_DPI             ? 
_refine.pdbx_overall_SU_R_free_Cruickshank_DPI   ? 
_refine.pdbx_overall_SU_R_Blow_DPI               ? 
_refine.pdbx_overall_SU_R_free_Blow_DPI          ? 
# 
_refine_hist.pdbx_refine_id                   'X-RAY DIFFRACTION' 
_refine_hist.cycle_id                         LAST 
_refine_hist.pdbx_number_atoms_protein        1226 
_refine_hist.pdbx_number_atoms_nucleic_acid   0 
_refine_hist.pdbx_number_atoms_ligand         63 
_refine_hist.number_atoms_solvent             108 
_refine_hist.number_atoms_total               1397 
_refine_hist.d_res_high                       2.05 
_refine_hist.d_res_low                        37.80 
# 
loop_
_refine_ls_restr.type 
_refine_ls_restr.dev_ideal 
_refine_ls_restr.dev_ideal_target 
_refine_ls_restr.weight 
_refine_ls_restr.number 
_refine_ls_restr.pdbx_refine_id 
_refine_ls_restr.pdbx_restraint_function 
r_bond_refined_d             0.016  0.020  ? 1338 'X-RAY DIFFRACTION' ? 
r_bond_other_d               0.001  0.020  ? 903  'X-RAY DIFFRACTION' ? 
r_angle_refined_deg          1.851  2.027  ? 1823 'X-RAY DIFFRACTION' ? 
r_angle_other_deg            0.927  3.000  ? 2224 'X-RAY DIFFRACTION' ? 
r_dihedral_angle_1_deg       6.235  5.000  ? 162  'X-RAY DIFFRACTION' ? 
r_dihedral_angle_2_deg       37.310 25.789 ? 57   'X-RAY DIFFRACTION' ? 
r_dihedral_angle_3_deg       14.817 15.000 ? 218  'X-RAY DIFFRACTION' ? 
r_dihedral_angle_4_deg       29.126 15.000 ? 3    'X-RAY DIFFRACTION' ? 
r_chiral_restr               0.094  0.200  ? 205  'X-RAY DIFFRACTION' ? 
r_gen_planes_refined         0.007  0.021  ? 1447 'X-RAY DIFFRACTION' ? 
r_gen_planes_other           0.001  0.020  ? 250  'X-RAY DIFFRACTION' ? 
r_nbd_refined                0.244  0.200  ? 372  'X-RAY DIFFRACTION' ? 
r_nbd_other                  0.196  0.200  ? 932  'X-RAY DIFFRACTION' ? 
r_nbtor_refined              0.182  0.200  ? 662  'X-RAY DIFFRACTION' ? 
r_nbtor_other                0.094  0.200  ? 652  'X-RAY DIFFRACTION' ? 
r_xyhbond_nbd_refined        0.198  0.200  ? 50   'X-RAY DIFFRACTION' ? 
r_xyhbond_nbd_other          0.054  0.200  ? 1    'X-RAY DIFFRACTION' ? 
r_metal_ion_refined          0.102  0.200  ? 2    'X-RAY DIFFRACTION' ? 
r_metal_ion_other            ?      ?      ? ?    'X-RAY DIFFRACTION' ? 
r_symmetry_vdw_refined       0.317  0.200  ? 45   'X-RAY DIFFRACTION' ? 
r_symmetry_vdw_other         0.168  0.200  ? 36   'X-RAY DIFFRACTION' ? 
r_symmetry_hbond_refined     0.246  0.200  ? 8    'X-RAY DIFFRACTION' ? 
r_symmetry_hbond_other       ?      ?      ? ?    'X-RAY DIFFRACTION' ? 
r_symmetry_metal_ion_refined ?      ?      ? ?    'X-RAY DIFFRACTION' ? 
r_symmetry_metal_ion_other   ?      ?      ? ?    'X-RAY DIFFRACTION' ? 
r_mcbond_it                  1.135  1.500  ? 792  'X-RAY DIFFRACTION' ? 
r_mcbond_other               ?      ?      ? ?    'X-RAY DIFFRACTION' ? 
r_mcangle_it                 1.997  2.000  ? 1281 'X-RAY DIFFRACTION' ? 
r_mcangle_other              ?      ?      ? ?    'X-RAY DIFFRACTION' ? 
r_scbond_it                  3.085  3.000  ? 523  'X-RAY DIFFRACTION' ? 
r_scbond_other               ?      ?      ? ?    'X-RAY DIFFRACTION' ? 
r_scangle_it                 4.861  4.500  ? 507  'X-RAY DIFFRACTION' ? 
r_scangle_other              ?      ?      ? ?    'X-RAY DIFFRACTION' ? 
r_long_range_B_refined       ?      ?      ? ?    'X-RAY DIFFRACTION' ? 
r_long_range_B_other         ?      ?      ? ?    'X-RAY DIFFRACTION' ? 
r_rigid_bond_restr           ?      ?      ? ?    'X-RAY DIFFRACTION' ? 
r_sphericity_free            ?      ?      ? ?    'X-RAY DIFFRACTION' ? 
r_sphericity_bonded          ?      ?      ? ?    'X-RAY DIFFRACTION' ? 
# 
_refine_ls_shell.pdbx_refine_id                   'X-RAY DIFFRACTION' 
_refine_ls_shell.pdbx_total_number_of_bins_used   20 
_refine_ls_shell.d_res_high                       2.050 
_refine_ls_shell.d_res_low                        2.103 
_refine_ls_shell.number_reflns_R_work             506 
_refine_ls_shell.R_factor_R_work                  0.151 
_refine_ls_shell.percent_reflns_obs               88.32 
_refine_ls_shell.R_factor_R_free                  0.271 
_refine_ls_shell.R_factor_R_free_error            ? 
_refine_ls_shell.percent_reflns_R_free            ? 
_refine_ls_shell.number_reflns_R_free             31 
_refine_ls_shell.number_reflns_all                ? 
_refine_ls_shell.R_factor_all                     ? 
# 
_struct.entry_id                  4A81 
_struct.title                     
;Crystal Structure of Major Birch Pollen Allergen Bet v 1 a in ternary complex with 8-Anilinonaphthalene-1-sulfonate (ANS) and deoxycholic acid
;
_struct.pdbx_model_details        ? 
_struct.pdbx_CASP_flag            ? 
_struct.pdbx_model_type_details   ? 
# 
_struct_keywords.entry_id        4A81 
_struct_keywords.pdbx_keywords   ALLERGEN 
_struct_keywords.text            'ALLERGEN, PR-10 PROTEIN' 
# 
loop_
_struct_asym.id 
_struct_asym.pdbx_blank_PDB_chainid_flag 
_struct_asym.pdbx_modified 
_struct_asym.entity_id 
_struct_asym.details 
A N N 1 ? 
B N N 2 ? 
C N N 3 ? 
D N N 4 ? 
E N N 5 ? 
F N N 6 ? 
G N N 7 ? 
# 
_struct_biol.id   1 
# 
loop_
_struct_conf.conf_type_id 
_struct_conf.id 
_struct_conf.pdbx_PDB_helix_id 
_struct_conf.beg_label_comp_id 
_struct_conf.beg_label_asym_id 
_struct_conf.beg_label_seq_id 
_struct_conf.pdbx_beg_PDB_ins_code 
_struct_conf.end_label_comp_id 
_struct_conf.end_label_asym_id 
_struct_conf.end_label_seq_id 
_struct_conf.pdbx_end_PDB_ins_code 
_struct_conf.beg_auth_comp_id 
_struct_conf.beg_auth_asym_id 
_struct_conf.beg_auth_seq_id 
_struct_conf.end_auth_comp_id 
_struct_conf.end_auth_asym_id 
_struct_conf.end_auth_seq_id 
_struct_conf.pdbx_PDB_helix_class 
_struct_conf.details 
_struct_conf.pdbx_PDB_helix_length 
HELX_P HELX_P1 1 PRO A 14  ? ILE A 23  ? PRO A 14  ILE A 23  1 ? 10 
HELX_P HELX_P2 2 ASP A 25  ? ALA A 34  ? ASP A 25  ALA A 34  1 ? 10 
HELX_P HELX_P3 3 LYS A 129 ? HIS A 154 ? LYS A 129 HIS A 154 1 ? 26 
# 
_struct_conf_type.id          HELX_P 
_struct_conf_type.criteria    ? 
_struct_conf_type.reference   ? 
# 
loop_
_struct_conn.id 
_struct_conn.conn_type_id 
_struct_conn.pdbx_leaving_atom_flag 
_struct_conn.pdbx_PDB_id 
_struct_conn.ptnr1_label_asym_id 
_struct_conn.ptnr1_label_comp_id 
_struct_conn.ptnr1_label_seq_id 
_struct_conn.ptnr1_label_atom_id 
_struct_conn.pdbx_ptnr1_label_alt_id 
_struct_conn.pdbx_ptnr1_PDB_ins_code 
_struct_conn.pdbx_ptnr1_standard_comp_id 
_struct_conn.ptnr1_symmetry 
_struct_conn.ptnr2_label_asym_id 
_struct_conn.ptnr2_label_comp_id 
_struct_conn.ptnr2_label_seq_id 
_struct_conn.ptnr2_label_atom_id 
_struct_conn.pdbx_ptnr2_label_alt_id 
_struct_conn.pdbx_ptnr2_PDB_ins_code 
_struct_conn.ptnr1_auth_asym_id 
_struct_conn.ptnr1_auth_comp_id 
_struct_conn.ptnr1_auth_seq_id 
_struct_conn.ptnr2_auth_asym_id 
_struct_conn.ptnr2_auth_comp_id 
_struct_conn.ptnr2_auth_seq_id 
_struct_conn.ptnr2_symmetry 
_struct_conn.pdbx_ptnr3_label_atom_id 
_struct_conn.pdbx_ptnr3_label_seq_id 
_struct_conn.pdbx_ptnr3_label_comp_id 
_struct_conn.pdbx_ptnr3_label_asym_id 
_struct_conn.pdbx_ptnr3_label_alt_id 
_struct_conn.pdbx_ptnr3_PDB_ins_code 
_struct_conn.details 
_struct_conn.pdbx_dist_value 
_struct_conn.pdbx_value_order 
_struct_conn.pdbx_role 
metalc1 metalc ? ? A TYR 5   OH ? ? ? 1_555 F NA . NA ? ? A TYR 5   A NA 1164 1_555 ? ? ? ? ? ? ? 2.265 ? ? 
metalc2 metalc ? ? A SER 39  O  ? ? ? 1_455 F NA . NA ? ? A SER 39  A NA 1164 1_555 ? ? ? ? ? ? ? 2.922 ? ? 
metalc3 metalc ? ? A VAL 128 O  ? ? ? 1_555 F NA . NA ? ? A VAL 128 A NA 1164 1_555 ? ? ? ? ? ? ? 2.403 ? ? 
# 
_struct_conn_type.id          metalc 
_struct_conn_type.criteria    ? 
_struct_conn_type.reference   ? 
# 
_struct_sheet.id               AA 
_struct_sheet.type             ? 
_struct_sheet.number_strands   7 
_struct_sheet.details          ? 
# 
loop_
_struct_sheet_order.sheet_id 
_struct_sheet_order.range_id_1 
_struct_sheet_order.range_id_2 
_struct_sheet_order.offset 
_struct_sheet_order.sense 
AA 1 2 ? anti-parallel 
AA 2 3 ? anti-parallel 
AA 3 4 ? anti-parallel 
AA 4 5 ? anti-parallel 
AA 5 6 ? anti-parallel 
AA 6 7 ? anti-parallel 
# 
loop_
_struct_sheet_range.sheet_id 
_struct_sheet_range.id 
_struct_sheet_range.beg_label_comp_id 
_struct_sheet_range.beg_label_asym_id 
_struct_sheet_range.beg_label_seq_id 
_struct_sheet_range.pdbx_beg_PDB_ins_code 
_struct_sheet_range.end_label_comp_id 
_struct_sheet_range.end_label_asym_id 
_struct_sheet_range.end_label_seq_id 
_struct_sheet_range.pdbx_end_PDB_ins_code 
_struct_sheet_range.beg_auth_comp_id 
_struct_sheet_range.beg_auth_asym_id 
_struct_sheet_range.beg_auth_seq_id 
_struct_sheet_range.end_auth_comp_id 
_struct_sheet_range.end_auth_asym_id 
_struct_sheet_range.end_auth_seq_id 
AA 1 VAL A 2   ? SER A 11  ? VAL A 2   SER A 11  
AA 2 SER A 112 ? HIS A 121 ? SER A 112 HIS A 121 
AA 3 LYS A 97  ? ALA A 106 ? LYS A 97  ALA A 106 
AA 4 LYS A 80  ? GLY A 88  ? LYS A 80  GLY A 88  
AA 5 TYR A 66  ? ASP A 75  ? TYR A 66  ASP A 75  
AA 6 ILE A 53  ? SER A 57  ? ILE A 53  SER A 57  
AA 7 SER A 40  ? GLU A 45  ? SER A 40  GLU A 45  
# 
loop_
_pdbx_struct_sheet_hbond.sheet_id 
_pdbx_struct_sheet_hbond.range_id_1 
_pdbx_struct_sheet_hbond.range_id_2 
_pdbx_struct_sheet_hbond.range_1_label_atom_id 
_pdbx_struct_sheet_hbond.range_1_label_comp_id 
_pdbx_struct_sheet_hbond.range_1_label_asym_id 
_pdbx_struct_sheet_hbond.range_1_label_seq_id 
_pdbx_struct_sheet_hbond.range_1_PDB_ins_code 
_pdbx_struct_sheet_hbond.range_1_auth_atom_id 
_pdbx_struct_sheet_hbond.range_1_auth_comp_id 
_pdbx_struct_sheet_hbond.range_1_auth_asym_id 
_pdbx_struct_sheet_hbond.range_1_auth_seq_id 
_pdbx_struct_sheet_hbond.range_2_label_atom_id 
_pdbx_struct_sheet_hbond.range_2_label_comp_id 
_pdbx_struct_sheet_hbond.range_2_label_asym_id 
_pdbx_struct_sheet_hbond.range_2_label_seq_id 
_pdbx_struct_sheet_hbond.range_2_PDB_ins_code 
_pdbx_struct_sheet_hbond.range_2_auth_atom_id 
_pdbx_struct_sheet_hbond.range_2_auth_comp_id 
_pdbx_struct_sheet_hbond.range_2_auth_asym_id 
_pdbx_struct_sheet_hbond.range_2_auth_seq_id 
AA 1 2 N SER A 11  ? N SER A 11  O SER A 112 ? O SER A 112 
AA 2 3 N HIS A 121 ? N HIS A 121 O LYS A 97  ? O LYS A 97  
AA 3 4 N ILE A 102 ? N ILE A 102 O TYR A 81  ? O TYR A 81  
AA 4 5 N ILE A 86  ? N ILE A 86  O LYS A 68  ? O LYS A 68  
AA 5 6 N ASP A 69  ? N ASP A 69  O LYS A 54  ? O LYS A 54  
AA 6 7 N SER A 57  ? N SER A 57  O SER A 40  ? O SER A 40  
# 
loop_
_struct_site.id 
_struct_site.pdbx_evidence_code 
_struct_site.pdbx_auth_asym_id 
_struct_site.pdbx_auth_comp_id 
_struct_site.pdbx_auth_seq_id 
_struct_site.pdbx_auth_ins_code 
_struct_site.pdbx_num_residues 
_struct_site.details 
AC1 Software A SO4 1160 ? 2  'BINDING SITE FOR RESIDUE SO4 A 1160' 
AC2 Software A DXC 1161 ? 18 'BINDING SITE FOR RESIDUE DXC A 1161' 
AC3 Software A 2AN 1162 ? 13 'BINDING SITE FOR RESIDUE 2AN A 1162' 
AC4 Software A MPD 1163 ? 9  'BINDING SITE FOR RESIDUE MPD A 1163' 
AC5 Software A NA  1164 ? 4  'BINDING SITE FOR RESIDUE NA A 1164'  
# 
loop_
_struct_site_gen.id 
_struct_site_gen.site_id 
_struct_site_gen.pdbx_num_res 
_struct_site_gen.label_comp_id 
_struct_site_gen.label_asym_id 
_struct_site_gen.label_seq_id 
_struct_site_gen.pdbx_auth_ins_code 
_struct_site_gen.auth_comp_id 
_struct_site_gen.auth_asym_id 
_struct_site_gen.auth_seq_id 
_struct_site_gen.label_atom_id 
_struct_site_gen.label_alt_id 
_struct_site_gen.symmetry 
_struct_site_gen.details 
1  AC1 2  LYS A 134 ? LYS A 134  . ? 1_555 ? 
2  AC1 2  GLU A 138 ? GLU A 138  . ? 1_555 ? 
3  AC2 18 PHE A 22  ? PHE A 22   . ? 1_555 ? 
4  AC2 18 ILE A 23  ? ILE A 23   . ? 1_555 ? 
5  AC2 18 GLY A 26  ? GLY A 26   . ? 1_555 ? 
6  AC2 18 ASP A 27  ? ASP A 27   . ? 1_555 ? 
7  AC2 18 LYS A 54  ? LYS A 54   . ? 1_555 ? 
8  AC2 18 ILE A 56  ? ILE A 56   . ? 1_555 ? 
9  AC2 18 VAL A 67  ? VAL A 67   . ? 1_555 ? 
10 AC2 18 ASP A 69  ? ASP A 69   . ? 1_555 ? 
11 AC2 18 TYR A 81  ? TYR A 81   . ? 1_555 ? 
12 AC2 18 TYR A 83  ? TYR A 83   . ? 1_555 ? 
13 AC2 18 ASN A 100 ? ASN A 100  . ? 1_555 ? 
14 AC2 18 ASN A 118 ? ASN A 118  . ? 1_555 ? 
15 AC2 18 SER A 136 ? SER A 136  . ? 1_555 ? 
16 AC2 18 MET A 139 ? MET A 139  . ? 1_555 ? 
17 AC2 18 2AN D .   ? 2AN A 1162 . ? 1_555 ? 
18 AC2 18 MPD E .   ? MPD A 1163 . ? 1_555 ? 
19 AC2 18 HOH G .   ? HOH A 2057 . ? 1_555 ? 
20 AC2 18 HOH G .   ? HOH A 2090 . ? 1_555 ? 
21 AC3 13 THR A 7   ? THR A 7    . ? 1_555 ? 
22 AC3 13 THR A 9   ? THR A 9    . ? 1_555 ? 
23 AC3 13 PHE A 22  ? PHE A 22   . ? 1_555 ? 
24 AC3 13 TYR A 83  ? TYR A 83   . ? 1_555 ? 
25 AC3 13 ILE A 102 ? ILE A 102  . ? 1_555 ? 
26 AC3 13 ILE A 116 ? ILE A 116  . ? 1_555 ? 
27 AC3 13 ASN A 118 ? ASN A 118  . ? 1_555 ? 
28 AC3 13 VAL A 133 ? VAL A 133  . ? 1_555 ? 
29 AC3 13 SER A 136 ? SER A 136  . ? 1_555 ? 
30 AC3 13 LYS A 137 ? LYS A 137  . ? 1_555 ? 
31 AC3 13 GLY A 140 ? GLY A 140  . ? 1_555 ? 
32 AC3 13 GLU A 141 ? GLU A 141  . ? 1_555 ? 
33 AC3 13 DXC C .   ? DXC A 1161 . ? 1_555 ? 
34 AC4 9  PHE A 58  ? PHE A 58   . ? 1_555 ? 
35 AC4 9  PHE A 64  ? PHE A 64   . ? 1_555 ? 
36 AC4 9  PRO A 90  ? PRO A 90   . ? 1_555 ? 
37 AC4 9  ILE A 98  ? ILE A 98   . ? 1_555 ? 
38 AC4 9  GLN A 132 ? GLN A 132  . ? 1_555 ? 
39 AC4 9  SER A 136 ? SER A 136  . ? 1_555 ? 
40 AC4 9  MET A 139 ? MET A 139  . ? 1_555 ? 
41 AC4 9  DXC C .   ? DXC A 1161 . ? 1_555 ? 
42 AC4 9  HOH G .   ? HOH A 2090 . ? 1_555 ? 
43 AC5 4  TYR A 5   ? TYR A 5    . ? 1_555 ? 
44 AC5 4  SER A 39  ? SER A 39   . ? 1_455 ? 
45 AC5 4  SER A 40  ? SER A 40   . ? 1_455 ? 
46 AC5 4  VAL A 128 ? VAL A 128  . ? 1_555 ? 
# 
_atom_sites.entry_id                    4A81 
_atom_sites.fract_transf_matrix[1][1]   0.00461283 
_atom_sites.fract_transf_matrix[1][2]   0.00677392 
_atom_sites.fract_transf_matrix[1][3]   -0.02960481 
_atom_sites.fract_transf_matrix[2][1]   0.01686547 
_atom_sites.fract_transf_matrix[2][2]   -0.00590538 
_atom_sites.fract_transf_matrix[2][3]   0.00127665 
_atom_sites.fract_transf_matrix[3][1]   -0.00776731 
_atom_sites.fract_transf_matrix[3][2]   -0.02394381 
_atom_sites.fract_transf_matrix[3][3]   -0.00814466 
_atom_sites.fract_transf_vector[1]      0.324341 
_atom_sites.fract_transf_vector[2]      0.006488 
_atom_sites.fract_transf_vector[3]      0.277665 
# 
loop_
_atom_type.symbol 
C  
N  
NA 
O  
S  
# 
loop_
_atom_site.group_PDB 
_atom_site.id 
_atom_site.type_symbol 
_atom_site.label_atom_id 
_atom_site.label_alt_id 
_atom_site.label_comp_id 
_atom_site.label_asym_id 
_atom_site.label_entity_id 
_atom_site.label_seq_id 
_atom_site.pdbx_PDB_ins_code 
_atom_site.Cartn_x 
_atom_site.Cartn_y 
_atom_site.Cartn_z 
_atom_site.occupancy 
_atom_site.B_iso_or_equiv 
_atom_site.pdbx_formal_charge 
_atom_site.auth_seq_id 
_atom_site.auth_comp_id 
_atom_site.auth_asym_id 
_atom_site.auth_atom_id 
_atom_site.pdbx_PDB_model_num 
ATOM   1    N  N   . GLY A 1 1   ? -15.296 -10.013 12.407  1.00 13.87 ? 1    GLY A N   1 
ATOM   2    C  CA  . GLY A 1 1   ? -14.820 -9.051  13.448  1.00 14.29 ? 1    GLY A CA  1 
ATOM   3    C  C   . GLY A 1 1   ? -13.606 -8.424  12.815  1.00 14.28 ? 1    GLY A C   1 
ATOM   4    O  O   . GLY A 1 1   ? -13.275 -8.765  11.681  1.00 15.86 ? 1    GLY A O   1 
ATOM   5    N  N   . VAL A 1 2   ? -12.946 -7.540  13.518  1.00 13.52 ? 2    VAL A N   1 
ATOM   6    C  CA  . VAL A 1 2   ? -11.763 -6.904  13.014  1.00 12.74 ? 2    VAL A CA  1 
ATOM   7    C  C   . VAL A 1 2   ? -10.529 -7.278  13.831  1.00 13.86 ? 2    VAL A C   1 
ATOM   8    O  O   . VAL A 1 2   ? -10.550 -7.218  15.066  1.00 12.17 ? 2    VAL A O   1 
ATOM   9    C  CB  . VAL A 1 2   ? -11.926 -5.407  13.041  1.00 13.66 ? 2    VAL A CB  1 
ATOM   10   C  CG1 . VAL A 1 2   ? -10.682 -4.764  12.421  1.00 13.86 ? 2    VAL A CG1 1 
ATOM   11   C  CG2 . VAL A 1 2   ? -13.163 -5.013  12.251  1.00 13.64 ? 2    VAL A CG2 1 
ATOM   12   N  N   . PHE A 1 3   ? -9.461  -7.613  13.119  1.00 14.86 ? 3    PHE A N   1 
ATOM   13   C  CA  . PHE A 1 3   ? -8.080  -7.686  13.638  1.00 16.67 ? 3    PHE A CA  1 
ATOM   14   C  C   . PHE A 1 3   ? -7.321  -6.466  13.157  1.00 18.94 ? 3    PHE A C   1 
ATOM   15   O  O   . PHE A 1 3   ? -7.270  -6.205  11.919  1.00 17.01 ? 3    PHE A O   1 
ATOM   16   C  CB  . PHE A 1 3   ? -7.339  -8.920  13.098  1.00 16.43 ? 3    PHE A CB  1 
ATOM   17   C  CG  . PHE A 1 3   ? -8.032  -10.211 13.378  1.00 16.92 ? 3    PHE A CG  1 
ATOM   18   C  CD1 . PHE A 1 3   ? -9.107  -10.646 12.568  1.00 18.48 ? 3    PHE A CD1 1 
ATOM   19   C  CD2 . PHE A 1 3   ? -7.642  -11.006 14.453  1.00 16.68 ? 3    PHE A CD2 1 
ATOM   20   C  CE1 . PHE A 1 3   ? -9.755  -11.855 12.833  1.00 18.20 ? 3    PHE A CE1 1 
ATOM   21   C  CE2 . PHE A 1 3   ? -8.293  -12.191 14.725  1.00 18.31 ? 3    PHE A CE2 1 
ATOM   22   C  CZ  . PHE A 1 3   ? -9.356  -12.626 13.926  1.00 18.67 ? 3    PHE A CZ  1 
ATOM   23   N  N   . ASN A 1 4   ? -6.747  -5.738  14.130  1.00 21.51 ? 4    ASN A N   1 
ATOM   24   C  CA  A ASN A 1 4   ? -5.948  -4.525  13.849  0.50 22.04 ? 4    ASN A CA  1 
ATOM   25   C  CA  B ASN A 1 4   ? -5.956  -4.516  13.914  0.50 23.14 ? 4    ASN A CA  1 
ATOM   26   C  C   . ASN A 1 4   ? -4.468  -4.764  14.073  1.00 23.35 ? 4    ASN A C   1 
ATOM   27   O  O   . ASN A 1 4   ? -4.038  -5.267  15.141  1.00 21.26 ? 4    ASN A O   1 
ATOM   28   C  CB  A ASN A 1 4   ? -6.385  -3.300  14.664  0.50 21.55 ? 4    ASN A CB  1 
ATOM   29   C  CB  B ASN A 1 4   ? -6.337  -3.446  14.932  0.50 24.40 ? 4    ASN A CB  1 
ATOM   30   C  CG  A ASN A 1 4   ? -5.603  -2.037  14.301  0.50 20.89 ? 4    ASN A CG  1 
ATOM   31   C  CG  B ASN A 1 4   ? -7.808  -3.104  14.898  0.50 25.14 ? 4    ASN A CG  1 
ATOM   32   O  OD1 A ASN A 1 4   ? -5.696  -1.531  13.188  0.50 19.75 ? 4    ASN A OD1 1 
ATOM   33   O  OD1 B ASN A 1 4   ? -8.192  -2.147  14.260  0.50 28.52 ? 4    ASN A OD1 1 
ATOM   34   N  ND2 A ASN A 1 4   ? -4.850  -1.507  15.260  0.50 19.93 ? 4    ASN A ND2 1 
ATOM   35   N  ND2 B ASN A 1 4   ? -8.636  -3.893  15.573  0.50 25.09 ? 4    ASN A ND2 1 
ATOM   36   N  N   . TYR A 1 5   ? -3.703  -4.401  13.037  1.00 22.89 ? 5    TYR A N   1 
ATOM   37   C  CA  . TYR A 1 5   ? -2.242  -4.485  13.073  1.00 26.61 ? 5    TYR A CA  1 
ATOM   38   C  C   . TYR A 1 5   ? -1.673  -3.109  12.730  1.00 29.82 ? 5    TYR A C   1 
ATOM   39   O  O   . TYR A 1 5   ? -2.087  -2.470  11.769  1.00 29.23 ? 5    TYR A O   1 
ATOM   40   C  CB  . TYR A 1 5   ? -1.705  -5.540  12.120  1.00 25.84 ? 5    TYR A CB  1 
ATOM   41   C  CG  . TYR A 1 5   ? -2.229  -6.912  12.428  1.00 28.32 ? 5    TYR A CG  1 
ATOM   42   C  CD1 . TYR A 1 5   ? -1.618  -7.708  13.388  1.00 27.48 ? 5    TYR A CD1 1 
ATOM   43   C  CD2 . TYR A 1 5   ? -3.362  -7.422  11.783  1.00 29.67 ? 5    TYR A CD2 1 
ATOM   44   C  CE1 . TYR A 1 5   ? -2.113  -8.963  13.705  1.00 30.44 ? 5    TYR A CE1 1 
ATOM   45   C  CE2 . TYR A 1 5   ? -3.859  -8.684  12.089  1.00 30.28 ? 5    TYR A CE2 1 
ATOM   46   C  CZ  . TYR A 1 5   ? -3.232  -9.451  13.049  1.00 30.98 ? 5    TYR A CZ  1 
ATOM   47   O  OH  . TYR A 1 5   ? -3.715  -10.716 13.371  1.00 34.36 ? 5    TYR A OH  1 
ATOM   48   N  N   . GLU A 1 6   ? -0.722  -2.668  13.542  1.00 30.55 ? 6    GLU A N   1 
ATOM   49   C  CA  . GLU A 1 6   ? 0.019   -1.439  13.317  1.00 31.42 ? 6    GLU A CA  1 
ATOM   50   C  C   . GLU A 1 6   ? 1.517   -1.703  13.182  1.00 30.65 ? 6    GLU A C   1 
ATOM   51   O  O   . GLU A 1 6   ? 2.086   -2.637  13.770  1.00 28.14 ? 6    GLU A O   1 
ATOM   52   C  CB  . GLU A 1 6   ? -0.205  -0.491  14.467  1.00 33.89 ? 6    GLU A CB  1 
ATOM   53   C  CG  . GLU A 1 6   ? -1.643  0.002   14.594  1.00 38.46 ? 6    GLU A CG  1 
ATOM   54   C  CD  . GLU A 1 6   ? -2.109  0.167   16.047  1.00 44.49 ? 6    GLU A CD  1 
ATOM   55   O  OE1 . GLU A 1 6   ? -1.268  0.417   16.952  1.00 50.13 ? 6    GLU A OE1 1 
ATOM   56   O  OE2 . GLU A 1 6   ? -3.333  0.028   16.298  1.00 49.16 ? 6    GLU A OE2 1 
ATOM   57   N  N   . THR A 1 7   ? 2.152   -0.910  12.345  1.00 27.53 ? 7    THR A N   1 
ATOM   58   C  CA  . THR A 1 7   ? 3.595   -0.822  12.379  1.00 28.10 ? 7    THR A CA  1 
ATOM   59   C  C   . THR A 1 7   ? 4.053   0.540   11.944  1.00 26.50 ? 7    THR A C   1 
ATOM   60   O  O   . THR A 1 7   ? 3.271   1.345   11.408  1.00 19.49 ? 7    THR A O   1 
ATOM   61   C  CB  . THR A 1 7   ? 4.280   -1.839  11.460  1.00 31.79 ? 7    THR A CB  1 
ATOM   62   O  OG1 . THR A 1 7   ? 5.715   -1.624  11.526  1.00 35.02 ? 7    THR A OG1 1 
ATOM   63   C  CG2 . THR A 1 7   ? 3.778   -1.712  10.001  1.00 26.93 ? 7    THR A CG2 1 
ATOM   64   N  N   . GLU A 1 8   ? 5.349   0.763   12.168  1.00 27.80 ? 8    GLU A N   1 
ATOM   65   C  CA  . GLU A 1 8   ? 6.065   1.950   11.690  1.00 27.89 ? 8    GLU A CA  1 
ATOM   66   C  C   . GLU A 1 8   ? 7.289   1.500   10.966  1.00 25.31 ? 8    GLU A C   1 
ATOM   67   O  O   . GLU A 1 8   ? 7.929   0.494   11.308  1.00 25.60 ? 8    GLU A O   1 
ATOM   68   C  CB  . GLU A 1 8   ? 6.567   2.841   12.822  1.00 29.31 ? 8    GLU A CB  1 
ATOM   69   C  CG  . GLU A 1 8   ? 5.500   3.628   13.530  1.00 32.05 ? 8    GLU A CG  1 
ATOM   70   C  CD  . GLU A 1 8   ? 6.098   4.625   14.510  1.00 36.31 ? 8    GLU A CD  1 
ATOM   71   O  OE1 . GLU A 1 8   ? 7.338   4.839   14.492  1.00 41.39 ? 8    GLU A OE1 1 
ATOM   72   O  OE2 . GLU A 1 8   ? 5.318   5.211   15.292  1.00 44.95 ? 8    GLU A OE2 1 
ATOM   73   N  N   . THR A 1 9   ? 7.633   2.266   9.968   1.00 23.99 ? 9    THR A N   1 
ATOM   74   C  CA  . THR A 1 9   ? 8.884   2.036   9.312   1.00 25.15 ? 9    THR A CA  1 
ATOM   75   C  C   . THR A 1 9   ? 9.383   3.386   8.883   1.00 25.18 ? 9    THR A C   1 
ATOM   76   O  O   . THR A 1 9   ? 8.587   4.360   8.745   1.00 26.27 ? 9    THR A O   1 
ATOM   77   C  CB  . THR A 1 9   ? 8.735   1.041   8.164   1.00 26.24 ? 9    THR A CB  1 
ATOM   78   O  OG1 . THR A 1 9   ? 10.013  0.813   7.559   1.00 31.67 ? 9    THR A OG1 1 
ATOM   79   C  CG2 . THR A 1 9   ? 7.739   1.526   7.127   1.00 26.28 ? 9    THR A CG2 1 
ATOM   80   N  N   . THR A 1 10  ? 10.698  3.479   8.711   1.00 22.93 ? 10   THR A N   1 
ATOM   81   C  CA  . THR A 1 10  ? 11.286  4.750   8.402   1.00 22.54 ? 10   THR A CA  1 
ATOM   82   C  C   . THR A 1 10  ? 11.701  4.820   6.922   1.00 20.98 ? 10   THR A C   1 
ATOM   83   O  O   . THR A 1 10  ? 11.868  3.807   6.230   1.00 17.25 ? 10   THR A O   1 
ATOM   84   C  CB  . THR A 1 10  ? 12.406  5.127   9.393   1.00 24.49 ? 10   THR A CB  1 
ATOM   85   O  OG1 . THR A 1 10  ? 13.628  4.564   8.993   1.00 27.04 ? 10   THR A OG1 1 
ATOM   86   C  CG2 . THR A 1 10  ? 12.079  4.662   10.794  1.00 24.19 ? 10   THR A CG2 1 
ATOM   87   N  N   . SER A 1 11  ? 11.743  6.044   6.430   1.00 18.49 ? 11   SER A N   1 
ATOM   88   C  CA  . SER A 1 11  ? 12.254  6.302   5.112   1.00 19.03 ? 11   SER A CA  1 
ATOM   89   C  C   . SER A 1 11  ? 13.238  7.455   5.124   1.00 17.40 ? 11   SER A C   1 
ATOM   90   O  O   . SER A 1 11  ? 13.202  8.315   6.020   1.00 16.79 ? 11   SER A O   1 
ATOM   91   C  CB  . SER A 1 11  ? 11.133  6.558   4.098   1.00 18.21 ? 11   SER A CB  1 
ATOM   92   O  OG  . SER A 1 11  ? 11.693  7.041   2.869   1.00 17.49 ? 11   SER A OG  1 
ATOM   93   N  N   . VAL A 1 12  ? 14.134  7.441   4.143   1.00 16.73 ? 12   VAL A N   1 
ATOM   94   C  CA  . VAL A 1 12  ? 15.195  8.440   4.028   1.00 17.12 ? 12   VAL A CA  1 
ATOM   95   C  C   . VAL A 1 12  ? 14.695  9.594   3.141   1.00 16.53 ? 12   VAL A C   1 
ATOM   96   O  O   . VAL A 1 12  ? 15.376  10.581  2.977   1.00 18.78 ? 12   VAL A O   1 
ATOM   97   C  CB  . VAL A 1 12  ? 16.513  7.842   3.416   1.00 18.60 ? 12   VAL A CB  1 
ATOM   98   C  CG1 . VAL A 1 12  ? 17.297  6.952   4.421   1.00 18.82 ? 12   VAL A CG1 1 
ATOM   99   C  CG2 . VAL A 1 12  ? 16.224  7.076   2.135   1.00 17.15 ? 12   VAL A CG2 1 
ATOM   100  N  N   . ILE A 1 13  ? 13.494  9.464   2.592   1.00 16.07 ? 13   ILE A N   1 
ATOM   101  C  CA  . ILE A 1 13  ? 12.896  10.444  1.701   1.00 14.69 ? 13   ILE A CA  1 
ATOM   102  C  C   . ILE A 1 13  ? 11.950  11.324  2.495   1.00 14.52 ? 13   ILE A C   1 
ATOM   103  O  O   . ILE A 1 13  ? 11.159  10.827  3.327   1.00 14.48 ? 13   ILE A O   1 
ATOM   104  C  CB  . ILE A 1 13  ? 12.089  9.751   0.576   1.00 14.53 ? 13   ILE A CB  1 
ATOM   105  C  CG1 . ILE A 1 13  ? 12.989  8.844   -0.266  1.00 13.75 ? 13   ILE A CG1 1 
ATOM   106  C  CG2 . ILE A 1 13  ? 11.418  10.751  -0.344  1.00 14.39 ? 13   ILE A CG2 1 
ATOM   107  C  CD1 . ILE A 1 13  ? 14.128  9.519   -0.965  1.00 13.65 ? 13   ILE A CD1 1 
ATOM   108  N  N   . PRO A 1 14  ? 12.034  12.650  2.286   1.00 14.28 ? 14   PRO A N   1 
ATOM   109  C  CA  . PRO A 1 14  ? 11.078  13.565  2.954   1.00 13.15 ? 14   PRO A CA  1 
ATOM   110  C  C   . PRO A 1 14  ? 9.633   13.221  2.685   1.00 13.38 ? 14   PRO A C   1 
ATOM   111  O  O   . PRO A 1 14  ? 9.310   12.696  1.601   1.00 13.19 ? 14   PRO A O   1 
ATOM   112  C  CB  . PRO A 1 14  ? 11.392  14.925  2.331   1.00 13.86 ? 14   PRO A CB  1 
ATOM   113  C  CG  . PRO A 1 14  ? 12.796  14.831  1.813   1.00 13.96 ? 14   PRO A CG  1 
ATOM   114  C  CD  . PRO A 1 14  ? 13.124  13.377  1.605   1.00 14.07 ? 14   PRO A CD  1 
ATOM   115  N  N   . ALA A 1 15  ? 8.763   13.603  3.617   1.00 12.46 ? 15   ALA A N   1 
ATOM   116  C  CA  . ALA A 1 15  ? 7.412   13.124  3.643   1.00 13.21 ? 15   ALA A CA  1 
ATOM   117  C  C   . ALA A 1 15  ? 6.572   13.562  2.422   1.00 14.57 ? 15   ALA A C   1 
ATOM   118  O  O   . ALA A 1 15  ? 5.885   12.741  1.792   1.00 14.50 ? 15   ALA A O   1 
ATOM   119  C  CB  . ALA A 1 15  ? 6.752   13.536  4.955   1.00 13.24 ? 15   ALA A CB  1 
ATOM   120  N  N   . ALA A 1 16  ? 6.643   14.841  2.074   1.00 15.41 ? 16   ALA A N   1 
ATOM   121  C  CA  . ALA A 1 16  ? 5.904   15.346  0.927   1.00 14.26 ? 16   ALA A CA  1 
ATOM   122  C  C   . ALA A 1 16  ? 6.289   14.652  -0.375  1.00 14.29 ? 16   ALA A C   1 
ATOM   123  O  O   . ALA A 1 16  ? 5.428   14.225  -1.118  1.00 13.35 ? 16   ALA A O   1 
ATOM   124  C  CB  . ALA A 1 16  ? 6.110   16.826  0.810   1.00 14.62 ? 16   ALA A CB  1 
ATOM   125  N  N   . ARG A 1 17  ? 7.587   14.519  -0.631  1.00 13.77 ? 17   ARG A N   1 
ATOM   126  C  CA  . ARG A 1 17  ? 8.047   13.929  -1.836  1.00 13.06 ? 17   ARG A CA  1 
ATOM   127  C  C   . ARG A 1 17  ? 7.695   12.443  -1.902  1.00 13.53 ? 17   ARG A C   1 
ATOM   128  O  O   . ARG A 1 17  ? 7.208   11.982  -2.951  1.00 13.10 ? 17   ARG A O   1 
ATOM   129  C  CB  . ARG A 1 17  ? 9.537   14.132  -1.967  1.00 13.52 ? 17   ARG A CB  1 
ATOM   130  C  CG  . ARG A 1 17  ? 10.102  13.479  -3.226  1.00 13.98 ? 17   ARG A CG  1 
ATOM   131  C  CD  . ARG A 1 17  ? 11.516  13.956  -3.477  1.00 14.26 ? 17   ARG A CD  1 
ATOM   132  N  NE  . ARG A 1 17  ? 11.961  13.493  -4.782  1.00 14.34 ? 17   ARG A NE  1 
ATOM   133  C  CZ  . ARG A 1 17  ? 13.036  12.754  -5.001  1.00 14.61 ? 17   ARG A CZ  1 
ATOM   134  N  NH1 . ARG A 1 17  ? 13.833  12.375  -3.991  1.00 14.20 ? 17   ARG A NH1 1 
ATOM   135  N  NH2 . ARG A 1 17  ? 13.335  12.405  -6.249  1.00 14.53 ? 17   ARG A NH2 1 
ATOM   136  N  N   . LEU A 1 18  ? 7.897   11.705  -0.803  1.00 13.31 ? 18   LEU A N   1 
ATOM   137  C  CA  . LEU A 1 18  ? 7.462   10.287  -0.704  1.00 14.26 ? 18   LEU A CA  1 
ATOM   138  C  C   . LEU A 1 18  ? 5.965   10.128  -0.914  1.00 14.43 ? 18   LEU A C   1 
ATOM   139  O  O   . LEU A 1 18  ? 5.558   9.205   -1.570  1.00 15.54 ? 18   LEU A O   1 
ATOM   140  C  CB  . LEU A 1 18  ? 7.791   9.687   0.681   1.00 14.14 ? 18   LEU A CB  1 
ATOM   141  C  CG  . LEU A 1 18  ? 7.687   8.169   0.872   1.00 14.15 ? 18   LEU A CG  1 
ATOM   142  C  CD1 . LEU A 1 18  ? 8.399   7.377   -0.227  1.00 13.32 ? 18   LEU A CD1 1 
ATOM   143  C  CD2 . LEU A 1 18  ? 8.249   7.746   2.229   1.00 13.99 ? 18   LEU A CD2 1 
ATOM   144  N  N   . PHE A 1 19  ? 5.152   11.008  -0.323  1.00 15.59 ? 19   PHE A N   1 
ATOM   145  C  CA  . PHE A 1 19  ? 3.701   10.955  -0.501  1.00 15.46 ? 19   PHE A CA  1 
ATOM   146  C  C   . PHE A 1 19  ? 3.338   11.119  -1.995  1.00 16.85 ? 19   PHE A C   1 
ATOM   147  O  O   . PHE A 1 19  ? 2.493   10.360  -2.525  1.00 16.25 ? 19   PHE A O   1 
ATOM   148  C  CB  . PHE A 1 19  ? 3.012   12.012  0.352   1.00 16.21 ? 19   PHE A CB  1 
ATOM   149  C  CG  . PHE A 1 19  ? 1.494   11.822  0.459   1.00 17.56 ? 19   PHE A CG  1 
ATOM   150  C  CD1 . PHE A 1 19  ? 0.955   10.831  1.283   1.00 18.44 ? 19   PHE A CD1 1 
ATOM   151  C  CD2 . PHE A 1 19  ? 0.645   12.599  -0.253  1.00 17.94 ? 19   PHE A CD2 1 
ATOM   152  C  CE1 . PHE A 1 19  ? -0.417  10.630  1.366   1.00 18.63 ? 19   PHE A CE1 1 
ATOM   153  C  CE2 . PHE A 1 19  ? -0.726  12.405  -0.175  1.00 18.76 ? 19   PHE A CE2 1 
ATOM   154  C  CZ  . PHE A 1 19  ? -1.249  11.416  0.638   1.00 17.78 ? 19   PHE A CZ  1 
ATOM   155  N  N   . LYS A 1 20  ? 3.975   12.075  -2.672  1.00 16.07 ? 20   LYS A N   1 
ATOM   156  C  CA  . LYS A 1 20  ? 3.716   12.301  -4.110  1.00 18.61 ? 20   LYS A CA  1 
ATOM   157  C  C   . LYS A 1 20  ? 4.082   11.101  -4.965  1.00 17.17 ? 20   LYS A C   1 
ATOM   158  O  O   . LYS A 1 20  ? 3.301   10.692  -5.852  1.00 16.45 ? 20   LYS A O   1 
ATOM   159  C  CB  . LYS A 1 20  ? 4.485   13.530  -4.619  1.00 19.59 ? 20   LYS A CB  1 
ATOM   160  C  CG  . LYS A 1 20  ? 3.981   14.097  -5.927  1.00 21.94 ? 20   LYS A CG  1 
ATOM   161  C  CD  . LYS A 1 20  ? 4.616   15.452  -6.242  1.00 25.25 ? 20   LYS A CD  1 
ATOM   162  C  CE  . LYS A 1 20  ? 3.835   16.233  -7.336  1.00 28.17 ? 20   LYS A CE  1 
ATOM   163  N  NZ  . LYS A 1 20  ? 4.736   17.125  -8.160  1.00 29.51 ? 20   LYS A NZ  1 
ATOM   164  N  N   . ALA A 1 21  ? 5.242   10.507  -4.646  1.00 16.63 ? 21   ALA A N   1 
ATOM   165  C  CA  . ALA A 1 21  ? 5.823   9.412   -5.412  1.00 18.10 ? 21   ALA A CA  1 
ATOM   166  C  C   . ALA A 1 21  ? 5.148   8.099   -5.049  1.00 18.95 ? 21   ALA A C   1 
ATOM   167  O  O   . ALA A 1 21  ? 4.451   7.498   -5.876  1.00 19.74 ? 21   ALA A O   1 
ATOM   168  C  CB  . ALA A 1 21  ? 7.333   9.317   -5.140  1.00 15.65 ? 21   ALA A CB  1 
ATOM   169  N  N   . PHE A 1 22  ? 5.352   7.681   -3.798  1.00 19.25 ? 22   PHE A N   1 
ATOM   170  C  CA  . PHE A 1 22  ? 4.909   6.373   -3.325  1.00 20.15 ? 22   PHE A CA  1 
ATOM   171  C  C   . PHE A 1 22  ? 3.380   6.204   -3.338  1.00 21.25 ? 22   PHE A C   1 
ATOM   172  O  O   . PHE A 1 22  ? 2.890   5.105   -3.696  1.00 17.49 ? 22   PHE A O   1 
ATOM   173  C  CB  . PHE A 1 22  ? 5.495   6.079   -1.930  1.00 22.03 ? 22   PHE A CB  1 
ATOM   174  C  CG  . PHE A 1 22  ? 5.178   4.723   -1.418  1.00 21.77 ? 22   PHE A CG  1 
ATOM   175  C  CD1 . PHE A 1 22  ? 4.019   4.499   -0.720  1.00 24.61 ? 22   PHE A CD1 1 
ATOM   176  C  CD2 . PHE A 1 22  ? 6.010   3.681   -1.651  1.00 21.58 ? 22   PHE A CD2 1 
ATOM   177  C  CE1 . PHE A 1 22  ? 3.707   3.230   -0.253  1.00 25.63 ? 22   PHE A CE1 1 
ATOM   178  C  CE2 . PHE A 1 22  ? 5.701   2.417   -1.205  1.00 22.43 ? 22   PHE A CE2 1 
ATOM   179  C  CZ  . PHE A 1 22  ? 4.570   2.189   -0.502  1.00 22.93 ? 22   PHE A CZ  1 
ATOM   180  N  N   . ILE A 1 23  ? 2.642   7.265   -2.973  1.00 19.85 ? 23   ILE A N   1 
ATOM   181  C  CA  . ILE A 1 23  ? 1.180   7.226   -2.909  1.00 20.05 ? 23   ILE A CA  1 
ATOM   182  C  C   . ILE A 1 23  ? 0.515   7.767   -4.140  1.00 21.01 ? 23   ILE A C   1 
ATOM   183  O  O   . ILE A 1 23  ? -0.118  7.023   -4.863  1.00 26.41 ? 23   ILE A O   1 
ATOM   184  C  CB  . ILE A 1 23  ? 0.602   8.009   -1.696  1.00 19.14 ? 23   ILE A CB  1 
ATOM   185  C  CG1 . ILE A 1 23  ? 0.917   7.271   -0.424  1.00 19.66 ? 23   ILE A CG1 1 
ATOM   186  C  CG2 . ILE A 1 23  ? -0.889  8.170   -1.831  1.00 20.08 ? 23   ILE A CG2 1 
ATOM   187  C  CD1 . ILE A 1 23  ? 0.391   5.853   -0.359  1.00 21.57 ? 23   ILE A CD1 1 
ATOM   188  N  N   . LEU A 1 24  ? 0.641   9.050   -4.383  1.00 19.98 ? 24   LEU A N   1 
ATOM   189  C  CA  . LEU A 1 24  ? 0.037   9.653   -5.570  1.00 21.24 ? 24   LEU A CA  1 
ATOM   190  C  C   . LEU A 1 24  ? 0.533   9.158   -6.990  1.00 22.58 ? 24   LEU A C   1 
ATOM   191  O  O   . LEU A 1 24  ? -0.186  9.390   -7.985  1.00 24.20 ? 24   LEU A O   1 
ATOM   192  C  CB  . LEU A 1 24  ? 0.165   11.173  -5.470  1.00 19.11 ? 24   LEU A CB  1 
ATOM   193  C  CG  . LEU A 1 24  ? -0.391  11.784  -4.179  1.00 19.97 ? 24   LEU A CG  1 
ATOM   194  C  CD1 . LEU A 1 24  ? -0.201  13.312  -4.191  1.00 17.93 ? 24   LEU A CD1 1 
ATOM   195  C  CD2 . LEU A 1 24  ? -1.858  11.362  -3.991  1.00 18.86 ? 24   LEU A CD2 1 
ATOM   196  N  N   . ASP A 1 25  ? 1.717   8.518   -7.124  1.00 21.63 ? 25   ASP A N   1 
ATOM   197  C  CA  . ASP A 1 25  ? 2.108   7.956   -8.436  1.00 21.59 ? 25   ASP A CA  1 
ATOM   198  C  C   . ASP A 1 25  ? 2.477   6.482   -8.337  1.00 19.63 ? 25   ASP A C   1 
ATOM   199  O  O   . ASP A 1 25  ? 3.297   5.971   -9.113  1.00 16.35 ? 25   ASP A O   1 
ATOM   200  C  CB  . ASP A 1 25  ? 3.247   8.768   -9.072  1.00 22.21 ? 25   ASP A CB  1 
ATOM   201  C  CG  . ASP A 1 25  ? 3.255   8.723   -10.628 1.00 22.36 ? 25   ASP A CG  1 
ATOM   202  O  OD1 . ASP A 1 25  ? 2.182   8.770   -11.275 1.00 18.69 ? 25   ASP A OD1 1 
ATOM   203  O  OD2 . ASP A 1 25  ? 4.378   8.676   -11.200 1.00 24.16 ? 25   ASP A OD2 1 
ATOM   204  N  N   . GLY A 1 26  ? 1.877   5.808   -7.367  1.00 19.92 ? 26   GLY A N   1 
ATOM   205  C  CA  . GLY A 1 26  ? 2.180   4.409   -7.094  1.00 18.24 ? 26   GLY A CA  1 
ATOM   206  C  C   . GLY A 1 26  ? 1.847   3.470   -8.248  1.00 19.07 ? 26   GLY A C   1 
ATOM   207  O  O   . GLY A 1 26  ? 2.584   2.472   -8.466  1.00 21.46 ? 26   GLY A O   1 
ATOM   208  N  N   . ASP A 1 27  ? 0.784   3.776   -8.992  1.00 17.23 ? 27   ASP A N   1 
ATOM   209  C  CA  . ASP A 1 27  ? 0.307   2.942   -10.130 1.00 17.53 ? 27   ASP A CA  1 
ATOM   210  C  C   . ASP A 1 27  ? 1.323   2.845   -11.255 1.00 17.80 ? 27   ASP A C   1 
ATOM   211  O  O   . ASP A 1 27  ? 1.578   1.793   -11.783 1.00 16.11 ? 27   ASP A O   1 
ATOM   212  C  CB  . ASP A 1 27  ? -0.944  3.566   -10.706 1.00 20.19 ? 27   ASP A CB  1 
ATOM   213  C  CG  . ASP A 1 27  ? -2.054  3.651   -9.677  1.00 21.18 ? 27   ASP A CG  1 
ATOM   214  O  OD1 . ASP A 1 27  ? -1.777  3.234   -8.537  1.00 22.90 ? 27   ASP A OD1 1 
ATOM   215  O  OD2 . ASP A 1 27  ? -3.187  4.054   -9.994  1.00 23.25 ? 27   ASP A OD2 1 
ATOM   216  N  N   . ASN A 1 28  ? 1.895   3.985   -11.600 1.00 17.90 ? 28   ASN A N   1 
ATOM   217  C  CA  . ASN A 1 28  ? 3.093   4.060   -12.407 1.00 17.56 ? 28   ASN A CA  1 
ATOM   218  C  C   . ASN A 1 28  ? 4.372   3.475   -11.793 1.00 18.20 ? 28   ASN A C   1 
ATOM   219  O  O   . ASN A 1 28  ? 5.114   2.685   -12.471 1.00 16.86 ? 28   ASN A O   1 
ATOM   220  C  CB  . ASN A 1 28  ? 3.309   5.533   -12.764 1.00 18.56 ? 28   ASN A CB  1 
ATOM   221  C  CG  . ASN A 1 28  ? 4.555   5.748   -13.591 1.00 19.89 ? 28   ASN A CG  1 
ATOM   222  O  OD1 . ASN A 1 28  ? 4.789   5.023   -14.582 1.00 19.66 ? 28   ASN A OD1 1 
ATOM   223  N  ND2 . ASN A 1 28  ? 5.383   6.730   -13.181 1.00 20.21 ? 28   ASN A ND2 1 
ATOM   224  N  N   . LEU A 1 29  ? 4.726   3.880   -10.557 1.00 17.34 ? 29   LEU A N   1 
ATOM   225  C  CA  . LEU A 1 29  ? 6.068   3.512   -10.057 1.00 17.24 ? 29   LEU A CA  1 
ATOM   226  C  C   . LEU A 1 29  ? 6.237   2.051   -9.698  1.00 16.96 ? 29   LEU A C   1 
ATOM   227  O  O   . LEU A 1 29  ? 7.355   1.517   -9.866  1.00 15.33 ? 29   LEU A O   1 
ATOM   228  C  CB  . LEU A 1 29  ? 6.524   4.346   -8.837  1.00 16.93 ? 29   LEU A CB  1 
ATOM   229  C  CG  . LEU A 1 29  ? 7.025   5.781   -9.062  1.00 17.36 ? 29   LEU A CG  1 
ATOM   230  C  CD1 . LEU A 1 29  ? 7.408   6.482   -7.724  1.00 15.43 ? 29   LEU A CD1 1 
ATOM   231  C  CD2 . LEU A 1 29  ? 8.179   5.780   -10.050 1.00 16.16 ? 29   LEU A CD2 1 
ATOM   232  N  N   . PHE A 1 30  ? 5.192   1.402   -9.146  1.00 17.30 ? 30   PHE A N   1 
ATOM   233  C  CA  . PHE A 1 30  ? 5.432   0.058   -8.594  1.00 17.30 ? 30   PHE A CA  1 
ATOM   234  C  C   . PHE A 1 30  ? 5.810   -0.921  -9.703  1.00 16.59 ? 30   PHE A C   1 
ATOM   235  O  O   . PHE A 1 30  ? 6.761   -1.654  -9.522  1.00 16.71 ? 30   PHE A O   1 
ATOM   236  C  CB  . PHE A 1 30  ? 4.291   -0.467  -7.716  1.00 18.02 ? 30   PHE A CB  1 
ATOM   237  C  CG  . PHE A 1 30  ? 4.080   0.329   -6.444  1.00 17.66 ? 30   PHE A CG  1 
ATOM   238  C  CD1 . PHE A 1 30  ? 5.165   0.724   -5.636  1.00 17.95 ? 30   PHE A CD1 1 
ATOM   239  C  CD2 . PHE A 1 30  ? 2.815   0.689   -6.043  1.00 19.06 ? 30   PHE A CD2 1 
ATOM   240  C  CE1 . PHE A 1 30  ? 4.980   1.465   -4.494  1.00 17.43 ? 30   PHE A CE1 1 
ATOM   241  C  CE2 . PHE A 1 30  ? 2.628   1.429   -4.863  1.00 18.11 ? 30   PHE A CE2 1 
ATOM   242  C  CZ  . PHE A 1 30  ? 3.714   1.812   -4.103  1.00 16.52 ? 30   PHE A CZ  1 
ATOM   243  N  N   . PRO A 1 31  ? 5.093   -0.917  -10.854 1.00 16.60 ? 31   PRO A N   1 
ATOM   244  C  CA  . PRO A 1 31  ? 5.442   -1.896  -11.922 1.00 16.53 ? 31   PRO A CA  1 
ATOM   245  C  C   . PRO A 1 31  ? 6.800   -1.632  -12.534 1.00 18.23 ? 31   PRO A C   1 
ATOM   246  O  O   . PRO A 1 31  ? 7.388   -2.522  -13.115 1.00 19.49 ? 31   PRO A O   1 
ATOM   247  C  CB  . PRO A 1 31  ? 4.353   -1.676  -12.977 1.00 15.60 ? 31   PRO A CB  1 
ATOM   248  C  CG  . PRO A 1 31  ? 3.177   -1.211  -12.191 1.00 16.38 ? 31   PRO A CG  1 
ATOM   249  C  CD  . PRO A 1 31  ? 3.795   -0.269  -11.162 1.00 16.36 ? 31   PRO A CD  1 
ATOM   250  N  N   . LYS A 1 32  ? 7.252   -0.393  -12.435 1.00 18.59 ? 32   LYS A N   1 
ATOM   251  C  CA  . LYS A 1 32  ? 8.475   0.059   -13.066 1.00 19.40 ? 32   LYS A CA  1 
ATOM   252  C  C   . LYS A 1 32  ? 9.668   -0.262  -12.129 1.00 18.54 ? 32   LYS A C   1 
ATOM   253  O  O   . LYS A 1 32  ? 10.645  -0.861  -12.559 1.00 18.17 ? 32   LYS A O   1 
ATOM   254  C  CB  . LYS A 1 32  ? 8.348   1.562   -13.404 1.00 21.13 ? 32   LYS A CB  1 
ATOM   255  C  CG  . LYS A 1 32  ? 9.622   2.281   -13.857 1.00 24.19 ? 32   LYS A CG  1 
ATOM   256  C  CD  . LYS A 1 32  ? 9.675   3.723   -13.337 1.00 27.16 ? 32   LYS A CD  1 
ATOM   257  C  CE  . LYS A 1 32  ? 8.583   4.633   -13.920 1.00 29.82 ? 32   LYS A CE  1 
ATOM   258  N  NZ  . LYS A 1 32  ? 9.102   5.823   -14.688 1.00 29.58 ? 32   LYS A NZ  1 
ATOM   259  N  N   . VAL A 1 33  ? 9.554   0.063   -10.837 1.00 16.94 ? 33   VAL A N   1 
ATOM   260  C  CA  . VAL A 1 33  ? 10.720  -0.008  -9.915  1.00 16.71 ? 33   VAL A CA  1 
ATOM   261  C  C   . VAL A 1 33  ? 10.739  -1.337  -9.185  1.00 18.29 ? 33   VAL A C   1 
ATOM   262  O  O   . VAL A 1 33  ? 11.805  -1.789  -8.799  1.00 19.44 ? 33   VAL A O   1 
ATOM   263  C  CB  . VAL A 1 33  ? 10.728  1.125   -8.860  1.00 16.77 ? 33   VAL A CB  1 
ATOM   264  C  CG1 . VAL A 1 33  ? 10.614  2.502   -9.492  1.00 17.02 ? 33   VAL A CG1 1 
ATOM   265  C  CG2 . VAL A 1 33  ? 9.635   0.934   -7.814  1.00 16.59 ? 33   VAL A CG2 1 
ATOM   266  N  N   . ALA A 1 34  ? 9.571   -1.991  -9.016  1.00 18.65 ? 34   ALA A N   1 
ATOM   267  C  CA  . ALA A 1 34  ? 9.522   -3.290  -8.324  1.00 18.38 ? 34   ALA A CA  1 
ATOM   268  C  C   . ALA A 1 34  ? 8.716   -4.363  -9.125  1.00 19.01 ? 34   ALA A C   1 
ATOM   269  O  O   . ALA A 1 34  ? 7.754   -4.920  -8.593  1.00 17.47 ? 34   ALA A O   1 
ATOM   270  C  CB  . ALA A 1 34  ? 8.930   -3.092  -6.950  1.00 17.88 ? 34   ALA A CB  1 
ATOM   271  N  N   . PRO A 1 35  ? 9.115   -4.661  -10.382 1.00 19.99 ? 35   PRO A N   1 
ATOM   272  C  CA  . PRO A 1 35  ? 8.429   -5.657  -11.282 1.00 22.23 ? 35   PRO A CA  1 
ATOM   273  C  C   . PRO A 1 35  ? 8.336   -7.095  -10.719 1.00 22.16 ? 35   PRO A C   1 
ATOM   274  O  O   . PRO A 1 35  ? 7.407   -7.844  -10.994 1.00 21.37 ? 35   PRO A O   1 
ATOM   275  C  CB  . PRO A 1 35  ? 9.302   -5.672  -12.550 1.00 22.46 ? 35   PRO A CB  1 
ATOM   276  C  CG  . PRO A 1 35  ? 10.585  -5.044  -12.150 1.00 22.81 ? 35   PRO A CG  1 
ATOM   277  C  CD  . PRO A 1 35  ? 10.286  -4.060  -11.033 1.00 20.66 ? 35   PRO A CD  1 
ATOM   278  N  N   . GLN A 1 36  ? 9.304   -7.445  -9.903  1.00 23.94 ? 36   GLN A N   1 
ATOM   279  C  CA  . GLN A 1 36  ? 9.302   -8.727  -9.226  1.00 26.96 ? 36   GLN A CA  1 
ATOM   280  C  C   . GLN A 1 36  ? 8.372   -8.740  -8.007  1.00 26.32 ? 36   GLN A C   1 
ATOM   281  O  O   . GLN A 1 36  ? 8.332   -9.747  -7.302  1.00 34.29 ? 36   GLN A O   1 
ATOM   282  C  CB  . GLN A 1 36  ? 10.746  -9.095  -8.831  1.00 28.16 ? 36   GLN A CB  1 
ATOM   283  C  CG  . GLN A 1 36  ? 11.317  -8.528  -7.501  1.00 31.04 ? 36   GLN A CG  1 
ATOM   284  C  CD  . GLN A 1 36  ? 11.344  -6.983  -7.335  1.00 32.51 ? 36   GLN A CD  1 
ATOM   285  O  OE1 . GLN A 1 36  ? 11.383  -6.216  -8.323  1.00 30.91 ? 36   GLN A OE1 1 
ATOM   286  N  NE2 . GLN A 1 36  ? 11.322  -6.520  -6.045  1.00 29.64 ? 36   GLN A NE2 1 
ATOM   287  N  N   . ALA A 1 37  ? 7.657   -7.635  -7.746  1.00 22.14 ? 37   ALA A N   1 
ATOM   288  C  CA  . ALA A 1 37  ? 6.697   -7.528  -6.631  1.00 21.41 ? 37   ALA A CA  1 
ATOM   289  C  C   . ALA A 1 37  ? 5.266   -7.299  -7.156  1.00 20.16 ? 37   ALA A C   1 
ATOM   290  O  O   . ALA A 1 37  ? 4.312   -7.911  -6.683  1.00 19.24 ? 37   ALA A O   1 
ATOM   291  C  CB  . ALA A 1 37  ? 7.086   -6.379  -5.686  1.00 20.25 ? 37   ALA A CB  1 
ATOM   292  N  N   . ILE A 1 38  ? 5.136   -6.387  -8.114  1.00 18.61 ? 38   ILE A N   1 
ATOM   293  C  CA  . ILE A 1 38  ? 3.851   -5.993  -8.676  1.00 17.55 ? 38   ILE A CA  1 
ATOM   294  C  C   . ILE A 1 38  ? 4.044   -5.924  -10.193 1.00 16.93 ? 38   ILE A C   1 
ATOM   295  O  O   . ILE A 1 38  ? 4.922   -5.169  -10.693 1.00 16.99 ? 38   ILE A O   1 
ATOM   296  C  CB  . ILE A 1 38  ? 3.335   -4.662  -8.045  1.00 17.47 ? 38   ILE A CB  1 
ATOM   297  C  CG1 . ILE A 1 38  ? 3.008   -4.891  -6.555  1.00 17.64 ? 38   ILE A CG1 1 
ATOM   298  C  CG2 . ILE A 1 38  ? 2.160   -4.049  -8.818  1.00 16.01 ? 38   ILE A CG2 1 
ATOM   299  C  CD1 . ILE A 1 38  ? 2.366   -3.691  -5.858  1.00 17.58 ? 38   ILE A CD1 1 
ATOM   300  N  N   . SER A 1 39  ? 3.277   -6.751  -10.919 1.00 15.58 ? 39   SER A N   1 
ATOM   301  C  CA  . SER A 1 39  ? 3.400   -6.833  -12.382 1.00 16.16 ? 39   SER A CA  1 
ATOM   302  C  C   . SER A 1 39  ? 2.643   -5.696  -13.105 1.00 15.19 ? 39   SER A C   1 
ATOM   303  O  O   . SER A 1 39  ? 3.120   -5.142  -14.096 1.00 14.48 ? 39   SER A O   1 
ATOM   304  C  CB  . SER A 1 39  ? 3.013   -8.233  -12.940 1.00 17.52 ? 39   SER A CB  1 
ATOM   305  O  OG  . SER A 1 39  ? 1.804   -8.719  -12.412 1.00 21.46 ? 39   SER A OG  1 
ATOM   306  N  N   . SER A 1 40  ? 1.481   -5.308  -12.613 1.00 14.52 ? 40   SER A N   1 
ATOM   307  C  CA  . SER A 1 40  ? 0.758   -4.182  -13.211 1.00 14.17 ? 40   SER A CA  1 
ATOM   308  C  C   . SER A 1 40  ? -0.219  -3.585  -12.225 1.00 13.32 ? 40   SER A C   1 
ATOM   309  O  O   . SER A 1 40  ? -0.499  -4.216  -11.164 1.00 14.18 ? 40   SER A O   1 
ATOM   310  C  CB  . SER A 1 40  ? 0.022   -4.583  -14.497 1.00 13.78 ? 40   SER A CB  1 
ATOM   311  O  OG  . SER A 1 40  ? -1.096  -5.434  -14.205 1.00 13.82 ? 40   SER A OG  1 
ATOM   312  N  N   . VAL A 1 41  ? -0.676  -2.364  -12.529 1.00 12.07 ? 41   VAL A N   1 
ATOM   313  C  CA  . VAL A 1 41  ? -1.750  -1.747  -11.760 1.00 12.51 ? 41   VAL A CA  1 
ATOM   314  C  C   . VAL A 1 41  ? -2.703  -1.136  -12.778 1.00 13.47 ? 41   VAL A C   1 
ATOM   315  O  O   . VAL A 1 41  ? -2.317  -0.255  -13.512 1.00 14.55 ? 41   VAL A O   1 
ATOM   316  C  CB  . VAL A 1 41  ? -1.274  -0.646  -10.788 1.00 12.48 ? 41   VAL A CB  1 
ATOM   317  C  CG1 . VAL A 1 41  ? -2.499  -0.057  -10.060 1.00 12.07 ? 41   VAL A CG1 1 
ATOM   318  C  CG2 . VAL A 1 41  ? -0.205  -1.140  -9.798  1.00 12.78 ? 41   VAL A CG2 1 
ATOM   319  N  N   . GLU A 1 42  ? -3.918  -1.635  -12.805 1.00 14.11 ? 42   GLU A N   1 
ATOM   320  C  CA  . GLU A 1 42  ? -4.985  -1.215  -13.680 1.00 15.68 ? 42   GLU A CA  1 
ATOM   321  C  C   . GLU A 1 42  ? -6.029  -0.334  -12.983 1.00 15.74 ? 42   GLU A C   1 
ATOM   322  O  O   . GLU A 1 42  ? -6.609  -0.715  -11.953 1.00 14.59 ? 42   GLU A O   1 
ATOM   323  C  CB  . GLU A 1 42  ? -5.668  -2.467  -14.204 1.00 17.33 ? 42   GLU A CB  1 
ATOM   324  C  CG  . GLU A 1 42  ? -6.753  -2.197  -15.240 1.00 20.20 ? 42   GLU A CG  1 
ATOM   325  C  CD  . GLU A 1 42  ? -7.511  -3.440  -15.648 1.00 20.45 ? 42   GLU A CD  1 
ATOM   326  O  OE1 . GLU A 1 42  ? -7.344  -4.473  -14.971 1.00 22.51 ? 42   GLU A OE1 1 
ATOM   327  O  OE2 . GLU A 1 42  ? -8.302  -3.342  -16.629 1.00 24.99 ? 42   GLU A OE2 1 
ATOM   328  N  N   . ASN A 1 43  ? -6.262  0.859   -13.523 1.00 16.18 ? 43   ASN A N   1 
ATOM   329  C  CA  . ASN A 1 43  ? -7.332  1.718   -13.018 1.00 15.85 ? 43   ASN A CA  1 
ATOM   330  C  C   . ASN A 1 43  ? -8.631  1.221   -13.605 1.00 16.21 ? 43   ASN A C   1 
ATOM   331  O  O   . ASN A 1 43  ? -8.752  1.223   -14.801 1.00 14.89 ? 43   ASN A O   1 
ATOM   332  C  CB  . ASN A 1 43  ? -7.087  3.149   -13.410 1.00 17.82 ? 43   ASN A CB  1 
ATOM   333  C  CG  . ASN A 1 43  ? -8.124  4.099   -12.836 1.00 19.86 ? 43   ASN A CG  1 
ATOM   334  O  OD1 . ASN A 1 43  ? -9.222  4.286   -13.412 1.00 23.46 ? 43   ASN A OD1 1 
ATOM   335  N  ND2 . ASN A 1 43  ? -7.784  4.722   -11.729 1.00 19.90 ? 43   ASN A ND2 1 
ATOM   336  N  N   . ILE A 1 44  ? -9.541  0.735   -12.749 1.00 16.08 ? 44   ILE A N   1 
ATOM   337  C  CA  . ILE A 1 44  ? -10.830 0.140   -13.147 1.00 17.03 ? 44   ILE A CA  1 
ATOM   338  C  C   . ILE A 1 44  ? -11.908 1.214   -13.194 1.00 17.02 ? 44   ILE A C   1 
ATOM   339  O  O   . ILE A 1 44  ? -12.709 1.254   -14.119 1.00 15.46 ? 44   ILE A O   1 
ATOM   340  C  CB  . ILE A 1 44  ? -11.284 -0.991  -12.166 1.00 17.86 ? 44   ILE A CB  1 
ATOM   341  C  CG1 . ILE A 1 44  ? -10.268 -2.151  -12.073 1.00 18.65 ? 44   ILE A CG1 1 
ATOM   342  C  CG2 . ILE A 1 44  ? -12.675 -1.534  -12.538 1.00 19.51 ? 44   ILE A CG2 1 
ATOM   343  C  CD1 . ILE A 1 44  ? -10.413 -3.229  -13.104 1.00 19.51 ? 44   ILE A CD1 1 
ATOM   344  N  N   . GLU A 1 45  ? -11.964 2.074   -12.178 1.00 17.37 ? 45   GLU A N   1 
ATOM   345  C  CA  . GLU A 1 45  ? -12.926 3.161   -12.170 1.00 20.02 ? 45   GLU A CA  1 
ATOM   346  C  C   . GLU A 1 45  ? -12.387 4.292   -11.262 1.00 20.92 ? 45   GLU A C   1 
ATOM   347  O  O   . GLU A 1 45  ? -11.779 4.031   -10.242 1.00 20.46 ? 45   GLU A O   1 
ATOM   348  C  CB  . GLU A 1 45  ? -14.315 2.710   -11.687 1.00 21.71 ? 45   GLU A CB  1 
ATOM   349  C  CG  . GLU A 1 45  ? -15.422 3.734   -11.952 1.00 24.91 ? 45   GLU A CG  1 
ATOM   350  C  CD  . GLU A 1 45  ? -16.130 3.580   -13.307 1.00 28.99 ? 45   GLU A CD  1 
ATOM   351  O  OE1 . GLU A 1 45  ? -15.892 2.572   -14.042 1.00 33.98 ? 45   GLU A OE1 1 
ATOM   352  O  OE2 . GLU A 1 45  ? -16.946 4.472   -13.658 1.00 31.31 ? 45   GLU A OE2 1 
ATOM   353  N  N   . GLY A 1 46  ? -12.587 5.543   -11.660 1.00 21.51 ? 46   GLY A N   1 
ATOM   354  C  CA  . GLY A 1 46  ? -12.467 6.669   -10.707 1.00 23.17 ? 46   GLY A CA  1 
ATOM   355  C  C   . GLY A 1 46  ? -11.223 7.427   -11.013 1.00 23.80 ? 46   GLY A C   1 
ATOM   356  O  O   . GLY A 1 46  ? -10.405 6.952   -11.806 1.00 20.71 ? 46   GLY A O   1 
ATOM   357  N  N   . ASN A 1 47  ? -11.085 8.613   -10.414 1.00 29.27 ? 47   ASN A N   1 
ATOM   358  C  CA  . ASN A 1 47  ? -9.993  9.562   -10.789 1.00 34.14 ? 47   ASN A CA  1 
ATOM   359  C  C   . ASN A 1 47  ? -8.779  9.605   -9.834  1.00 34.40 ? 47   ASN A C   1 
ATOM   360  O  O   . ASN A 1 47  ? -8.007  10.558  -9.876  1.00 38.39 ? 47   ASN A O   1 
ATOM   361  C  CB  . ASN A 1 47  ? -10.579 11.000  -10.920 1.00 36.75 ? 47   ASN A CB  1 
ATOM   362  C  CG  . ASN A 1 47  ? -9.946  11.792  -12.054 1.00 41.43 ? 47   ASN A CG  1 
ATOM   363  O  OD1 . ASN A 1 47  ? -8.893  11.396  -12.570 1.00 45.70 ? 47   ASN A OD1 1 
ATOM   364  N  ND2 . ASN A 1 47  ? -10.590 12.904  -12.474 1.00 40.89 ? 47   ASN A ND2 1 
ATOM   365  N  N   . GLY A 1 48  ? -8.589  8.579   -9.012  1.00 29.63 ? 48   GLY A N   1 
ATOM   366  C  CA  . GLY A 1 48  ? -7.610  8.619   -7.900  1.00 26.94 ? 48   GLY A CA  1 
ATOM   367  C  C   . GLY A 1 48  ? -8.203  9.007   -6.525  1.00 24.96 ? 48   GLY A C   1 
ATOM   368  O  O   . GLY A 1 48  ? -7.630  8.715   -5.467  1.00 25.26 ? 48   GLY A O   1 
ATOM   369  N  N   . GLY A 1 49  ? -9.365  9.636   -6.505  1.00 21.03 ? 49   GLY A N   1 
ATOM   370  C  CA  . GLY A 1 49  ? -9.980  9.971   -5.244  1.00 19.70 ? 49   GLY A CA  1 
ATOM   371  C  C   . GLY A 1 49  ? -10.706 8.829   -4.572  1.00 19.50 ? 49   GLY A C   1 
ATOM   372  O  O   . GLY A 1 49  ? -10.708 7.688   -5.067  1.00 18.95 ? 49   GLY A O   1 
ATOM   373  N  N   . PRO A 1 50  ? -11.393 9.132   -3.467  1.00 18.66 ? 50   PRO A N   1 
ATOM   374  C  CA  . PRO A 1 50  ? -12.290 8.209   -2.810  1.00 18.26 ? 50   PRO A CA  1 
ATOM   375  C  C   . PRO A 1 50  ? -13.163 7.407   -3.763  1.00 18.61 ? 50   PRO A C   1 
ATOM   376  O  O   . PRO A 1 50  ? -13.829 8.003   -4.616  1.00 18.54 ? 50   PRO A O   1 
ATOM   377  C  CB  . PRO A 1 50  ? -13.187 9.159   -2.013  1.00 19.31 ? 50   PRO A CB  1 
ATOM   378  C  CG  . PRO A 1 50  ? -12.223 10.202  -1.563  1.00 19.70 ? 50   PRO A CG  1 
ATOM   379  C  CD  . PRO A 1 50  ? -11.387 10.439  -2.789  1.00 19.12 ? 50   PRO A CD  1 
ATOM   380  N  N   . GLY A 1 51  ? -13.225 6.087   -3.574  1.00 18.10 ? 51   GLY A N   1 
ATOM   381  C  CA  . GLY A 1 51  ? -14.028 5.249   -4.448  1.00 17.89 ? 51   GLY A CA  1 
ATOM   382  C  C   . GLY A 1 51  ? -13.285 4.659   -5.643  1.00 17.47 ? 51   GLY A C   1 
ATOM   383  O  O   . GLY A 1 51  ? -13.754 3.673   -6.210  1.00 19.27 ? 51   GLY A O   1 
ATOM   384  N  N   . THR A 1 52  ? -12.135 5.225   -6.033  1.00 16.78 ? 52   THR A N   1 
ATOM   385  C  CA  . THR A 1 52  ? -11.383 4.718   -7.155  1.00 15.93 ? 52   THR A CA  1 
ATOM   386  C  C   . THR A 1 52  ? -11.022 3.236   -6.926  1.00 15.49 ? 52   THR A C   1 
ATOM   387  O  O   . THR A 1 52  ? -10.547 2.862   -5.816  1.00 12.84 ? 52   THR A O   1 
ATOM   388  C  CB  . THR A 1 52  ? -10.117 5.565   -7.366  1.00 15.80 ? 52   THR A CB  1 
ATOM   389  O  OG1 . THR A 1 52  ? -10.526 6.892   -7.734  1.00 15.15 ? 52   THR A OG1 1 
ATOM   390  C  CG2 . THR A 1 52  ? -9.142  4.943   -8.431  1.00 16.24 ? 52   THR A CG2 1 
ATOM   391  N  N   . ILE A 1 53  ? -11.231 2.422   -7.969  1.00 15.14 ? 53   ILE A N   1 
ATOM   392  C  CA  . ILE A 1 53  ? -10.999 0.999   -7.914  1.00 15.51 ? 53   ILE A CA  1 
ATOM   393  C  C   . ILE A 1 53  ? -9.853  0.729   -8.858  1.00 16.42 ? 53   ILE A C   1 
ATOM   394  O  O   . ILE A 1 53  ? -9.877  1.177   -10.048 1.00 16.09 ? 53   ILE A O   1 
ATOM   395  C  CB  . ILE A 1 53  ? -12.217 0.157   -8.373  1.00 17.43 ? 53   ILE A CB  1 
ATOM   396  C  CG1 . ILE A 1 53  ? -13.485 0.575   -7.622  1.00 18.55 ? 53   ILE A CG1 1 
ATOM   397  C  CG2 . ILE A 1 53  ? -11.969 -1.333  -8.143  1.00 16.19 ? 53   ILE A CG2 1 
ATOM   398  C  CD1 . ILE A 1 53  ? -13.394 0.226   -6.138  1.00 19.32 ? 53   ILE A CD1 1 
ATOM   399  N  N   . LYS A 1 54  ? -8.875  -0.028  -8.328  1.00 14.87 ? 54   LYS A N   1 
ATOM   400  C  CA  . LYS A 1 54  ? -7.703  -0.456  -9.045  1.00 14.64 ? 54   LYS A CA  1 
ATOM   401  C  C   . LYS A 1 54  ? -7.523  -1.951  -8.901  1.00 14.52 ? 54   LYS A C   1 
ATOM   402  O  O   . LYS A 1 54  ? -7.915  -2.549  -7.880  1.00 12.44 ? 54   LYS A O   1 
ATOM   403  C  CB  . LYS A 1 54  ? -6.487  0.223   -8.447  1.00 14.78 ? 54   LYS A CB  1 
ATOM   404  C  CG  . LYS A 1 54  ? -6.681  1.688   -8.224  1.00 16.26 ? 54   LYS A CG  1 
ATOM   405  C  CD  . LYS A 1 54  ? -5.342  2.369   -8.058  1.00 17.63 ? 54   LYS A CD  1 
ATOM   406  C  CE  . LYS A 1 54  ? -5.517  3.841   -7.741  1.00 19.99 ? 54   LYS A CE  1 
ATOM   407  N  NZ  . LYS A 1 54  ? -4.197  4.526   -7.576  1.00 19.95 ? 54   LYS A NZ  1 
ATOM   408  N  N   . LYS A 1 55  ? -6.875  -2.553  -9.887  1.00 14.60 ? 55   LYS A N   1 
ATOM   409  C  CA  . LYS A 1 55  ? -6.598  -3.978  -9.843  1.00 15.33 ? 55   LYS A CA  1 
ATOM   410  C  C   . LYS A 1 55  ? -5.075  -4.158  -9.859  1.00 15.55 ? 55   LYS A C   1 
ATOM   411  O  O   . LYS A 1 55  ? -4.412  -3.849  -10.861 1.00 15.81 ? 55   LYS A O   1 
ATOM   412  C  CB  . LYS A 1 55  ? -7.294  -4.699  -11.013 1.00 17.51 ? 55   LYS A CB  1 
ATOM   413  C  CG  . LYS A 1 55  ? -7.078  -6.205  -11.027 1.00 19.16 ? 55   LYS A CG  1 
ATOM   414  C  CD  . LYS A 1 55  ? -7.777  -6.838  -12.209 1.00 20.55 ? 55   LYS A CD  1 
ATOM   415  C  CE  . LYS A 1 55  ? -7.537  -8.337  -12.287 1.00 23.20 ? 55   LYS A CE  1 
ATOM   416  N  NZ  . LYS A 1 55  ? -8.436  -9.060  -13.272 1.00 24.01 ? 55   LYS A NZ  1 
ATOM   417  N  N   . ILE A 1 56  ? -4.547  -4.684  -8.758  1.00 15.59 ? 56   ILE A N   1 
ATOM   418  C  CA  . ILE A 1 56  ? -3.127  -4.868  -8.530  1.00 14.94 ? 56   ILE A CA  1 
ATOM   419  C  C   . ILE A 1 56  ? -2.833  -6.349  -8.820  1.00 14.55 ? 56   ILE A C   1 
ATOM   420  O  O   . ILE A 1 56  ? -3.325  -7.222  -8.116  1.00 12.68 ? 56   ILE A O   1 
ATOM   421  C  CB  . ILE A 1 56  ? -2.712  -4.522  -7.056  1.00 15.46 ? 56   ILE A CB  1 
ATOM   422  C  CG1 . ILE A 1 56  ? -3.015  -3.046  -6.704  1.00 16.93 ? 56   ILE A CG1 1 
ATOM   423  C  CG2 . ILE A 1 56  ? -1.234  -4.776  -6.829  1.00 15.44 ? 56   ILE A CG2 1 
ATOM   424  C  CD1 . ILE A 1 56  ? -4.266  -2.846  -5.902  1.00 16.12 ? 56   ILE A CD1 1 
ATOM   425  N  N   . SER A 1 57  ? -2.043  -6.608  -9.862  1.00 13.23 ? 57   SER A N   1 
ATOM   426  C  CA  . SER A 1 57  ? -1.662  -7.965  -10.268 1.00 14.44 ? 57   SER A CA  1 
ATOM   427  C  C   . SER A 1 57  ? -0.271  -8.326  -9.786  1.00 14.38 ? 57   SER A C   1 
ATOM   428  O  O   . SER A 1 57  ? 0.675   -7.478  -9.846  1.00 15.45 ? 57   SER A O   1 
ATOM   429  C  CB  . SER A 1 57  ? -1.687  -8.088  -11.798 1.00 15.24 ? 57   SER A CB  1 
ATOM   430  O  OG  . SER A 1 57  ? -3.046  -7.981  -12.218 1.00 17.64 ? 57   SER A OG  1 
ATOM   431  N  N   . PHE A 1 58  ? -0.115  -9.573  -9.325  1.00 13.80 ? 58   PHE A N   1 
ATOM   432  C  CA  . PHE A 1 58  ? 1.169   -9.999  -8.845  1.00 14.03 ? 58   PHE A CA  1 
ATOM   433  C  C   . PHE A 1 58  ? 1.917   -10.854 -9.906  1.00 14.04 ? 58   PHE A C   1 
ATOM   434  O  O   . PHE A 1 58  ? 1.291   -11.516 -10.731 1.00 13.02 ? 58   PHE A O   1 
ATOM   435  C  CB  . PHE A 1 58  ? 1.014   -10.681 -7.472  1.00 14.57 ? 58   PHE A CB  1 
ATOM   436  C  CG  . PHE A 1 58  ? 0.359   -9.785  -6.453  1.00 14.95 ? 58   PHE A CG  1 
ATOM   437  C  CD1 . PHE A 1 58  ? 1.052   -8.689  -5.927  1.00 14.45 ? 58   PHE A CD1 1 
ATOM   438  C  CD2 . PHE A 1 58  ? -0.969  -9.999  -6.069  1.00 15.17 ? 58   PHE A CD2 1 
ATOM   439  C  CE1 . PHE A 1 58  ? 0.430   -7.841  -5.018  1.00 14.95 ? 58   PHE A CE1 1 
ATOM   440  C  CE2 . PHE A 1 58  ? -1.591  -9.141  -5.156  1.00 16.29 ? 58   PHE A CE2 1 
ATOM   441  C  CZ  . PHE A 1 58  ? -0.875  -8.063  -4.636  1.00 15.62 ? 58   PHE A CZ  1 
ATOM   442  N  N   . PRO A 1 59  ? 3.253   -10.855 -9.866  1.00 13.69 ? 59   PRO A N   1 
ATOM   443  C  CA  . PRO A 1 59  ? 4.023   -11.670 -10.822 1.00 15.39 ? 59   PRO A CA  1 
ATOM   444  C  C   . PRO A 1 59  ? 3.659   -13.146 -10.739 1.00 16.42 ? 59   PRO A C   1 
ATOM   445  O  O   . PRO A 1 59  ? 3.080   -13.630 -9.700  1.00 15.53 ? 59   PRO A O   1 
ATOM   446  C  CB  . PRO A 1 59  ? 5.496   -11.488 -10.378 1.00 15.82 ? 59   PRO A CB  1 
ATOM   447  C  CG  . PRO A 1 59  ? 5.497   -10.361 -9.434  1.00 15.42 ? 59   PRO A CG  1 
ATOM   448  C  CD  . PRO A 1 59  ? 4.106   -10.140 -8.922  1.00 15.03 ? 59   PRO A CD  1 
ATOM   449  N  N   . GLU A 1 60  ? 3.936   -13.851 -11.826 1.00 17.06 ? 60   GLU A N   1 
ATOM   450  C  CA  . GLU A 1 60  ? 3.789   -15.290 -11.839 1.00 17.93 ? 60   GLU A CA  1 
ATOM   451  C  C   . GLU A 1 60  ? 4.555   -15.888 -10.632 1.00 17.45 ? 60   GLU A C   1 
ATOM   452  O  O   . GLU A 1 60  ? 5.563   -15.329 -10.180 1.00 16.00 ? 60   GLU A O   1 
ATOM   453  C  CB  . GLU A 1 60  ? 4.319   -15.854 -13.193 1.00 20.49 ? 60   GLU A CB  1 
ATOM   454  C  CG  . GLU A 1 60  ? 4.033   -17.324 -13.369 1.00 22.00 ? 60   GLU A CG  1 
ATOM   455  C  CD  . GLU A 1 60  ? 4.162   -17.801 -14.793 1.00 24.90 ? 60   GLU A CD  1 
ATOM   456  O  OE1 . GLU A 1 60  ? 4.979   -17.233 -15.537 1.00 25.47 ? 60   GLU A OE1 1 
ATOM   457  O  OE2 . GLU A 1 60  ? 3.469   -18.771 -15.152 1.00 26.02 ? 60   GLU A OE2 1 
ATOM   458  N  N   . GLY A 1 61  ? 4.010   -16.961 -10.049 1.00 18.05 ? 61   GLY A N   1 
ATOM   459  C  CA  . GLY A 1 61  ? 4.628   -17.640 -8.941  1.00 18.38 ? 61   GLY A CA  1 
ATOM   460  C  C   . GLY A 1 61  ? 4.250   -17.085 -7.568  1.00 19.21 ? 61   GLY A C   1 
ATOM   461  O  O   . GLY A 1 61  ? 4.566   -17.695 -6.572  1.00 20.70 ? 61   GLY A O   1 
ATOM   462  N  N   . PHE A 1 62  ? 3.572   -15.933 -7.494  1.00 19.90 ? 62   PHE A N   1 
ATOM   463  C  CA  . PHE A 1 62  ? 3.203   -15.340 -6.183  1.00 18.44 ? 62   PHE A CA  1 
ATOM   464  C  C   . PHE A 1 62  ? 1.994   -16.105 -5.634  1.00 17.18 ? 62   PHE A C   1 
ATOM   465  O  O   . PHE A 1 62  ? 1.254   -16.694 -6.406  1.00 16.03 ? 62   PHE A O   1 
ATOM   466  C  CB  . PHE A 1 62  ? 2.883   -13.847 -6.349  1.00 19.95 ? 62   PHE A CB  1 
ATOM   467  C  CG  . PHE A 1 62  ? 4.050   -12.946 -6.115  1.00 21.12 ? 62   PHE A CG  1 
ATOM   468  C  CD1 . PHE A 1 62  ? 5.197   -13.044 -6.899  1.00 24.91 ? 62   PHE A CD1 1 
ATOM   469  C  CD2 . PHE A 1 62  ? 4.030   -12.027 -5.082  1.00 22.92 ? 62   PHE A CD2 1 
ATOM   470  C  CE1 . PHE A 1 62  ? 6.283   -12.215 -6.657  1.00 24.81 ? 62   PHE A CE1 1 
ATOM   471  C  CE2 . PHE A 1 62  ? 5.098   -11.207 -4.839  1.00 23.52 ? 62   PHE A CE2 1 
ATOM   472  C  CZ  . PHE A 1 62  ? 6.224   -11.296 -5.639  1.00 24.87 ? 62   PHE A CZ  1 
ATOM   473  N  N   . PRO A 1 63  ? 1.768   -16.103 -4.310  1.00 16.91 ? 63   PRO A N   1 
ATOM   474  C  CA  . PRO A 1 63  ? 0.620   -16.803 -3.707  1.00 16.26 ? 63   PRO A CA  1 
ATOM   475  C  C   . PRO A 1 63  ? -0.758  -16.443 -4.229  1.00 16.35 ? 63   PRO A C   1 
ATOM   476  O  O   . PRO A 1 63  ? -1.657  -17.320 -4.312  1.00 17.12 ? 63   PRO A O   1 
ATOM   477  C  CB  . PRO A 1 63  ? 0.701   -16.419 -2.208  1.00 16.72 ? 63   PRO A CB  1 
ATOM   478  C  CG  . PRO A 1 63  ? 2.129   -16.026 -1.967  1.00 17.37 ? 63   PRO A CG  1 
ATOM   479  C  CD  . PRO A 1 63  ? 2.744   -15.665 -3.296  1.00 17.68 ? 63   PRO A CD  1 
ATOM   480  N  N   . PHE A 1 64  ? -0.925  -15.163 -4.586  1.00 16.44 ? 64   PHE A N   1 
ATOM   481  C  CA  . PHE A 1 64  ? -2.175  -14.642 -5.147  1.00 15.45 ? 64   PHE A CA  1 
ATOM   482  C  C   . PHE A 1 64  ? -1.982  -14.058 -6.555  1.00 14.06 ? 64   PHE A C   1 
ATOM   483  O  O   . PHE A 1 64  ? -0.913  -13.613 -6.884  1.00 12.89 ? 64   PHE A O   1 
ATOM   484  C  CB  . PHE A 1 64  ? -2.661  -13.543 -4.229  1.00 17.57 ? 64   PHE A CB  1 
ATOM   485  C  CG  . PHE A 1 64  ? -3.020  -14.039 -2.871  1.00 17.59 ? 64   PHE A CG  1 
ATOM   486  C  CD1 . PHE A 1 64  ? -3.999  -15.006 -2.718  1.00 18.58 ? 64   PHE A CD1 1 
ATOM   487  C  CD2 . PHE A 1 64  ? -2.385  -13.561 -1.760  1.00 20.22 ? 64   PHE A CD2 1 
ATOM   488  C  CE1 . PHE A 1 64  ? -4.335  -15.484 -1.459  1.00 19.47 ? 64   PHE A CE1 1 
ATOM   489  C  CE2 . PHE A 1 64  ? -2.734  -14.011 -0.478  1.00 21.82 ? 64   PHE A CE2 1 
ATOM   490  C  CZ  . PHE A 1 64  ? -3.690  -14.987 -0.328  1.00 18.32 ? 64   PHE A CZ  1 
ATOM   491  N  N   . LYS A 1 65  ? -3.031  -14.085 -7.353  1.00 12.77 ? 65   LYS A N   1 
ATOM   492  C  CA  . LYS A 1 65  ? -3.025  -13.595 -8.685  1.00 13.56 ? 65   LYS A CA  1 
ATOM   493  C  C   . LYS A 1 65  ? -3.169  -12.078 -8.718  1.00 13.36 ? 65   LYS A C   1 
ATOM   494  O  O   . LYS A 1 65  ? -2.407  -11.415 -9.369  1.00 12.24 ? 65   LYS A O   1 
ATOM   495  C  CB  . LYS A 1 65  ? -4.183  -14.211 -9.482  1.00 15.33 ? 65   LYS A CB  1 
ATOM   496  C  CG  . LYS A 1 65  ? -4.014  -13.965 -10.984 1.00 17.40 ? 65   LYS A CG  1 
ATOM   497  C  CD  . LYS A 1 65  ? -5.177  -14.484 -11.813 1.00 20.31 ? 65   LYS A CD  1 
ATOM   498  C  CE  . LYS A 1 65  ? -4.999  -14.145 -13.294 1.00 21.93 ? 65   LYS A CE  1 
ATOM   499  N  NZ  . LYS A 1 65  ? -6.086  -14.807 -14.111 1.00 26.10 ? 65   LYS A NZ  1 
ATOM   500  N  N   . TYR A 1 66  ? -4.168  -11.541 -8.021  1.00 12.92 ? 66   TYR A N   1 
ATOM   501  C  CA  . TYR A 1 66  ? -4.372  -10.109 -7.984  1.00 13.71 ? 66   TYR A CA  1 
ATOM   502  C  C   . TYR A 1 66  ? -5.254  -9.796  -6.817  1.00 13.50 ? 66   TYR A C   1 
ATOM   503  O  O   . TYR A 1 66  ? -5.817  -10.724 -6.247  1.00 12.07 ? 66   TYR A O   1 
ATOM   504  C  CB  . TYR A 1 66  ? -5.112  -9.721  -9.220  1.00 14.96 ? 66   TYR A CB  1 
ATOM   505  C  CG  . TYR A 1 66  ? -6.556  -10.155 -9.161  1.00 17.05 ? 66   TYR A CG  1 
ATOM   506  C  CD1 . TYR A 1 66  ? -7.509  -9.310  -8.642  1.00 18.12 ? 66   TYR A CD1 1 
ATOM   507  C  CD2 . TYR A 1 66  ? -6.973  -11.393 -9.654  1.00 19.95 ? 66   TYR A CD2 1 
ATOM   508  C  CE1 . TYR A 1 66  ? -8.829  -9.658  -8.586  1.00 20.86 ? 66   TYR A CE1 1 
ATOM   509  C  CE2 . TYR A 1 66  ? -8.315  -11.761 -9.591  1.00 21.18 ? 66   TYR A CE2 1 
ATOM   510  C  CZ  . TYR A 1 66  ? -9.234  -10.868 -9.045  1.00 22.12 ? 66   TYR A CZ  1 
ATOM   511  O  OH  . TYR A 1 66  ? -10.580 -11.151 -8.940  1.00 24.83 ? 66   TYR A OH  1 
ATOM   512  N  N   . VAL A 1 67  ? -5.315  -8.518  -6.445  1.00 13.63 ? 67   VAL A N   1 
ATOM   513  C  CA  . VAL A 1 67  ? -6.369  -7.973  -5.576  1.00 14.58 ? 67   VAL A CA  1 
ATOM   514  C  C   . VAL A 1 67  ? -6.904  -6.707  -6.263  1.00 15.06 ? 67   VAL A C   1 
ATOM   515  O  O   . VAL A 1 67  ? -6.208  -6.071  -7.109  1.00 16.41 ? 67   VAL A O   1 
ATOM   516  C  CB  . VAL A 1 67  ? -5.880  -7.647  -4.117  1.00 14.64 ? 67   VAL A CB  1 
ATOM   517  C  CG1 . VAL A 1 67  ? -5.580  -8.922  -3.334  1.00 14.00 ? 67   VAL A CG1 1 
ATOM   518  C  CG2 . VAL A 1 67  ? -4.642  -6.771  -4.111  1.00 14.02 ? 67   VAL A CG2 1 
ATOM   519  N  N   . LYS A 1 68  ? -8.148  -6.398  -5.937  1.00 15.78 ? 68   LYS A N   1 
ATOM   520  C  CA  . LYS A 1 68  ? -8.765  -5.116  -6.234  1.00 17.39 ? 68   LYS A CA  1 
ATOM   521  C  C   . LYS A 1 68  ? -8.866  -4.289  -4.963  1.00 17.09 ? 68   LYS A C   1 
ATOM   522  O  O   . LYS A 1 68  ? -9.338  -4.770  -3.939  1.00 17.13 ? 68   LYS A O   1 
ATOM   523  C  CB  . LYS A 1 68  ? -10.149 -5.269  -6.837  1.00 19.12 ? 68   LYS A CB  1 
ATOM   524  C  CG  . LYS A 1 68  ? -10.090 -5.662  -8.312  1.00 20.03 ? 68   LYS A CG  1 
ATOM   525  C  CD  . LYS A 1 68  ? -11.451 -5.922  -8.892  1.00 20.98 ? 68   LYS A CD  1 
ATOM   526  C  CE  . LYS A 1 68  ? -11.336 -6.743  -10.168 1.00 23.04 ? 68   LYS A CE  1 
ATOM   527  N  NZ  . LYS A 1 68  ? -12.402 -6.350  -11.147 1.00 28.06 ? 68   LYS A NZ  1 
ATOM   528  N  N   A ASP A 1 69  ? -8.376  -3.055  -5.028  0.70 17.25 ? 69   ASP A N   1 
ATOM   529  N  N   B ASP A 1 69  ? -8.425  -3.043  -5.054  0.30 17.24 ? 69   ASP A N   1 
ATOM   530  C  CA  A ASP A 1 69  ? -8.465  -2.151  -3.907  0.70 17.26 ? 69   ASP A CA  1 
ATOM   531  C  CA  B ASP A 1 69  ? -8.449  -2.147  -3.929  0.30 17.26 ? 69   ASP A CA  1 
ATOM   532  C  C   A ASP A 1 69  ? -9.392  -1.006  -4.259  0.70 18.19 ? 69   ASP A C   1 
ATOM   533  C  C   B ASP A 1 69  ? -9.315  -0.950  -4.260  0.30 17.48 ? 69   ASP A C   1 
ATOM   534  O  O   A ASP A 1 69  ? -9.706  -0.765  -5.443  0.70 18.03 ? 69   ASP A O   1 
ATOM   535  O  O   B ASP A 1 69  ? -9.503  -0.609  -5.437  0.30 17.53 ? 69   ASP A O   1 
ATOM   536  C  CB  A ASP A 1 69  ? -7.092  -1.667  -3.449  0.70 18.04 ? 69   ASP A CB  1 
ATOM   537  C  CB  B ASP A 1 69  ? -7.036  -1.724  -3.570  0.30 17.78 ? 69   ASP A CB  1 
ATOM   538  C  CG  A ASP A 1 69  ? -6.713  -0.331  -4.035  0.70 18.90 ? 69   ASP A CG  1 
ATOM   539  C  CG  B ASP A 1 69  ? -6.176  -2.897  -3.110  0.30 18.34 ? 69   ASP A CG  1 
ATOM   540  O  OD1 A ASP A 1 69  ? -6.874  -0.200  -5.272  0.70 21.81 ? 69   ASP A OD1 1 
ATOM   541  O  OD1 B ASP A 1 69  ? -6.614  -4.060  -3.169  0.30 18.27 ? 69   ASP A OD1 1 
ATOM   542  O  OD2 A ASP A 1 69  ? -6.283  0.583   -3.266  0.70 17.58 ? 69   ASP A OD2 1 
ATOM   543  O  OD2 B ASP A 1 69  ? -5.051  -2.654  -2.689  0.30 18.94 ? 69   ASP A OD2 1 
ATOM   544  N  N   . ARG A 1 70  ? -9.851  -0.332  -3.210  1.00 16.58 ? 70   ARG A N   1 
ATOM   545  C  CA  . ARG A 1 70  ? -10.665 0.846   -3.328  1.00 15.84 ? 70   ARG A CA  1 
ATOM   546  C  C   . ARG A 1 70  ? -10.052 1.945   -2.466  1.00 14.83 ? 70   ARG A C   1 
ATOM   547  O  O   . ARG A 1 70  ? -9.759  1.742   -1.267  1.00 12.54 ? 70   ARG A O   1 
ATOM   548  C  CB  . ARG A 1 70  ? -12.056 0.564   -2.812  1.00 17.18 ? 70   ARG A CB  1 
ATOM   549  C  CG  . ARG A 1 70  ? -13.004 1.728   -2.778  1.00 18.93 ? 70   ARG A CG  1 
ATOM   550  C  CD  . ARG A 1 70  ? -14.214 1.281   -1.979  1.00 22.01 ? 70   ARG A CD  1 
ATOM   551  N  NE  . ARG A 1 70  ? -13.888 1.145   -0.558  1.00 23.25 ? 70   ARG A NE  1 
ATOM   552  C  CZ  . ARG A 1 70  ? -14.662 0.541   0.351   1.00 26.87 ? 70   ARG A CZ  1 
ATOM   553  N  NH1 . ARG A 1 70  ? -15.818 -0.040  0.007   1.00 26.07 ? 70   ARG A NH1 1 
ATOM   554  N  NH2 . ARG A 1 70  ? -14.272 0.523   1.632   1.00 28.02 ? 70   ARG A NH2 1 
ATOM   555  N  N   . VAL A 1 71  ? -9.912  3.113   -3.085  1.00 14.56 ? 71   VAL A N   1 
ATOM   556  C  CA  . VAL A 1 71  ? -9.425  4.318   -2.409  1.00 14.38 ? 71   VAL A CA  1 
ATOM   557  C  C   . VAL A 1 71  ? -10.544 4.774   -1.494  1.00 14.24 ? 71   VAL A C   1 
ATOM   558  O  O   . VAL A 1 71  ? -11.714 4.908   -1.925  1.00 14.88 ? 71   VAL A O   1 
ATOM   559  C  CB  . VAL A 1 71  ? -8.984  5.400   -3.399  1.00 14.29 ? 71   VAL A CB  1 
ATOM   560  C  CG1 . VAL A 1 71  ? -8.517  6.663   -2.676  1.00 13.76 ? 71   VAL A CG1 1 
ATOM   561  C  CG2 . VAL A 1 71  ? -7.863  4.830   -4.305  1.00 14.66 ? 71   VAL A CG2 1 
ATOM   562  N  N   . ASP A 1 72  ? -10.193 4.968   -0.220  1.00 13.31 ? 72   ASP A N   1 
ATOM   563  C  CA  . ASP A 1 72  ? -11.163 5.424   0.761   1.00 14.20 ? 72   ASP A CA  1 
ATOM   564  C  C   . ASP A 1 72  ? -10.986 6.917   1.026   1.00 14.44 ? 72   ASP A C   1 
ATOM   565  O  O   . ASP A 1 72  ? -11.955 7.641   1.128   1.00 14.76 ? 72   ASP A O   1 
ATOM   566  C  CB  . ASP A 1 72  ? -11.086 4.629   2.105   1.00 14.42 ? 72   ASP A CB  1 
ATOM   567  C  CG  . ASP A 1 72  ? -11.452 3.144   1.939   1.00 15.11 ? 72   ASP A CG  1 
ATOM   568  O  OD1 . ASP A 1 72  ? -12.417 2.856   1.206   1.00 15.82 ? 72   ASP A OD1 1 
ATOM   569  O  OD2 . ASP A 1 72  ? -10.772 2.256   2.540   1.00 15.32 ? 72   ASP A OD2 1 
ATOM   570  N  N   . GLU A 1 73  ? -9.750  7.372   1.152   1.00 14.41 ? 73   GLU A N   1 
ATOM   571  C  CA  . GLU A 1 73  ? -9.518  8.714   1.548   1.00 15.58 ? 73   GLU A CA  1 
ATOM   572  C  C   . GLU A 1 73  ? -8.086  9.098   1.242   1.00 14.75 ? 73   GLU A C   1 
ATOM   573  O  O   . GLU A 1 73  ? -7.166  8.270   1.300   1.00 14.24 ? 73   GLU A O   1 
ATOM   574  C  CB  . GLU A 1 73  ? -9.815  8.861   3.057   1.00 17.68 ? 73   GLU A CB  1 
ATOM   575  C  CG  . GLU A 1 73  ? -10.226 10.242  3.497   1.00 20.43 ? 73   GLU A CG  1 
ATOM   576  C  CD  . GLU A 1 73  ? -10.767 10.256  4.928   1.00 22.68 ? 73   GLU A CD  1 
ATOM   577  O  OE1 . GLU A 1 73  ? -9.932  10.166  5.869   1.00 22.29 ? 73   GLU A OE1 1 
ATOM   578  O  OE2 . GLU A 1 73  ? -12.016 10.410  5.086   1.00 23.15 ? 73   GLU A OE2 1 
ATOM   579  N  N   . VAL A 1 74  ? -7.912  10.368  0.895   1.00 14.41 ? 74   VAL A N   1 
ATOM   580  C  CA  . VAL A 1 74  ? -6.619  10.916  0.452   1.00 13.39 ? 74   VAL A CA  1 
ATOM   581  C  C   . VAL A 1 74  ? -6.493  12.316  1.050   1.00 14.17 ? 74   VAL A C   1 
ATOM   582  O  O   . VAL A 1 74  ? -7.310  13.191  0.799   1.00 13.35 ? 74   VAL A O   1 
ATOM   583  C  CB  . VAL A 1 74  ? -6.502  11.059  -1.077  1.00 13.27 ? 74   VAL A CB  1 
ATOM   584  C  CG1 . VAL A 1 74  ? -5.082  11.478  -1.450  1.00 12.27 ? 74   VAL A CG1 1 
ATOM   585  C  CG2 . VAL A 1 74  ? -6.883  9.763   -1.821  1.00 12.83 ? 74   VAL A CG2 1 
ATOM   586  N  N   . ASP A 1 75  ? -5.473  12.499  1.877   1.00 14.80 ? 75   ASP A N   1 
ATOM   587  C  CA  . ASP A 1 75  ? -5.356  13.712  2.631   1.00 14.57 ? 75   ASP A CA  1 
ATOM   588  C  C   . ASP A 1 75  ? -3.956  14.215  2.353   1.00 14.60 ? 75   ASP A C   1 
ATOM   589  O  O   . ASP A 1 75  ? -2.979  13.800  2.970   1.00 15.35 ? 75   ASP A O   1 
ATOM   590  C  CB  . ASP A 1 75  ? -5.683  13.457  4.101   1.00 14.39 ? 75   ASP A CB  1 
ATOM   591  C  CG  . ASP A 1 75  ? -5.485  14.716  4.990   1.00 16.20 ? 75   ASP A CG  1 
ATOM   592  O  OD1 . ASP A 1 75  ? -5.044  15.782  4.494   1.00 14.02 ? 75   ASP A OD1 1 
ATOM   593  O  OD2 . ASP A 1 75  ? -5.768  14.611  6.201   1.00 17.14 ? 75   ASP A OD2 1 
ATOM   594  N  N   . HIS A 1 76  ? -3.921  15.104  1.368   1.00 15.83 ? 76   HIS A N   1 
ATOM   595  C  CA  . HIS A 1 76  ? -2.737  15.811  0.908   1.00 18.86 ? 76   HIS A CA  1 
ATOM   596  C  C   . HIS A 1 76  ? -2.111  16.687  1.945   1.00 18.96 ? 76   HIS A C   1 
ATOM   597  O  O   . HIS A 1 76  ? -0.958  17.072  1.790   1.00 20.48 ? 76   HIS A O   1 
ATOM   598  C  CB  . HIS A 1 76  ? -3.092  16.690  -0.300  1.00 20.38 ? 76   HIS A CB  1 
ATOM   599  C  CG  . HIS A 1 76  ? -3.445  15.904  -1.543  1.00 20.98 ? 76   HIS A CG  1 
ATOM   600  N  ND1 . HIS A 1 76  ? -4.610  15.217  -1.673  1.00 24.99 ? 76   HIS A ND1 1 
ATOM   601  C  CD2 . HIS A 1 76  ? -2.747  15.733  -2.752  1.00 21.78 ? 76   HIS A CD2 1 
ATOM   602  C  CE1 . HIS A 1 76  ? -4.638  14.625  -2.898  1.00 20.61 ? 76   HIS A CE1 1 
ATOM   603  N  NE2 . HIS A 1 76  ? -3.493  14.938  -3.542  1.00 21.54 ? 76   HIS A NE2 1 
ATOM   604  N  N   . THR A 1 77  ? -2.852  17.035  2.991   1.00 18.42 ? 77   THR A N   1 
ATOM   605  C  CA  . THR A 1 77  ? -2.353  18.004  3.979   1.00 20.10 ? 77   THR A CA  1 
ATOM   606  C  C   . THR A 1 77  ? -1.573  17.245  5.028   1.00 20.40 ? 77   THR A C   1 
ATOM   607  O  O   . THR A 1 77  ? -0.469  17.650  5.405   1.00 23.93 ? 77   THR A O   1 
ATOM   608  C  CB  . THR A 1 77  ? -3.501  18.808  4.647   1.00 20.48 ? 77   THR A CB  1 
ATOM   609  O  OG1 . THR A 1 77  ? -4.069  19.725  3.712   1.00 18.24 ? 77   THR A OG1 1 
ATOM   610  C  CG2 . THR A 1 77  ? -2.992  19.611  5.909   1.00 21.04 ? 77   THR A CG2 1 
ATOM   611  N  N   . ASN A 1 78  ? -2.130  16.140  5.504   1.00 18.39 ? 78   ASN A N   1 
ATOM   612  C  CA  . ASN A 1 78  ? -1.502  15.389  6.554   1.00 17.43 ? 78   ASN A CA  1 
ATOM   613  C  C   . ASN A 1 78  ? -0.867  14.166  6.022   1.00 16.93 ? 78   ASN A C   1 
ATOM   614  O  O   . ASN A 1 78  ? -0.472  13.344  6.782   1.00 16.77 ? 78   ASN A O   1 
ATOM   615  C  CB  . ASN A 1 78  ? -2.540  15.005  7.598   1.00 16.65 ? 78   ASN A CB  1 
ATOM   616  C  CG  . ASN A 1 78  ? -3.212  16.203  8.149   1.00 17.56 ? 78   ASN A CG  1 
ATOM   617  O  OD1 . ASN A 1 78  ? -2.536  17.061  8.689   1.00 19.29 ? 78   ASN A OD1 1 
ATOM   618  N  ND2 . ASN A 1 78  ? -4.534  16.321  7.955   1.00 17.95 ? 78   ASN A ND2 1 
ATOM   619  N  N   . PHE A 1 79  ? -0.754  14.058  4.720   1.00 17.56 ? 79   PHE A N   1 
ATOM   620  C  CA  . PHE A 1 79  ? -0.117  12.884  4.063   1.00 18.99 ? 79   PHE A CA  1 
ATOM   621  C  C   . PHE A 1 79  ? -0.684  11.543  4.539   1.00 19.44 ? 79   PHE A C   1 
ATOM   622  O  O   . PHE A 1 79  ? 0.061   10.620  4.907   1.00 18.08 ? 79   PHE A O   1 
ATOM   623  C  CB  . PHE A 1 79  ? 1.414   12.915  4.187   1.00 19.74 ? 79   PHE A CB  1 
ATOM   624  C  CG  . PHE A 1 79  ? 2.050   14.233  3.756   1.00 20.36 ? 79   PHE A CG  1 
ATOM   625  C  CD1 . PHE A 1 79  ? 1.731   14.813  2.504   1.00 20.51 ? 79   PHE A CD1 1 
ATOM   626  C  CD2 . PHE A 1 79  ? 2.999   14.856  4.570   1.00 20.16 ? 79   PHE A CD2 1 
ATOM   627  C  CE1 . PHE A 1 79  ? 2.293   16.018  2.125   1.00 21.09 ? 79   PHE A CE1 1 
ATOM   628  C  CE2 . PHE A 1 79  ? 3.579   16.070  4.195   1.00 21.09 ? 79   PHE A CE2 1 
ATOM   629  C  CZ  . PHE A 1 79  ? 3.237   16.648  2.956   1.00 20.47 ? 79   PHE A CZ  1 
ATOM   630  N  N   . LYS A 1 80  ? -2.023  11.486  4.571   1.00 21.13 ? 80   LYS A N   1 
ATOM   631  C  CA  . LYS A 1 80  ? -2.756  10.277  4.940   1.00 20.80 ? 80   LYS A CA  1 
ATOM   632  C  C   . LYS A 1 80  ? -3.445  9.651   3.721   1.00 18.63 ? 80   LYS A C   1 
ATOM   633  O  O   . LYS A 1 80  ? -3.997  10.366  2.870   1.00 17.24 ? 80   LYS A O   1 
ATOM   634  C  CB  . LYS A 1 80  ? -3.828  10.559  5.992   1.00 23.93 ? 80   LYS A CB  1 
ATOM   635  C  CG  . LYS A 1 80  ? -3.345  11.257  7.243   1.00 26.02 ? 80   LYS A CG  1 
ATOM   636  C  CD  . LYS A 1 80  ? -4.480  11.683  8.177   1.00 28.94 ? 80   LYS A CD  1 
ATOM   637  C  CE  . LYS A 1 80  ? -5.536  10.595  8.374   1.00 30.70 ? 80   LYS A CE  1 
ATOM   638  N  NZ  . LYS A 1 80  ? -6.689  11.063  9.186   1.00 33.05 ? 80   LYS A NZ  1 
ATOM   639  N  N   . TYR A 1 81  ? -3.448  8.312   3.674   1.00 16.12 ? 81   TYR A N   1 
ATOM   640  C  CA  . TYR A 1 81  ? -4.041  7.579   2.556   1.00 15.35 ? 81   TYR A CA  1 
ATOM   641  C  C   . TYR A 1 81  ? -4.672  6.321   3.079   1.00 14.72 ? 81   TYR A C   1 
ATOM   642  O  O   . TYR A 1 81  ? -3.959  5.480   3.607   1.00 14.60 ? 81   TYR A O   1 
ATOM   643  C  CB  . TYR A 1 81  ? -2.952  7.194   1.558   1.00 16.05 ? 81   TYR A CB  1 
ATOM   644  C  CG  . TYR A 1 81  ? -3.460  6.600   0.266   1.00 16.60 ? 81   TYR A CG  1 
ATOM   645  C  CD1 . TYR A 1 81  ? -3.938  7.430   -0.758  1.00 18.15 ? 81   TYR A CD1 1 
ATOM   646  C  CD2 . TYR A 1 81  ? -3.443  5.249   0.039   1.00 16.83 ? 81   TYR A CD2 1 
ATOM   647  C  CE1 . TYR A 1 81  ? -4.407  6.930   -1.953  1.00 17.95 ? 81   TYR A CE1 1 
ATOM   648  C  CE2 . TYR A 1 81  ? -3.939  4.722   -1.172  1.00 16.85 ? 81   TYR A CE2 1 
ATOM   649  C  CZ  . TYR A 1 81  ? -4.422  5.556   -2.149  1.00 17.33 ? 81   TYR A CZ  1 
ATOM   650  O  OH  . TYR A 1 81  ? -4.828  5.092   -3.372  1.00 17.00 ? 81   TYR A OH  1 
ATOM   651  N  N   . ASN A 1 82  ? -5.987  6.193   2.903   1.00 12.84 ? 82   ASN A N   1 
ATOM   652  C  CA  . ASN A 1 82  ? -6.753  5.066   3.340   1.00 12.97 ? 82   ASN A CA  1 
ATOM   653  C  C   . ASN A 1 82  ? -7.319  4.360   2.108   1.00 12.37 ? 82   ASN A C   1 
ATOM   654  O  O   . ASN A 1 82  ? -7.752  5.020   1.161   1.00 11.44 ? 82   ASN A O   1 
ATOM   655  C  CB  . ASN A 1 82  ? -7.873  5.526   4.271   1.00 15.02 ? 82   ASN A CB  1 
ATOM   656  C  CG  . ASN A 1 82  ? -7.329  6.238   5.490   1.00 16.19 ? 82   ASN A CG  1 
ATOM   657  O  OD1 . ASN A 1 82  ? -6.178  6.066   5.823   1.00 22.47 ? 82   ASN A OD1 1 
ATOM   658  N  ND2 . ASN A 1 82  ? -8.116  7.043   6.116   1.00 19.04 ? 82   ASN A ND2 1 
ATOM   659  N  N   . TYR A 1 83  ? -7.235  3.039   2.118   1.00 11.40 ? 83   TYR A N   1 
ATOM   660  C  CA  . TYR A 1 83  ? -7.673  2.221   0.972   1.00 12.54 ? 83   TYR A CA  1 
ATOM   661  C  C   . TYR A 1 83  ? -8.062  0.854   1.499   1.00 11.28 ? 83   TYR A C   1 
ATOM   662  O  O   . TYR A 1 83  ? -7.562  0.443   2.537   1.00 11.56 ? 83   TYR A O   1 
ATOM   663  C  CB  . TYR A 1 83  ? -6.540  2.141   -0.099  1.00 11.80 ? 83   TYR A CB  1 
ATOM   664  C  CG  . TYR A 1 83  ? -5.427  1.231   0.276   1.00 12.71 ? 83   TYR A CG  1 
ATOM   665  C  CD1 . TYR A 1 83  ? -5.490  -0.159  0.044   1.00 13.07 ? 83   TYR A CD1 1 
ATOM   666  C  CD2 . TYR A 1 83  ? -4.277  1.743   0.842   1.00 14.21 ? 83   TYR A CD2 1 
ATOM   667  C  CE1 . TYR A 1 83  ? -4.430  -0.971  0.367   1.00 14.13 ? 83   TYR A CE1 1 
ATOM   668  C  CE2 . TYR A 1 83  ? -3.229  0.942   1.194   1.00 14.14 ? 83   TYR A CE2 1 
ATOM   669  C  CZ  . TYR A 1 83  ? -3.289  -0.393  0.940   1.00 14.84 ? 83   TYR A CZ  1 
ATOM   670  O  OH  . TYR A 1 83  ? -2.192  -1.115  1.359   1.00 17.24 ? 83   TYR A OH  1 
ATOM   671  N  N   . SER A 1 84  ? -8.898  0.126   0.786   1.00 11.50 ? 84   SER A N   1 
ATOM   672  C  CA  . SER A 1 84  ? -9.360  -1.190  1.273   1.00 12.64 ? 84   SER A CA  1 
ATOM   673  C  C   . SER A 1 84  ? -9.094  -2.229  0.202   1.00 12.65 ? 84   SER A C   1 
ATOM   674  O  O   . SER A 1 84  ? -9.341  -1.941  -0.943  1.00 14.61 ? 84   SER A O   1 
ATOM   675  C  CB  . SER A 1 84  ? -10.847 -1.147  1.615   1.00 13.57 ? 84   SER A CB  1 
ATOM   676  O  OG  . SER A 1 84  ? -11.105 -0.276  2.702   1.00 13.72 ? 84   SER A OG  1 
ATOM   677  N  N   . VAL A 1 85  ? -8.544  -3.395  0.542   1.00 12.97 ? 85   VAL A N   1 
ATOM   678  C  CA  . VAL A 1 85  ? -8.536  -4.555  -0.360  1.00 12.43 ? 85   VAL A CA  1 
ATOM   679  C  C   . VAL A 1 85  ? -9.933  -5.153  -0.264  1.00 13.02 ? 85   VAL A C   1 
ATOM   680  O  O   . VAL A 1 85  ? -10.353 -5.599  0.824   1.00 12.10 ? 85   VAL A O   1 
ATOM   681  C  CB  . VAL A 1 85  ? -7.441  -5.579  0.039   1.00 12.87 ? 85   VAL A CB  1 
ATOM   682  C  CG1 . VAL A 1 85  ? -7.392  -6.743  -0.928  1.00 11.21 ? 85   VAL A CG1 1 
ATOM   683  C  CG2 . VAL A 1 85  ? -6.057  -4.876  0.215   1.00 11.93 ? 85   VAL A CG2 1 
ATOM   684  N  N   . ILE A 1 86  ? -10.663 -5.132  -1.390  1.00 13.28 ? 86   ILE A N   1 
ATOM   685  C  CA  . ILE A 1 86  ? -12.117 -5.471  -1.417  1.00 14.09 ? 86   ILE A CA  1 
ATOM   686  C  C   . ILE A 1 86  ? -12.430 -6.758  -2.231  1.00 14.51 ? 86   ILE A C   1 
ATOM   687  O  O   . ILE A 1 86  ? -13.504 -7.316  -2.089  1.00 13.71 ? 86   ILE A O   1 
ATOM   688  C  CB  . ILE A 1 86  ? -13.036 -4.268  -1.890  1.00 14.69 ? 86   ILE A CB  1 
ATOM   689  C  CG1 . ILE A 1 86  ? -12.491 -3.532  -3.126  1.00 14.22 ? 86   ILE A CG1 1 
ATOM   690  C  CG2 . ILE A 1 86  ? -13.138 -3.165  -0.845  1.00 15.13 ? 86   ILE A CG2 1 
ATOM   691  C  CD1 . ILE A 1 86  ? -12.830 -4.110  -4.449  1.00 13.72 ? 86   ILE A CD1 1 
ATOM   692  N  N   . GLU A 1 87  ? -11.508 -7.234  -3.079  1.00 15.58 ? 87   GLU A N   1 
ATOM   693  C  CA  . GLU A 1 87  ? -11.756 -8.440  -3.859  1.00 16.59 ? 87   GLU A CA  1 
ATOM   694  C  C   . GLU A 1 87  ? -10.484 -9.118  -4.277  1.00 16.42 ? 87   GLU A C   1 
ATOM   695  O  O   . GLU A 1 87  ? -9.477  -8.466  -4.499  1.00 14.29 ? 87   GLU A O   1 
ATOM   696  C  CB  . GLU A 1 87  ? -12.518 -8.031  -5.088  1.00 19.79 ? 87   GLU A CB  1 
ATOM   697  C  CG  . GLU A 1 87  ? -13.267 -9.146  -5.720  1.00 24.45 ? 87   GLU A CG  1 
ATOM   698  C  CD  . GLU A 1 87  ? -13.550 -8.812  -7.144  1.00 29.12 ? 87   GLU A CD  1 
ATOM   699  O  OE1 . GLU A 1 87  ? -14.580 -8.126  -7.347  1.00 30.52 ? 87   GLU A OE1 1 
ATOM   700  O  OE2 . GLU A 1 87  ? -12.682 -9.167  -7.996  1.00 36.43 ? 87   GLU A OE2 1 
ATOM   701  N  N   . GLY A 1 88  ? -10.523 -10.441 -4.430  1.00 16.84 ? 88   GLY A N   1 
ATOM   702  C  CA  . GLY A 1 88  ? -9.369  -11.152 -4.967  1.00 16.18 ? 88   GLY A CA  1 
ATOM   703  C  C   . GLY A 1 88  ? -8.404  -11.629 -3.906  1.00 17.46 ? 88   GLY A C   1 
ATOM   704  O  O   . GLY A 1 88  ? -8.522  -11.298 -2.720  1.00 14.55 ? 88   GLY A O   1 
ATOM   705  N  N   . GLY A 1 89  ? -7.436  -12.440 -4.320  1.00 17.71 ? 89   GLY A N   1 
ATOM   706  C  CA  . GLY A 1 89  ? -6.427  -12.942 -3.420  1.00 18.89 ? 89   GLY A CA  1 
ATOM   707  C  C   . GLY A 1 89  ? -7.028  -13.567 -2.185  1.00 19.51 ? 89   GLY A C   1 
ATOM   708  O  O   . GLY A 1 89  ? -7.796  -14.513 -2.287  1.00 20.74 ? 89   GLY A O   1 
ATOM   709  N  N   . PRO A 1 90  ? -6.688  -13.049 -0.996  1.00 19.85 ? 90   PRO A N   1 
ATOM   710  C  CA  . PRO A 1 90  ? -7.278  -13.597 0.207   1.00 19.99 ? 90   PRO A CA  1 
ATOM   711  C  C   . PRO A 1 90  ? -8.745  -13.250 0.448   1.00 20.39 ? 90   PRO A C   1 
ATOM   712  O  O   . PRO A 1 90  ? -9.355  -13.888 1.315   1.00 23.09 ? 90   PRO A O   1 
ATOM   713  C  CB  . PRO A 1 90  ? -6.412  -13.002 1.300   1.00 20.00 ? 90   PRO A CB  1 
ATOM   714  C  CG  . PRO A 1 90  ? -6.087  -11.674 0.770   1.00 20.16 ? 90   PRO A CG  1 
ATOM   715  C  CD  . PRO A 1 90  ? -5.802  -11.921 -0.685  1.00 21.05 ? 90   PRO A CD  1 
ATOM   716  N  N   . ILE A 1 91  ? -9.333  -12.269 -0.254  1.00 17.81 ? 91   ILE A N   1 
ATOM   717  C  CA  . ILE A 1 91  ? -10.751 -11.952 -0.065  1.00 16.41 ? 91   ILE A CA  1 
ATOM   718  C  C   . ILE A 1 91  ? -11.655 -13.089 -0.554  1.00 18.94 ? 91   ILE A C   1 
ATOM   719  O  O   . ILE A 1 91  ? -11.534 -13.598 -1.700  1.00 17.70 ? 91   ILE A O   1 
ATOM   720  C  CB  . ILE A 1 91  ? -11.188 -10.636 -0.752  1.00 16.13 ? 91   ILE A CB  1 
ATOM   721  C  CG1 . ILE A 1 91  ? -10.243 -9.487  -0.384  1.00 15.46 ? 91   ILE A CG1 1 
ATOM   722  C  CG2 . ILE A 1 91  ? -12.616 -10.293 -0.374  1.00 15.79 ? 91   ILE A CG2 1 
ATOM   723  C  CD1 . ILE A 1 91  ? -9.764  -9.461  1.072   1.00 14.36 ? 91   ILE A CD1 1 
ATOM   724  N  N   . GLY A 1 92  ? -12.609 -13.446 0.303   1.00 18.20 ? 92   GLY A N   1 
ATOM   725  C  CA  . GLY A 1 92  ? -13.418 -14.588 0.059   1.00 21.73 ? 92   GLY A CA  1 
ATOM   726  C  C   . GLY A 1 92  ? -14.303 -14.929 1.229   1.00 23.59 ? 92   GLY A C   1 
ATOM   727  O  O   . GLY A 1 92  ? -14.720 -14.058 2.030   1.00 25.12 ? 92   GLY A O   1 
ATOM   728  N  N   . ASP A 1 93  ? -14.584 -16.213 1.346   1.00 28.69 ? 93   ASP A N   1 
ATOM   729  C  CA  . ASP A 1 93  ? -15.522 -16.703 2.363   1.00 30.62 ? 93   ASP A CA  1 
ATOM   730  C  C   . ASP A 1 93  ? -14.998 -16.639 3.789   1.00 29.76 ? 93   ASP A C   1 
ATOM   731  O  O   . ASP A 1 93  ? -15.731 -17.019 4.690   1.00 37.76 ? 93   ASP A O   1 
ATOM   732  C  CB  . ASP A 1 93  ? -15.952 -18.163 2.041   1.00 33.14 ? 93   ASP A CB  1 
ATOM   733  C  CG  . ASP A 1 93  ? -14.765 -19.128 1.886   1.00 35.85 ? 93   ASP A CG  1 
ATOM   734  O  OD1 . ASP A 1 93  ? -13.656 -18.836 2.396   1.00 37.12 ? 93   ASP A OD1 1 
ATOM   735  O  OD2 . ASP A 1 93  ? -14.951 -20.200 1.225   1.00 43.78 ? 93   ASP A OD2 1 
ATOM   736  N  N   . THR A 1 94  ? -13.738 -16.251 4.003   1.00 28.82 ? 94   THR A N   1 
ATOM   737  C  CA  . THR A 1 94  ? -13.180 -16.083 5.363   1.00 28.51 ? 94   THR A CA  1 
ATOM   738  C  C   . THR A 1 94  ? -12.689 -14.655 5.665   1.00 27.46 ? 94   THR A C   1 
ATOM   739  O  O   . THR A 1 94  ? -12.348 -14.327 6.809   1.00 29.47 ? 94   THR A O   1 
ATOM   740  C  CB  . THR A 1 94  ? -12.005 -17.048 5.566   1.00 32.27 ? 94   THR A CB  1 
ATOM   741  O  OG1 . THR A 1 94  ? -10.983 -16.769 4.603   1.00 32.88 ? 94   THR A OG1 1 
ATOM   742  C  CG2 . THR A 1 94  ? -12.469 -18.491 5.345   1.00 35.37 ? 94   THR A CG2 1 
ATOM   743  N  N   . LEU A 1 95  ? -12.621 -13.811 4.642   1.00 23.54 ? 95   LEU A N   1 
ATOM   744  C  CA  . LEU A 1 95  ? -12.073 -12.469 4.797   1.00 21.21 ? 95   LEU A CA  1 
ATOM   745  C  C   . LEU A 1 95  ? -12.892 -11.606 3.904   1.00 19.06 ? 95   LEU A C   1 
ATOM   746  O  O   . LEU A 1 95  ? -12.895 -11.801 2.678   1.00 19.00 ? 95   LEU A O   1 
ATOM   747  C  CB  . LEU A 1 95  ? -10.580 -12.401 4.400   1.00 19.34 ? 95   LEU A CB  1 
ATOM   748  C  CG  . LEU A 1 95  ? -9.905  -11.030 4.572   1.00 18.81 ? 95   LEU A CG  1 
ATOM   749  C  CD1 . LEU A 1 95  ? -9.961  -10.581 6.033   1.00 17.76 ? 95   LEU A CD1 1 
ATOM   750  C  CD2 . LEU A 1 95  ? -8.484  -11.035 4.079   1.00 17.65 ? 95   LEU A CD2 1 
ATOM   751  N  N   . GLU A 1 96  ? -13.571 -10.650 4.505   1.00 17.82 ? 96   GLU A N   1 
ATOM   752  C  CA  . GLU A 1 96  ? -14.425 -9.746  3.771   1.00 19.94 ? 96   GLU A CA  1 
ATOM   753  C  C   . GLU A 1 96  ? -13.650 -8.577  3.134   1.00 16.99 ? 96   GLU A C   1 
ATOM   754  O  O   . GLU A 1 96  ? -13.870 -8.255  1.985   1.00 16.22 ? 96   GLU A O   1 
ATOM   755  C  CB  . GLU A 1 96  ? -15.532 -9.218  4.665   1.00 24.80 ? 96   GLU A CB  1 
ATOM   756  C  CG  . GLU A 1 96  ? -16.276 -10.314 5.419   1.00 31.67 ? 96   GLU A CG  1 
ATOM   757  C  CD  . GLU A 1 96  ? -17.241 -9.765  6.469   1.00 39.34 ? 96   GLU A CD  1 
ATOM   758  O  OE1 . GLU A 1 96  ? -16.865 -8.825  7.254   1.00 47.17 ? 96   GLU A OE1 1 
ATOM   759  O  OE2 . GLU A 1 96  ? -18.375 -10.298 6.523   1.00 46.15 ? 96   GLU A OE2 1 
ATOM   760  N  N   . LYS A 1 97  ? -12.756 -7.943  3.881   1.00 15.58 ? 97   LYS A N   1 
ATOM   761  C  CA  . LYS A 1 97  ? -12.074 -6.727  3.432   1.00 14.93 ? 97   LYS A CA  1 
ATOM   762  C  C   . LYS A 1 97  ? -10.849 -6.529  4.327   1.00 13.56 ? 97   LYS A C   1 
ATOM   763  O  O   . LYS A 1 97  ? -10.876 -7.009  5.425   1.00 11.97 ? 97   LYS A O   1 
ATOM   764  C  CB  . LYS A 1 97  ? -13.044 -5.552  3.519   1.00 15.91 ? 97   LYS A CB  1 
ATOM   765  C  CG  . LYS A 1 97  ? -12.490 -4.150  3.349   1.00 16.83 ? 97   LYS A CG  1 
ATOM   766  C  CD  . LYS A 1 97  ? -13.605 -3.072  3.595   1.00 17.31 ? 97   LYS A CD  1 
ATOM   767  C  CE  . LYS A 1 97  ? -14.339 -3.123  4.931   1.00 17.66 ? 97   LYS A CE  1 
ATOM   768  N  NZ  . LYS A 1 97  ? -15.044 -1.791  5.135   1.00 16.75 ? 97   LYS A NZ  1 
ATOM   769  N  N   . ILE A 1 98  ? -9.785  -5.898  3.792   1.00 12.77 ? 98   ILE A N   1 
ATOM   770  C  CA  . ILE A 1 98  ? -8.639  -5.369  4.545   1.00 12.72 ? 98   ILE A CA  1 
ATOM   771  C  C   . ILE A 1 98  ? -8.686  -3.865  4.333   1.00 13.40 ? 98   ILE A C   1 
ATOM   772  O  O   . ILE A 1 98  ? -8.600  -3.396  3.175   1.00 12.45 ? 98   ILE A O   1 
ATOM   773  C  CB  . ILE A 1 98  ? -7.266  -5.926  4.074   1.00 12.32 ? 98   ILE A CB  1 
ATOM   774  C  CG1 . ILE A 1 98  ? -7.252  -7.440  3.892   1.00 12.50 ? 98   ILE A CG1 1 
ATOM   775  C  CG2 . ILE A 1 98  ? -6.166  -5.537  5.039   1.00 12.38 ? 98   ILE A CG2 1 
ATOM   776  C  CD1 . ILE A 1 98  ? -6.042  -7.973  3.142   1.00 12.05 ? 98   ILE A CD1 1 
ATOM   777  N  N   . SER A 1 99  ? -8.940  -3.123  5.407   1.00 14.25 ? 99   SER A N   1 
ATOM   778  C  CA  . SER A 1 99  ? -8.922  -1.648  5.435   1.00 15.88 ? 99   SER A CA  1 
ATOM   779  C  C   . SER A 1 99  ? -7.609  -1.060  5.962   1.00 16.63 ? 99   SER A C   1 
ATOM   780  O  O   . SER A 1 99  ? -7.335  -1.093  7.172   1.00 15.89 ? 99   SER A O   1 
ATOM   781  C  CB  . SER A 1 99  ? -10.037 -1.102  6.337   1.00 17.46 ? 99   SER A CB  1 
ATOM   782  O  OG  . SER A 1 99  ? -11.294 -1.475  5.783   1.00 23.08 ? 99   SER A OG  1 
ATOM   783  N  N   . ASN A 1 100 ? -6.814  -0.471  5.085   1.00 16.38 ? 100  ASN A N   1 
ATOM   784  C  CA  . ASN A 1 100 ? -5.499  -0.012  5.519   1.00 17.23 ? 100  ASN A CA  1 
ATOM   785  C  C   . ASN A 1 100 ? -5.440  1.517   5.555   1.00 18.54 ? 100  ASN A C   1 
ATOM   786  O  O   . ASN A 1 100 ? -6.163  2.214   4.838   1.00 17.83 ? 100  ASN A O   1 
ATOM   787  C  CB  . ASN A 1 100 ? -4.397  -0.565  4.637   1.00 18.15 ? 100  ASN A CB  1 
ATOM   788  C  CG  . ASN A 1 100 ? -4.411  -2.089  4.528   1.00 18.72 ? 100  ASN A CG  1 
ATOM   789  O  OD1 . ASN A 1 100 ? -4.568  -2.790  5.511   1.00 18.52 ? 100  ASN A OD1 1 
ATOM   790  N  ND2 . ASN A 1 100 ? -4.212  -2.597  3.332   1.00 19.74 ? 100  ASN A ND2 1 
ATOM   791  N  N   . GLU A 1 101 ? -4.599  2.028   6.446   1.00 20.43 ? 101  GLU A N   1 
ATOM   792  C  CA  . GLU A 1 101 ? -4.368  3.451   6.613   1.00 22.46 ? 101  GLU A CA  1 
ATOM   793  C  C   . GLU A 1 101 ? -2.862  3.703   6.646   1.00 22.92 ? 101  GLU A C   1 
ATOM   794  O  O   . GLU A 1 101 ? -2.156  3.092   7.465   1.00 22.00 ? 101  GLU A O   1 
ATOM   795  C  CB  . GLU A 1 101 ? -5.004  3.910   7.911   1.00 24.47 ? 101  GLU A CB  1 
ATOM   796  C  CG  . GLU A 1 101 ? -6.480  3.582   8.006   1.00 28.49 ? 101  GLU A CG  1 
ATOM   797  C  CD  . GLU A 1 101 ? -7.172  4.289   9.155   1.00 33.58 ? 101  GLU A CD  1 
ATOM   798  O  OE1 . GLU A 1 101 ? -6.446  4.775   10.058  1.00 38.39 ? 101  GLU A OE1 1 
ATOM   799  O  OE2 . GLU A 1 101 ? -8.433  4.365   9.131   1.00 34.58 ? 101  GLU A OE2 1 
ATOM   800  N  N   . ILE A 1 102 ? -2.364  4.552   5.740   1.00 22.46 ? 102  ILE A N   1 
ATOM   801  C  CA  . ILE A 1 102 ? -0.950  4.950   5.725   1.00 22.41 ? 102  ILE A CA  1 
ATOM   802  C  C   . ILE A 1 102 ? -0.875  6.446   6.097   1.00 23.31 ? 102  ILE A C   1 
ATOM   803  O  O   . ILE A 1 102 ? -1.570  7.258   5.491   1.00 23.54 ? 102  ILE A O   1 
ATOM   804  C  CB  . ILE A 1 102 ? -0.303  4.706   4.354   1.00 23.20 ? 102  ILE A CB  1 
ATOM   805  C  CG1 . ILE A 1 102 ? -0.553  3.266   3.864   1.00 21.83 ? 102  ILE A CG1 1 
ATOM   806  C  CG2 . ILE A 1 102 ? 1.204   4.930   4.406   1.00 20.92 ? 102  ILE A CG2 1 
ATOM   807  C  CD1 . ILE A 1 102 ? 0.067   2.899   2.520   1.00 20.63 ? 102  ILE A CD1 1 
ATOM   808  N  N   . LYS A 1 103 ? -0.107  6.809   7.123   1.00 20.56 ? 103  LYS A N   1 
ATOM   809  C  CA  . LYS A 1 103 ? 0.236   8.223   7.335   1.00 21.21 ? 103  LYS A CA  1 
ATOM   810  C  C   . LYS A 1 103 ? 1.758   8.420   7.297   1.00 19.47 ? 103  LYS A C   1 
ATOM   811  O  O   . LYS A 1 103 ? 2.507   7.609   7.863   1.00 18.17 ? 103  LYS A O   1 
ATOM   812  C  CB  . LYS A 1 103 ? -0.311  8.728   8.664   1.00 23.55 ? 103  LYS A CB  1 
ATOM   813  C  CG  . LYS A 1 103 ? -0.005  10.213  8.935   1.00 25.87 ? 103  LYS A CG  1 
ATOM   814  C  CD  . LYS A 1 103 ? -0.884  10.788  10.047  1.00 27.75 ? 103  LYS A CD  1 
ATOM   815  C  CE  . LYS A 1 103 ? -0.327  12.081  10.663  1.00 31.05 ? 103  LYS A CE  1 
ATOM   816  N  NZ  . LYS A 1 103 ? -0.247  13.254  9.725   1.00 29.96 ? 103  LYS A NZ  1 
ATOM   817  N  N   . ILE A 1 104 ? 2.222   9.481   6.637   1.00 17.02 ? 104  ILE A N   1 
ATOM   818  C  CA  . ILE A 1 104 ? 3.649   9.714   6.485   1.00 15.68 ? 104  ILE A CA  1 
ATOM   819  C  C   . ILE A 1 104 ? 4.002   10.999  7.241   1.00 16.49 ? 104  ILE A C   1 
ATOM   820  O  O   . ILE A 1 104 ? 3.514   12.070  6.923   1.00 15.96 ? 104  ILE A O   1 
ATOM   821  C  CB  . ILE A 1 104 ? 4.115   9.804   4.989   1.00 15.27 ? 104  ILE A CB  1 
ATOM   822  C  CG1 . ILE A 1 104 ? 3.582   8.630   4.142   1.00 14.17 ? 104  ILE A CG1 1 
ATOM   823  C  CG2 . ILE A 1 104 ? 5.665   9.909   4.905   1.00 14.37 ? 104  ILE A CG2 1 
ATOM   824  C  CD1 . ILE A 1 104 ? 4.073   8.614   2.705   1.00 14.15 ? 104  ILE A CD1 1 
ATOM   825  N  N   . VAL A 1 105 ? 4.891   10.886  8.221   1.00 16.57 ? 105  VAL A N   1 
ATOM   826  C  CA  . VAL A 1 105 ? 5.276   12.040  9.016   1.00 18.00 ? 105  VAL A CA  1 
ATOM   827  C  C   . VAL A 1 105 ? 6.734   12.457  8.833   1.00 17.77 ? 105  VAL A C   1 
ATOM   828  O  O   . VAL A 1 105 ? 7.640   11.612  8.831   1.00 16.90 ? 105  VAL A O   1 
ATOM   829  C  CB  . VAL A 1 105 ? 4.936   11.828  10.513  1.00 19.01 ? 105  VAL A CB  1 
ATOM   830  C  CG1 . VAL A 1 105 ? 3.598   11.100  10.659  1.00 18.28 ? 105  VAL A CG1 1 
ATOM   831  C  CG2 . VAL A 1 105 ? 6.045   11.100  11.241  1.00 21.16 ? 105  VAL A CG2 1 
ATOM   832  N  N   . ALA A 1 106 ? 6.957   13.766  8.686   1.00 17.23 ? 106  ALA A N   1 
ATOM   833  C  CA  . ALA A 1 106 ? 8.299   14.319  8.548   1.00 18.41 ? 106  ALA A CA  1 
ATOM   834  C  C   . ALA A 1 106 ? 9.142   14.027  9.779   1.00 19.80 ? 106  ALA A C   1 
ATOM   835  O  O   . ALA A 1 106 ? 8.641   14.054  10.913  1.00 19.44 ? 106  ALA A O   1 
ATOM   836  C  CB  . ALA A 1 106 ? 8.238   15.830  8.303   1.00 19.67 ? 106  ALA A CB  1 
ATOM   837  N  N   . THR A 1 107 ? 10.408  13.699  9.573   1.00 20.12 ? 107  THR A N   1 
ATOM   838  C  CA  . THR A 1 107 ? 11.372  13.781  10.663  1.00 21.66 ? 107  THR A CA  1 
ATOM   839  C  C   . THR A 1 107 ? 12.381  14.927  10.417  1.00 24.39 ? 107  THR A C   1 
ATOM   840  O  O   . THR A 1 107 ? 12.592  15.351  9.281   1.00 22.66 ? 107  THR A O   1 
ATOM   841  C  CB  . THR A 1 107 ? 12.072  12.474  10.911  1.00 22.12 ? 107  THR A CB  1 
ATOM   842  O  OG1 . THR A 1 107 ? 12.812  12.099  9.739   1.00 24.99 ? 107  THR A OG1 1 
ATOM   843  C  CG2 . THR A 1 107 ? 11.048  11.410  11.296  1.00 20.88 ? 107  THR A CG2 1 
ATOM   844  N  N   . PRO A 1 108 ? 12.966  15.482  11.502  1.00 26.03 ? 108  PRO A N   1 
ATOM   845  C  CA  . PRO A 1 108 ? 13.798  16.660  11.336  1.00 24.46 ? 108  PRO A CA  1 
ATOM   846  C  C   . PRO A 1 108 ? 15.143  16.384  10.591  1.00 23.71 ? 108  PRO A C   1 
ATOM   847  O  O   . PRO A 1 108 ? 15.720  17.306  10.055  1.00 22.49 ? 108  PRO A O   1 
ATOM   848  C  CB  . PRO A 1 108 ? 13.965  17.181  12.773  1.00 27.68 ? 108  PRO A CB  1 
ATOM   849  C  CG  . PRO A 1 108 ? 13.630  16.042  13.659  1.00 27.19 ? 108  PRO A CG  1 
ATOM   850  C  CD  . PRO A 1 108 ? 12.781  15.089  12.915  1.00 26.94 ? 108  PRO A CD  1 
ATOM   851  N  N   . ASP A 1 109 ? 15.584  15.139  10.446  1.00 24.07 ? 109  ASP A N   1 
ATOM   852  C  CA  . ASP A 1 109 ? 16.837  14.864  9.705   1.00 23.80 ? 109  ASP A CA  1 
ATOM   853  C  C   . ASP A 1 109 ? 16.666  14.838  8.183   1.00 25.32 ? 109  ASP A C   1 
ATOM   854  O  O   . ASP A 1 109 ? 17.637  14.592  7.445   1.00 24.67 ? 109  ASP A O   1 
ATOM   855  C  CB  . ASP A 1 109 ? 17.456  13.561  10.176  1.00 25.99 ? 109  ASP A CB  1 
ATOM   856  C  CG  . ASP A 1 109 ? 16.581  12.346  9.896   1.00 28.89 ? 109  ASP A CG  1 
ATOM   857  O  OD1 . ASP A 1 109 ? 15.352  12.462  9.586   1.00 31.06 ? 109  ASP A OD1 1 
ATOM   858  O  OD2 . ASP A 1 109 ? 17.146  11.240  9.963   1.00 34.25 ? 109  ASP A OD2 1 
ATOM   859  N  N   . GLY A 1 110 ? 15.434  15.080  7.716   1.00 22.43 ? 110  GLY A N   1 
ATOM   860  C  CA  . GLY A 1 110 ? 15.124  15.089  6.297   1.00 23.30 ? 110  GLY A CA  1 
ATOM   861  C  C   . GLY A 1 110 ? 14.439  13.832  5.818   1.00 22.16 ? 110  GLY A C   1 
ATOM   862  O  O   . GLY A 1 110 ? 14.075  13.730  4.660   1.00 21.95 ? 110  GLY A O   1 
ATOM   863  N  N   . GLY A 1 111 ? 14.244  12.888  6.721   1.00 20.04 ? 111  GLY A N   1 
ATOM   864  C  CA  . GLY A 1 111 ? 13.604  11.629  6.366   1.00 19.05 ? 111  GLY A CA  1 
ATOM   865  C  C   . GLY A 1 111 ? 12.120  11.650  6.683   1.00 17.57 ? 111  GLY A C   1 
ATOM   866  O  O   . GLY A 1 111 ? 11.499  12.706  6.842   1.00 18.08 ? 111  GLY A O   1 
ATOM   867  N  N   . SER A 1 112 ? 11.537  10.481  6.791   1.00 17.20 ? 112  SER A N   1 
ATOM   868  C  CA  . SER A 1 112 ? 10.117  10.410  7.152   1.00 16.79 ? 112  SER A CA  1 
ATOM   869  C  C   . SER A 1 112 ? 9.827   9.130   7.902   1.00 16.46 ? 112  SER A C   1 
ATOM   870  O  O   . SER A 1 112 ? 10.662  8.222   7.945   1.00 15.14 ? 112  SER A O   1 
ATOM   871  C  CB  . SER A 1 112 ? 9.239   10.572  5.891   1.00 17.03 ? 112  SER A CB  1 
ATOM   872  O  OG  . SER A 1 112 ? 9.362   9.474   5.055   1.00 17.65 ? 112  SER A OG  1 
ATOM   873  N  N   . ILE A 1 113 ? 8.649   9.058   8.509   1.00 16.18 ? 113  ILE A N   1 
ATOM   874  C  CA  . ILE A 1 113 ? 8.234   7.864   9.217   1.00 17.31 ? 113  ILE A CA  1 
ATOM   875  C  C   . ILE A 1 113 ? 6.850   7.568   8.671   1.00 17.67 ? 113  ILE A C   1 
ATOM   876  O  O   . ILE A 1 113 ? 6.062   8.473   8.437   1.00 16.76 ? 113  ILE A O   1 
ATOM   877  C  CB  . ILE A 1 113 ? 8.175   8.069   10.742  1.00 18.14 ? 113  ILE A CB  1 
ATOM   878  C  CG1 . ILE A 1 113 ? 9.591   8.194   11.311  1.00 19.65 ? 113  ILE A CG1 1 
ATOM   879  C  CG2 . ILE A 1 113 ? 7.429   6.929   11.410  1.00 19.38 ? 113  ILE A CG2 1 
ATOM   880  C  CD1 . ILE A 1 113 ? 9.635   8.511   12.802  1.00 19.26 ? 113  ILE A CD1 1 
ATOM   881  N  N   . LEU A 1 114 ? 6.610   6.308   8.392   1.00 18.44 ? 114  LEU A N   1 
ATOM   882  C  CA  . LEU A 1 114 ? 5.365   5.874   7.850   1.00 19.19 ? 114  LEU A CA  1 
ATOM   883  C  C   . LEU A 1 114 ? 4.715   5.010   8.906   1.00 19.47 ? 114  LEU A C   1 
ATOM   884  O  O   . LEU A 1 114 ? 5.298   4.025   9.352   1.00 23.44 ? 114  LEU A O   1 
ATOM   885  C  CB  . LEU A 1 114 ? 5.571   5.075   6.579   1.00 19.54 ? 114  LEU A CB  1 
ATOM   886  C  CG  . LEU A 1 114 ? 6.179   5.680   5.318   1.00 19.57 ? 114  LEU A CG  1 
ATOM   887  C  CD1 . LEU A 1 114 ? 7.716   5.628   5.394   1.00 20.02 ? 114  LEU A CD1 1 
ATOM   888  C  CD2 . LEU A 1 114 ? 5.596   4.926   4.108   1.00 19.47 ? 114  LEU A CD2 1 
ATOM   889  N  N   . LYS A 1 115 ? 3.536   5.409   9.340   1.00 17.88 ? 115  LYS A N   1 
ATOM   890  C  CA  . LYS A 1 115 ? 2.798   4.647   10.305  1.00 19.60 ? 115  LYS A CA  1 
ATOM   891  C  C   . LYS A 1 115 ? 1.645   3.991   9.551   1.00 18.74 ? 115  LYS A C   1 
ATOM   892  O  O   . LYS A 1 115 ? 0.834   4.683   8.923   1.00 17.94 ? 115  LYS A O   1 
ATOM   893  C  CB  . LYS A 1 115 ? 2.319   5.574   11.428  1.00 21.61 ? 115  LYS A CB  1 
ATOM   894  C  CG  . LYS A 1 115 ? 3.416   6.487   11.973  1.00 22.67 ? 115  LYS A CG  1 
ATOM   895  C  CD  . LYS A 1 115 ? 2.902   7.298   13.125  1.00 24.01 ? 115  LYS A CD  1 
ATOM   896  C  CE  . LYS A 1 115 ? 4.017   8.100   13.780  1.00 25.97 ? 115  LYS A CE  1 
ATOM   897  N  NZ  . LYS A 1 115 ? 3.445   9.317   14.432  1.00 27.16 ? 115  LYS A NZ  1 
ATOM   898  N  N   . ILE A 1 116 ? 1.593   2.664   9.603   1.00 19.67 ? 116  ILE A N   1 
ATOM   899  C  CA  . ILE A 1 116 ? 0.670   1.854   8.807   1.00 21.30 ? 116  ILE A CA  1 
ATOM   900  C  C   . ILE A 1 116 ? -0.259  1.054   9.743   1.00 22.97 ? 116  ILE A C   1 
ATOM   901  O  O   . ILE A 1 116 ? 0.210   0.467   10.728  1.00 20.94 ? 116  ILE A O   1 
ATOM   902  C  CB  . ILE A 1 116 ? 1.427   0.914   7.865   1.00 22.60 ? 116  ILE A CB  1 
ATOM   903  C  CG1 . ILE A 1 116 ? 2.239   1.715   6.824   1.00 24.41 ? 116  ILE A CG1 1 
ATOM   904  C  CG2 . ILE A 1 116 ? 0.449   0.058   7.066   1.00 23.67 ? 116  ILE A CG2 1 
ATOM   905  C  CD1 . ILE A 1 116 ? 3.737   1.692   7.056   1.00 26.95 ? 116  ILE A CD1 1 
ATOM   906  N  N   . SER A 1 117 ? -1.573  1.119   9.489   1.00 21.74 ? 117  SER A N   1 
ATOM   907  C  CA  . SER A 1 117 ? -2.569  0.311   10.219  1.00 24.36 ? 117  SER A CA  1 
ATOM   908  C  C   . SER A 1 117 ? -3.290  -0.612  9.214   1.00 24.28 ? 117  SER A C   1 
ATOM   909  O  O   . SER A 1 117 ? -3.692  -0.130  8.157   1.00 21.11 ? 117  SER A O   1 
ATOM   910  C  CB  . SER A 1 117 ? -3.596  1.197   10.897  1.00 26.93 ? 117  SER A CB  1 
ATOM   911  O  OG  . SER A 1 117 ? -4.756  0.444   11.192  1.00 30.84 ? 117  SER A OG  1 
ATOM   912  N  N   . ASN A 1 118 ? -3.392  -1.915  9.510   1.00 25.56 ? 118  ASN A N   1 
ATOM   913  C  CA  . ASN A 1 118 ? -4.181  -2.847  8.687   1.00 27.31 ? 118  ASN A CA  1 
ATOM   914  C  C   . ASN A 1 118 ? -5.245  -3.432  9.531   1.00 28.25 ? 118  ASN A C   1 
ATOM   915  O  O   . ASN A 1 118 ? -4.943  -3.904  10.650  1.00 31.01 ? 118  ASN A O   1 
ATOM   916  C  CB  . ASN A 1 118 ? -3.355  -3.963  8.150   1.00 29.01 ? 118  ASN A CB  1 
ATOM   917  C  CG  . ASN A 1 118 ? -1.967  -3.517  7.808   1.00 35.43 ? 118  ASN A CG  1 
ATOM   918  O  OD1 . ASN A 1 118 ? -1.190  -3.175  8.714   1.00 41.74 ? 118  ASN A OD1 1 
ATOM   919  N  ND2 . ASN A 1 118 ? -1.632  -3.494  6.500   1.00 37.21 ? 118  ASN A ND2 1 
ATOM   920  N  N   . LYS A 1 119 ? -6.479  -3.375  9.016   1.00 23.38 ? 119  LYS A N   1 
ATOM   921  C  CA  . LYS A 1 119 ? -7.653  -3.918  9.686   1.00 23.51 ? 119  LYS A CA  1 
ATOM   922  C  C   . LYS A 1 119 ? -8.313  -4.964  8.781   1.00 21.34 ? 119  LYS A C   1 
ATOM   923  O  O   . LYS A 1 119 ? -8.911  -4.609  7.770   1.00 18.78 ? 119  LYS A O   1 
ATOM   924  C  CB  . LYS A 1 119 ? -8.669  -2.843  10.053  1.00 24.50 ? 119  LYS A CB  1 
ATOM   925  C  CG  . LYS A 1 119 ? -8.160  -1.881  11.107  1.00 28.02 ? 119  LYS A CG  1 
ATOM   926  C  CD  . LYS A 1 119 ? -8.998  -0.624  11.145  1.00 31.96 ? 119  LYS A CD  1 
ATOM   927  C  CE  . LYS A 1 119 ? -10.180 -0.713  12.117  1.00 37.25 ? 119  LYS A CE  1 
ATOM   928  N  NZ  . LYS A 1 119 ? -9.905  -0.086  13.454  1.00 36.49 ? 119  LYS A NZ  1 
ATOM   929  N  N   . TYR A 1 120 ? -8.237  -6.221  9.232   1.00 18.13 ? 120  TYR A N   1 
ATOM   930  C  CA  . TYR A 1 120 ? -8.765  -7.383  8.552   1.00 18.98 ? 120  TYR A CA  1 
ATOM   931  C  C   . TYR A 1 120 ? -10.157 -7.690  9.082   1.00 18.63 ? 120  TYR A C   1 
ATOM   932  O  O   . TYR A 1 120 ? -10.313 -7.987  10.290  1.00 18.18 ? 120  TYR A O   1 
ATOM   933  C  CB  . TYR A 1 120 ? -7.881  -8.582  8.791   1.00 18.81 ? 120  TYR A CB  1 
ATOM   934  C  CG  . TYR A 1 120 ? -6.517  -8.496  8.206   1.00 19.00 ? 120  TYR A CG  1 
ATOM   935  C  CD1 . TYR A 1 120 ? -5.566  -7.694  8.771   1.00 20.36 ? 120  TYR A CD1 1 
ATOM   936  C  CD2 . TYR A 1 120 ? -6.162  -9.259  7.087   1.00 20.13 ? 120  TYR A CD2 1 
ATOM   937  C  CE1 . TYR A 1 120 ? -4.301  -7.627  8.249   1.00 20.52 ? 120  TYR A CE1 1 
ATOM   938  C  CE2 . TYR A 1 120 ? -4.893  -9.189  6.560   1.00 20.76 ? 120  TYR A CE2 1 
ATOM   939  C  CZ  . TYR A 1 120 ? -3.985  -8.376  7.163   1.00 20.37 ? 120  TYR A CZ  1 
ATOM   940  O  OH  . TYR A 1 120 ? -2.718  -8.277  6.697   1.00 26.91 ? 120  TYR A OH  1 
ATOM   941  N  N   . HIS A 1 121 ? -11.148 -7.548  8.195   1.00 15.98 ? 121  HIS A N   1 
ATOM   942  C  CA  . HIS A 1 121 ? -12.552 -7.780  8.524   1.00 17.66 ? 121  HIS A CA  1 
ATOM   943  C  C   . HIS A 1 121 ? -12.884 -9.154  8.080   1.00 18.03 ? 121  HIS A C   1 
ATOM   944  O  O   . HIS A 1 121 ? -12.937 -9.455  6.870   1.00 15.49 ? 121  HIS A O   1 
ATOM   945  C  CB  . HIS A 1 121 ? -13.500 -6.768  7.837   1.00 16.09 ? 121  HIS A CB  1 
ATOM   946  C  CG  . HIS A 1 121 ? -13.241 -5.346  8.218   1.00 16.59 ? 121  HIS A CG  1 
ATOM   947  N  ND1 . HIS A 1 121 ? -14.069 -4.648  9.030   1.00 16.84 ? 121  HIS A ND1 1 
ATOM   948  C  CD2 . HIS A 1 121 ? -12.206 -4.498  7.893   1.00 16.03 ? 121  HIS A CD2 1 
ATOM   949  C  CE1 . HIS A 1 121 ? -13.593 -3.394  9.175   1.00 16.18 ? 121  HIS A CE1 1 
ATOM   950  N  NE2 . HIS A 1 121 ? -12.454 -3.311  8.483   1.00 16.49 ? 121  HIS A NE2 1 
ATOM   951  N  N   . THR A 1 122 ? -13.169 -9.994  9.053   1.00 20.49 ? 122  THR A N   1 
ATOM   952  C  CA  . THR A 1 122 ? -13.445 -11.403 8.804   1.00 24.84 ? 122  THR A CA  1 
ATOM   953  C  C   . THR A 1 122 ? -14.956 -11.696 8.962   1.00 31.54 ? 122  THR A C   1 
ATOM   954  O  O   . THR A 1 122 ? -15.705 -10.990 9.680   1.00 33.27 ? 122  THR A O   1 
ATOM   955  C  CB  . THR A 1 122 ? -12.618 -12.327 9.747   1.00 23.21 ? 122  THR A CB  1 
ATOM   956  O  OG1 . THR A 1 122 ? -12.961 -12.054 11.112  1.00 24.61 ? 122  THR A OG1 1 
ATOM   957  C  CG2 . THR A 1 122 ? -11.110 -12.176 9.572   1.00 19.95 ? 122  THR A CG2 1 
ATOM   958  N  N   . LYS A 1 123 ? -15.383 -12.730 8.244   1.00 42.32 ? 123  LYS A N   1 
ATOM   959  C  CA  . LYS A 1 123 ? -16.698 -13.334 8.426   1.00 49.54 ? 123  LYS A CA  1 
ATOM   960  C  C   . LYS A 1 123 ? -16.484 -14.651 9.147   1.00 58.51 ? 123  LYS A C   1 
ATOM   961  O  O   . LYS A 1 123 ? -15.482 -15.369 8.915   1.00 58.09 ? 123  LYS A O   1 
ATOM   962  C  CB  . LYS A 1 123 ? -17.418 -13.562 7.095   1.00 50.29 ? 123  LYS A CB  1 
ATOM   963  C  CG  . LYS A 1 123 ? -16.591 -14.254 6.021   1.00 51.61 ? 123  LYS A CG  1 
ATOM   964  C  CD  . LYS A 1 123 ? -17.411 -14.509 4.753   1.00 53.82 ? 123  LYS A CD  1 
ATOM   965  C  CE  . LYS A 1 123 ? -17.630 -13.258 3.907   1.00 52.88 ? 123  LYS A CE  1 
ATOM   966  N  NZ  . LYS A 1 123 ? -18.743 -12.413 4.435   1.00 50.78 ? 123  LYS A NZ  1 
ATOM   967  N  N   . GLY A 1 124 ? -17.442 -14.973 10.014  1.00 68.78 ? 124  GLY A N   1 
ATOM   968  C  CA  . GLY A 1 124 ? -17.263 -16.029 10.990  1.00 69.75 ? 124  GLY A CA  1 
ATOM   969  C  C   . GLY A 1 124 ? -16.208 -15.469 11.902  1.00 74.17 ? 124  GLY A C   1 
ATOM   970  O  O   . GLY A 1 124 ? -16.100 -14.239 12.067  1.00 75.17 ? 124  GLY A O   1 
ATOM   971  N  N   . ASP A 1 125 ? -15.435 -16.356 12.506  1.00 74.32 ? 125  ASP A N   1 
ATOM   972  C  CA  . ASP A 1 125 ? -14.170 -15.947 13.094  1.00 73.88 ? 125  ASP A CA  1 
ATOM   973  C  C   . ASP A 1 125 ? -13.141 -16.890 12.477  1.00 71.56 ? 125  ASP A C   1 
ATOM   974  O  O   . ASP A 1 125 ? -13.140 -18.104 12.727  1.00 71.95 ? 125  ASP A O   1 
ATOM   975  C  CB  . ASP A 1 125 ? -14.185 -16.038 14.622  1.00 20.00 ? 125  ASP A CB  1 
ATOM   976  C  CG  . ASP A 1 125 ? -15.307 -15.229 15.243  1.00 20.00 ? 125  ASP A CG  1 
ATOM   977  O  OD1 . ASP A 1 125 ? -15.807 -14.297 14.579  1.00 20.00 ? 125  ASP A OD1 1 
ATOM   978  O  OD2 . ASP A 1 125 ? -15.754 -15.455 16.387  1.00 20.00 ? 125  ASP A OD2 1 
ATOM   979  N  N   . HIS A 1 126 ? -12.355 -16.323 11.567  1.00 69.40 ? 126  HIS A N   1 
ATOM   980  C  CA  . HIS A 1 126 ? -11.187 -16.982 10.990  1.00 61.94 ? 126  HIS A CA  1 
ATOM   981  C  C   . HIS A 1 126 ? -10.052 -16.068 11.339  1.00 52.83 ? 126  HIS A C   1 
ATOM   982  O  O   . HIS A 1 126 ? -10.006 -14.928 10.885  1.00 55.68 ? 126  HIS A O   1 
ATOM   983  N  N   . GLU A 1 127 ? -9.131  -16.529 12.168  1.00 47.82 ? 127  GLU A N   1 
ATOM   984  C  CA  . GLU A 1 127 ? -8.163  -15.608 12.699  1.00 44.24 ? 127  GLU A CA  1 
ATOM   985  C  C   . GLU A 1 127 ? -7.102  -15.297 11.654  1.00 42.37 ? 127  GLU A C   1 
ATOM   986  O  O   . GLU A 1 127 ? -6.801  -16.112 10.785  1.00 41.27 ? 127  GLU A O   1 
ATOM   987  C  CB  . GLU A 1 127 ? -7.597  -16.086 14.053  1.00 44.07 ? 127  GLU A CB  1 
ATOM   988  C  CG  . GLU A 1 127 ? -6.507  -17.132 14.045  1.00 43.36 ? 127  GLU A CG  1 
ATOM   989  C  CD  . GLU A 1 127 ? -5.941  -17.387 15.434  1.00 42.40 ? 127  GLU A CD  1 
ATOM   990  O  OE1 . GLU A 1 127 ? -5.493  -16.442 16.118  1.00 37.64 ? 127  GLU A OE1 1 
ATOM   991  O  OE2 . GLU A 1 127 ? -5.950  -18.554 15.854  1.00 44.43 ? 127  GLU A OE2 1 
ATOM   992  N  N   . VAL A 1 128 ? -6.549  -14.105 11.735  1.00 40.07 ? 128  VAL A N   1 
ATOM   993  C  CA  . VAL A 1 128 ? -5.476  -13.726 10.856  1.00 42.87 ? 128  VAL A CA  1 
ATOM   994  C  C   . VAL A 1 128 ? -4.139  -14.249 11.420  1.00 46.72 ? 128  VAL A C   1 
ATOM   995  O  O   . VAL A 1 128 ? -3.686  -13.809 12.485  1.00 43.21 ? 128  VAL A O   1 
ATOM   996  C  CB  . VAL A 1 128 ? -5.491  -12.210 10.610  1.00 36.25 ? 128  VAL A CB  1 
ATOM   997  C  CG1 . VAL A 1 128 ? -4.231  -11.768 9.872   1.00 40.20 ? 128  VAL A CG1 1 
ATOM   998  C  CG2 . VAL A 1 128 ? -6.738  -11.849 9.829   1.00 32.60 ? 128  VAL A CG2 1 
ATOM   999  N  N   . LYS A 1 129 ? -3.532  -15.192 10.684  1.00 49.32 ? 129  LYS A N   1 
ATOM   1000 C  CA  . LYS A 1 129 ? -2.282  -15.846 11.086  1.00 57.18 ? 129  LYS A CA  1 
ATOM   1001 C  C   . LYS A 1 129 ? -1.079  -14.895 10.919  1.00 56.78 ? 129  LYS A C   1 
ATOM   1002 O  O   . LYS A 1 129 ? -1.031  -14.101 9.976   1.00 60.00 ? 129  LYS A O   1 
ATOM   1003 C  CB  . LYS A 1 129 ? -2.097  -17.165 10.284  1.00 63.22 ? 129  LYS A CB  1 
ATOM   1004 C  CG  . LYS A 1 129 ? -0.783  -17.951 10.476  1.00 65.62 ? 129  LYS A CG  1 
ATOM   1005 C  CD  . LYS A 1 129 ? -0.388  -18.111 11.939  1.00 68.99 ? 129  LYS A CD  1 
ATOM   1006 C  CE  . LYS A 1 129 ? 0.361   -19.401 12.227  1.00 71.33 ? 129  LYS A CE  1 
ATOM   1007 N  NZ  . LYS A 1 129 ? 0.414   -19.641 13.703  1.00 70.20 ? 129  LYS A NZ  1 
ATOM   1008 N  N   . ALA A 1 130 ? -0.123  -14.977 11.845  1.00 52.94 ? 130  ALA A N   1 
ATOM   1009 C  CA  . ALA A 1 130 ? 1.129   -14.191 11.796  1.00 57.12 ? 130  ALA A CA  1 
ATOM   1010 C  C   . ALA A 1 130 ? 1.779   -14.052 10.405  1.00 56.20 ? 130  ALA A C   1 
ATOM   1011 O  O   . ALA A 1 130 ? 2.505   -13.084 10.170  1.00 56.12 ? 130  ALA A O   1 
ATOM   1012 C  CB  . ALA A 1 130 ? 2.140   -14.777 12.767  1.00 50.67 ? 130  ALA A CB  1 
ATOM   1013 N  N   . GLU A 1 131 ? 1.538   -15.015 9.509   1.00 55.20 ? 131  GLU A N   1 
ATOM   1014 C  CA  . GLU A 1 131 ? 2.134   -15.004 8.154   1.00 60.63 ? 131  GLU A CA  1 
ATOM   1015 C  C   . GLU A 1 131 ? 1.276   -14.284 7.116   1.00 55.74 ? 131  GLU A C   1 
ATOM   1016 O  O   . GLU A 1 131 ? 1.784   -13.834 6.088   1.00 53.35 ? 131  GLU A O   1 
ATOM   1017 C  CB  . GLU A 1 131 ? 2.459   -16.432 7.671   1.00 64.84 ? 131  GLU A CB  1 
ATOM   1018 C  CG  . GLU A 1 131 ? 2.929   -16.565 6.206   1.00 69.98 ? 131  GLU A CG  1 
ATOM   1019 C  CD  . GLU A 1 131 ? 3.990   -15.554 5.736   1.00 71.14 ? 131  GLU A CD  1 
ATOM   1020 O  OE1 . GLU A 1 131 ? 4.780   -15.041 6.556   1.00 77.64 ? 131  GLU A OE1 1 
ATOM   1021 O  OE2 . GLU A 1 131 ? 4.039   -15.270 4.521   1.00 70.89 ? 131  GLU A OE2 1 
ATOM   1022 N  N   . GLN A 1 132 ? -0.021  -14.199 7.381   1.00 58.18 ? 132  GLN A N   1 
ATOM   1023 C  CA  . GLN A 1 132 ? -0.908  -13.346 6.596   1.00 59.39 ? 132  GLN A CA  1 
ATOM   1024 C  C   . GLN A 1 132 ? -0.455  -11.875 6.780   1.00 59.45 ? 132  GLN A C   1 
ATOM   1025 O  O   . GLN A 1 132 ? -0.386  -11.105 5.792   1.00 60.59 ? 132  GLN A O   1 
ATOM   1026 C  CB  . GLN A 1 132 ? -2.378  -13.582 7.011   1.00 60.37 ? 132  GLN A CB  1 
ATOM   1027 C  CG  . GLN A 1 132 ? -3.441  -12.746 6.292   1.00 62.74 ? 132  GLN A CG  1 
ATOM   1028 C  CD  . GLN A 1 132 ? -3.565  -13.037 4.803   1.00 65.21 ? 132  GLN A CD  1 
ATOM   1029 O  OE1 . GLN A 1 132 ? -3.665  -14.190 4.375   1.00 66.75 ? 132  GLN A OE1 1 
ATOM   1030 N  NE2 . GLN A 1 132 ? -3.576  -11.980 4.006   1.00 62.32 ? 132  GLN A NE2 1 
ATOM   1031 N  N   . VAL A 1 133 ? -0.093  -11.506 8.020   1.00 50.37 ? 133  VAL A N   1 
ATOM   1032 C  CA  . VAL A 1 133 ? 0.334   -10.132 8.314   1.00 43.06 ? 133  VAL A CA  1 
ATOM   1033 C  C   . VAL A 1 133 ? 1.816   -9.918  8.034   1.00 40.36 ? 133  VAL A C   1 
ATOM   1034 O  O   . VAL A 1 133 ? 2.206   -8.851  7.583   1.00 42.20 ? 133  VAL A O   1 
ATOM   1035 C  CB  . VAL A 1 133 ? -0.038  -9.661  9.755   1.00 42.92 ? 133  VAL A CB  1 
ATOM   1036 C  CG1 . VAL A 1 133 ? -1.523  -9.919  10.027  1.00 42.43 ? 133  VAL A CG1 1 
ATOM   1037 C  CG2 . VAL A 1 133 ? 0.870   -10.295 10.808  1.00 43.12 ? 133  VAL A CG2 1 
ATOM   1038 N  N   . LYS A 1 134 ? 2.645   -10.927 8.284   1.00 37.90 ? 134  LYS A N   1 
ATOM   1039 C  CA  . LYS A 1 134 ? 4.082   -10.830 8.041   1.00 33.93 ? 134  LYS A CA  1 
ATOM   1040 C  C   . LYS A 1 134 ? 4.427   -10.750 6.543   1.00 30.52 ? 134  LYS A C   1 
ATOM   1041 O  O   . LYS A 1 134 ? 5.261   -9.975  6.152   1.00 29.49 ? 134  LYS A O   1 
ATOM   1042 C  CB  . LYS A 1 134 ? 4.790   -12.017 8.687   1.00 38.75 ? 134  LYS A CB  1 
ATOM   1043 C  CG  . LYS A 1 134 ? 6.260   -12.085 8.367   1.00 40.03 ? 134  LYS A CG  1 
ATOM   1044 C  CD  . LYS A 1 134 ? 6.871   -13.392 8.827   1.00 42.51 ? 134  LYS A CD  1 
ATOM   1045 C  CE  . LYS A 1 134 ? 8.188   -13.639 8.082   1.00 44.52 ? 134  LYS A CE  1 
ATOM   1046 N  NZ  . LYS A 1 134 ? 9.035   -12.409 7.890   1.00 42.92 ? 134  LYS A NZ  1 
ATOM   1047 N  N   . ALA A 1 135 ? 3.791   -11.555 5.707   1.00 33.10 ? 135  ALA A N   1 
ATOM   1048 C  CA  . ALA A 1 135 ? 3.909   -11.400 4.234   1.00 34.28 ? 135  ALA A CA  1 
ATOM   1049 C  C   . ALA A 1 135 ? 3.513   -9.974  3.771   1.00 32.88 ? 135  ALA A C   1 
ATOM   1050 O  O   . ALA A 1 135 ? 4.126   -9.402  2.890   1.00 28.74 ? 135  ALA A O   1 
ATOM   1051 C  CB  . ALA A 1 135 ? 3.049   -12.430 3.509   1.00 35.28 ? 135  ALA A CB  1 
ATOM   1052 N  N   . SER A 1 136 ? 2.482   -9.412  4.387   1.00 34.74 ? 136  SER A N   1 
ATOM   1053 C  CA  . SER A 1 136 ? 2.007   -8.085  4.019   1.00 33.85 ? 136  SER A CA  1 
ATOM   1054 C  C   . SER A 1 136 ? 3.075   -6.981  4.307   1.00 31.31 ? 136  SER A C   1 
ATOM   1055 O  O   . SER A 1 136 ? 3.370   -6.118  3.448   1.00 24.68 ? 136  SER A O   1 
ATOM   1056 C  CB  . SER A 1 136 ? 0.719   -7.844  4.762   1.00 38.38 ? 136  SER A CB  1 
ATOM   1057 O  OG  . SER A 1 136 ? 0.123   -6.645  4.360   1.00 46.77 ? 136  SER A OG  1 
ATOM   1058 N  N   . LYS A 1 137 ? 3.685   -7.060  5.483   1.00 28.06 ? 137  LYS A N   1 
ATOM   1059 C  CA  . LYS A 1 137 ? 4.762   -6.136  5.897   1.00 32.04 ? 137  LYS A CA  1 
ATOM   1060 C  C   . LYS A 1 137 ? 5.966   -6.186  4.975   1.00 30.01 ? 137  LYS A C   1 
ATOM   1061 O  O   . LYS A 1 137 ? 6.470   -5.149  4.602   1.00 25.75 ? 137  LYS A O   1 
ATOM   1062 C  CB  . LYS A 1 137 ? 5.220   -6.450  7.333   1.00 36.37 ? 137  LYS A CB  1 
ATOM   1063 C  CG  . LYS A 1 137 ? 6.415   -5.655  7.834   1.00 41.24 ? 137  LYS A CG  1 
ATOM   1064 C  CD  . LYS A 1 137 ? 6.186   -4.149  7.743   1.00 47.59 ? 137  LYS A CD  1 
ATOM   1065 C  CE  . LYS A 1 137 ? 7.268   -3.305  8.434   1.00 53.20 ? 137  LYS A CE  1 
ATOM   1066 N  NZ  . LYS A 1 137 ? 8.577   -3.274  7.709   1.00 53.20 ? 137  LYS A NZ  1 
ATOM   1067 N  N   . GLU A 1 138 ? 6.431   -7.392  4.638   1.00 32.43 ? 138  GLU A N   1 
ATOM   1068 C  CA  . GLU A 1 138 ? 7.588   -7.559  3.731   1.00 33.17 ? 138  GLU A CA  1 
ATOM   1069 C  C   . GLU A 1 138 ? 7.259   -6.929  2.410   1.00 27.89 ? 138  GLU A C   1 
ATOM   1070 O  O   . GLU A 1 138 ? 8.087   -6.247  1.831   1.00 30.50 ? 138  GLU A O   1 
ATOM   1071 C  CB  . GLU A 1 138 ? 7.927   -9.025  3.407   1.00 38.76 ? 138  GLU A CB  1 
ATOM   1072 C  CG  . GLU A 1 138 ? 8.417   -9.910  4.535   1.00 45.45 ? 138  GLU A CG  1 
ATOM   1073 C  CD  . GLU A 1 138 ? 8.111   -11.392 4.286   1.00 52.84 ? 138  GLU A CD  1 
ATOM   1074 O  OE1 . GLU A 1 138 ? 7.734   -11.795 3.143   1.00 53.91 ? 138  GLU A OE1 1 
ATOM   1075 O  OE2 . GLU A 1 138 ? 8.225   -12.168 5.259   1.00 57.48 ? 138  GLU A OE2 1 
ATOM   1076 N  N   . MET A 1 139 ? 6.080   -7.214  1.885   1.00 24.97 ? 139  MET A N   1 
ATOM   1077 C  CA  . MET A 1 139 ? 5.717   -6.670  0.594   1.00 26.49 ? 139  MET A CA  1 
ATOM   1078 C  C   . MET A 1 139 ? 5.763   -5.140  0.655   1.00 24.58 ? 139  MET A C   1 
ATOM   1079 O  O   . MET A 1 139 ? 6.450   -4.530  -0.130  1.00 22.49 ? 139  MET A O   1 
ATOM   1080 C  CB  . MET A 1 139 ? 4.336   -7.149  0.161   1.00 29.21 ? 139  MET A CB  1 
ATOM   1081 C  CG  . MET A 1 139 ? 3.825   -6.438  -1.064  1.00 31.61 ? 139  MET A CG  1 
ATOM   1082 S  SD  . MET A 1 139 ? 4.678   -6.976  -2.552  1.00 41.69 ? 139  MET A SD  1 
ATOM   1083 C  CE  . MET A 1 139 ? 3.456   -8.157  -3.130  1.00 32.71 ? 139  MET A CE  1 
ATOM   1084 N  N   . GLY A 1 140 ? 5.026   -4.540  1.585   1.00 22.49 ? 140  GLY A N   1 
ATOM   1085 C  CA  . GLY A 1 140 ? 5.043   -3.080  1.777   1.00 23.55 ? 140  GLY A CA  1 
ATOM   1086 C  C   . GLY A 1 140 ? 6.470   -2.582  1.898   1.00 23.23 ? 140  GLY A C   1 
ATOM   1087 O  O   . GLY A 1 140 ? 6.832   -1.600  1.280   1.00 20.62 ? 140  GLY A O   1 
ATOM   1088 N  N   . GLU A 1 141 ? 7.289   -3.293  2.674   1.00 23.46 ? 141  GLU A N   1 
ATOM   1089 C  CA  . GLU A 1 141 ? 8.695   -2.895  2.896   1.00 24.25 ? 141  GLU A CA  1 
ATOM   1090 C  C   . GLU A 1 141 ? 9.487   -2.880  1.574   1.00 22.76 ? 141  GLU A C   1 
ATOM   1091 O  O   . GLU A 1 141 ? 10.250  -1.962  1.283   1.00 24.59 ? 141  GLU A O   1 
ATOM   1092 C  CB  . GLU A 1 141 ? 9.341   -3.867  3.873   1.00 27.11 ? 141  GLU A CB  1 
ATOM   1093 C  CG  . GLU A 1 141 ? 10.595  -3.375  4.530   1.00 32.89 ? 141  GLU A CG  1 
ATOM   1094 C  CD  . GLU A 1 141 ? 10.361  -2.144  5.389   1.00 36.59 ? 141  GLU A CD  1 
ATOM   1095 O  OE1 . GLU A 1 141 ? 9.265   -2.015  5.976   1.00 45.66 ? 141  GLU A OE1 1 
ATOM   1096 O  OE2 . GLU A 1 141 ? 11.272  -1.296  5.482   1.00 40.43 ? 141  GLU A OE2 1 
ATOM   1097 N  N   . THR A 1 142 ? 9.323   -3.937  0.796   1.00 20.20 ? 142  THR A N   1 
ATOM   1098 C  CA  . THR A 1 142 ? 10.000  -4.091  -0.517  1.00 18.07 ? 142  THR A CA  1 
ATOM   1099 C  C   . THR A 1 142 ? 9.586   -2.994  -1.461  1.00 16.89 ? 142  THR A C   1 
ATOM   1100 O  O   . THR A 1 142 ? 10.411  -2.390  -2.139  1.00 17.14 ? 142  THR A O   1 
ATOM   1101 C  CB  . THR A 1 142 ? 9.658   -5.470  -1.089  1.00 18.02 ? 142  THR A CB  1 
ATOM   1102 O  OG1 . THR A 1 142 ? 10.318  -6.402  -0.273  1.00 16.23 ? 142  THR A OG1 1 
ATOM   1103 C  CG2 . THR A 1 142 ? 10.071  -5.677  -2.622  1.00 18.54 ? 142  THR A CG2 1 
ATOM   1104 N  N   . LEU A 1 143 ? 8.302   -2.683  -1.480  1.00 15.00 ? 143  LEU A N   1 
ATOM   1105 C  CA  . LEU A 1 143 ? 7.904   -1.618  -2.380  1.00 15.77 ? 143  LEU A CA  1 
ATOM   1106 C  C   . LEU A 1 143 ? 8.505   -0.261  -1.944  1.00 15.67 ? 143  LEU A C   1 
ATOM   1107 O  O   . LEU A 1 143 ? 8.931   0.539   -2.777  1.00 14.78 ? 143  LEU A O   1 
ATOM   1108 C  CB  . LEU A 1 143 ? 6.400   -1.533  -2.439  1.00 14.63 ? 143  LEU A CB  1 
ATOM   1109 C  CG  . LEU A 1 143 ? 5.679   -2.748  -2.987  1.00 14.34 ? 143  LEU A CG  1 
ATOM   1110 C  CD1 . LEU A 1 143 ? 4.189   -2.431  -2.811  1.00 14.91 ? 143  LEU A CD1 1 
ATOM   1111 C  CD2 . LEU A 1 143 ? 6.081   -3.005  -4.442  1.00 13.15 ? 143  LEU A CD2 1 
ATOM   1112 N  N   . LEU A 1 144 ? 8.509   0.005   -0.636  1.00 15.53 ? 144  LEU A N   1 
ATOM   1113 C  CA  . LEU A 1 144 ? 9.035   1.265   -0.165  1.00 14.74 ? 144  LEU A CA  1 
ATOM   1114 C  C   . LEU A 1 144 ? 10.527  1.383   -0.521  1.00 16.12 ? 144  LEU A C   1 
ATOM   1115 O  O   . LEU A 1 144 ? 10.940  2.431   -1.012  1.00 17.96 ? 144  LEU A O   1 
ATOM   1116 C  CB  . LEU A 1 144 ? 8.827   1.413   1.309   1.00 14.82 ? 144  LEU A CB  1 
ATOM   1117 C  CG  . LEU A 1 144 ? 9.502   2.572   2.059   1.00 15.03 ? 144  LEU A CG  1 
ATOM   1118 C  CD1 . LEU A 1 144 ? 9.048   3.908   1.460   1.00 16.65 ? 144  LEU A CD1 1 
ATOM   1119 C  CD2 . LEU A 1 144 ? 9.201   2.405   3.533   1.00 14.20 ? 144  LEU A CD2 1 
ATOM   1120 N  N   . ARG A 1 145 ? 11.335  0.359   -0.263  1.00 16.87 ? 145  ARG A N   1 
ATOM   1121 C  CA  . ARG A 1 145 ? 12.786  0.447   -0.601  1.00 18.33 ? 145  ARG A CA  1 
ATOM   1122 C  C   . ARG A 1 145 ? 13.033  0.670   -2.105  1.00 17.00 ? 145  ARG A C   1 
ATOM   1123 O  O   . ARG A 1 145 ? 13.943  1.414   -2.509  1.00 16.73 ? 145  ARG A O   1 
ATOM   1124 C  CB  . ARG A 1 145 ? 13.534  -0.808  -0.139  1.00 20.13 ? 145  ARG A CB  1 
ATOM   1125 C  CG  . ARG A 1 145 ? 13.480  -1.064  1.371   1.00 23.94 ? 145  ARG A CG  1 
ATOM   1126 C  CD  . ARG A 1 145 ? 13.984  0.104   2.276   1.00 26.65 ? 145  ARG A CD  1 
ATOM   1127 N  NE  . ARG A 1 145 ? 13.477  0.028   3.677   1.00 27.23 ? 145  ARG A NE  1 
ATOM   1128 C  CZ  . ARG A 1 145 ? 13.139  1.090   4.440   1.00 31.12 ? 145  ARG A CZ  1 
ATOM   1129 N  NH1 . ARG A 1 145 ? 13.255  2.341   3.979   1.00 28.95 ? 145  ARG A NH1 1 
ATOM   1130 N  NH2 . ARG A 1 145 ? 12.687  0.914   5.698   1.00 31.14 ? 145  ARG A NH2 1 
ATOM   1131 N  N   . ALA A 1 146 ? 12.192  0.049   -2.929  1.00 15.92 ? 146  ALA A N   1 
ATOM   1132 C  CA  . ALA A 1 146 ? 12.354  0.162   -4.370  1.00 15.33 ? 146  ALA A CA  1 
ATOM   1133 C  C   . ALA A 1 146 ? 11.977  1.571   -4.793  1.00 14.17 ? 146  ALA A C   1 
ATOM   1134 O  O   . ALA A 1 146 ? 12.681  2.144   -5.598  1.00 13.45 ? 146  ALA A O   1 
ATOM   1135 C  CB  . ALA A 1 146 ? 11.540  -0.890  -5.121  1.00 15.86 ? 146  ALA A CB  1 
ATOM   1136 N  N   . VAL A 1 147 ? 10.918  2.156   -4.229  1.00 13.30 ? 147  VAL A N   1 
ATOM   1137 C  CA  . VAL A 1 147 ? 10.615  3.564   -4.524  1.00 13.02 ? 147  VAL A CA  1 
ATOM   1138 C  C   . VAL A 1 147 ? 11.714  4.453   -4.000  1.00 13.87 ? 147  VAL A C   1 
ATOM   1139 O  O   . VAL A 1 147 ? 12.191  5.317   -4.722  1.00 13.28 ? 147  VAL A O   1 
ATOM   1140 C  CB  . VAL A 1 147 ? 9.227   4.012   -4.045  1.00 12.94 ? 147  VAL A CB  1 
ATOM   1141 C  CG1 . VAL A 1 147 ? 9.023   5.533   -4.173  1.00 12.17 ? 147  VAL A CG1 1 
ATOM   1142 C  CG2 . VAL A 1 147 ? 8.147   3.246   -4.818  1.00 13.30 ? 147  VAL A CG2 1 
ATOM   1143 N  N   . GLU A 1 148 ? 12.156  4.238   -2.760  1.00 16.12 ? 148  GLU A N   1 
ATOM   1144 C  CA  . GLU A 1 148 ? 13.248  5.038   -2.198  1.00 17.03 ? 148  GLU A CA  1 
ATOM   1145 C  C   . GLU A 1 148 ? 14.492  5.078   -3.081  1.00 17.36 ? 148  GLU A C   1 
ATOM   1146 O  O   . GLU A 1 148 ? 15.009  6.132   -3.391  1.00 17.61 ? 148  GLU A O   1 
ATOM   1147 C  CB  . GLU A 1 148 ? 13.665  4.473   -0.859  1.00 19.18 ? 148  GLU A CB  1 
ATOM   1148 C  CG  . GLU A 1 148 ? 12.776  4.824   0.304   1.00 21.11 ? 148  GLU A CG  1 
ATOM   1149 C  CD  . GLU A 1 148 ? 13.453  4.475   1.630   1.00 23.92 ? 148  GLU A CD  1 
ATOM   1150 O  OE1 . GLU A 1 148 ? 14.184  3.448   1.696   1.00 23.64 ? 148  GLU A OE1 1 
ATOM   1151 O  OE2 . GLU A 1 148 ? 13.266  5.235   2.589   1.00 23.72 ? 148  GLU A OE2 1 
ATOM   1152 N  N   . SER A 1 149 ? 14.976  3.910   -3.487  1.00 18.62 ? 149  SER A N   1 
ATOM   1153 C  CA  . SER A 1 149 ? 16.147  3.841   -4.340  1.00 18.13 ? 149  SER A CA  1 
ATOM   1154 C  C   . SER A 1 149 ? 15.941  4.635   -5.658  1.00 18.00 ? 149  SER A C   1 
ATOM   1155 O  O   . SER A 1 149 ? 16.835  5.318   -6.150  1.00 17.47 ? 149  SER A O   1 
ATOM   1156 C  CB  . SER A 1 149 ? 16.517  2.377   -4.610  1.00 18.81 ? 149  SER A CB  1 
ATOM   1157 O  OG  . SER A 1 149 ? 17.730  2.307   -5.348  1.00 20.95 ? 149  SER A OG  1 
ATOM   1158 N  N   . TYR A 1 150 ? 14.761  4.552   -6.222  1.00 15.49 ? 150  TYR A N   1 
ATOM   1159 C  CA  . TYR A 1 150 ? 14.479  5.246   -7.470  1.00 16.46 ? 150  TYR A CA  1 
ATOM   1160 C  C   . TYR A 1 150 ? 14.496  6.783   -7.279  1.00 15.77 ? 150  TYR A C   1 
ATOM   1161 O  O   . TYR A 1 150 ? 15.004  7.533   -8.145  1.00 15.81 ? 150  TYR A O   1 
ATOM   1162 C  CB  . TYR A 1 150 ? 13.123  4.767   -8.027  1.00 16.79 ? 150  TYR A CB  1 
ATOM   1163 C  CG  . TYR A 1 150 ? 12.668  5.547   -9.183  1.00 18.46 ? 150  TYR A CG  1 
ATOM   1164 C  CD1 . TYR A 1 150 ? 11.966  6.720   -9.003  1.00 19.91 ? 150  TYR A CD1 1 
ATOM   1165 C  CD2 . TYR A 1 150 ? 12.961  5.150   -10.458 1.00 19.81 ? 150  TYR A CD2 1 
ATOM   1166 C  CE1 . TYR A 1 150 ? 11.572  7.500   -10.065 1.00 21.33 ? 150  TYR A CE1 1 
ATOM   1167 C  CE2 . TYR A 1 150 ? 12.515  5.883   -11.536 1.00 20.75 ? 150  TYR A CE2 1 
ATOM   1168 C  CZ  . TYR A 1 150 ? 11.838  7.063   -11.325 1.00 21.70 ? 150  TYR A CZ  1 
ATOM   1169 O  OH  . TYR A 1 150 ? 11.441  7.836   -12.388 1.00 26.62 ? 150  TYR A OH  1 
ATOM   1170 N  N   . LEU A 1 151 ? 13.944  7.236   -6.152  1.00 13.85 ? 151  LEU A N   1 
ATOM   1171 C  CA  . LEU A 1 151 ? 13.849  8.641   -5.862  1.00 13.79 ? 151  LEU A CA  1 
ATOM   1172 C  C   . LEU A 1 151 ? 15.245  9.210   -5.500  1.00 13.80 ? 151  LEU A C   1 
ATOM   1173 O  O   . LEU A 1 151 ? 15.542  10.416  -5.761  1.00 15.32 ? 151  LEU A O   1 
ATOM   1174 C  CB  . LEU A 1 151 ? 12.848  8.877   -4.717  1.00 13.55 ? 151  LEU A CB  1 
ATOM   1175 C  CG  . LEU A 1 151 ? 11.370  8.594   -4.992  1.00 14.29 ? 151  LEU A CG  1 
ATOM   1176 C  CD1 . LEU A 1 151 ? 10.559  8.776   -3.699  1.00 13.17 ? 151  LEU A CD1 1 
ATOM   1177 C  CD2 . LEU A 1 151 ? 10.789  9.453   -6.152  1.00 15.01 ? 151  LEU A CD2 1 
ATOM   1178 N  N   . LEU A 1 152 ? 16.097  8.376   -4.895  1.00 12.39 ? 152  LEU A N   1 
ATOM   1179 C  CA  . LEU A 1 152 ? 17.447  8.826   -4.601  1.00 12.66 ? 152  LEU A CA  1 
ATOM   1180 C  C   . LEU A 1 152 ? 18.182  9.011   -5.882  1.00 12.73 ? 152  LEU A C   1 
ATOM   1181 O  O   . LEU A 1 152 ? 18.971  9.972   -6.014  1.00 14.77 ? 152  LEU A O   1 
ATOM   1182 C  CB  . LEU A 1 152 ? 18.204  7.817   -3.742  1.00 12.38 ? 152  LEU A CB  1 
ATOM   1183 C  CG  . LEU A 1 152 ? 17.777  7.770   -2.277  1.00 12.04 ? 152  LEU A CG  1 
ATOM   1184 C  CD1 . LEU A 1 152 ? 18.509  6.580   -1.653  1.00 12.03 ? 152  LEU A CD1 1 
ATOM   1185 C  CD2 . LEU A 1 152 ? 17.963  9.052   -1.507  1.00 11.52 ? 152  LEU A CD2 1 
ATOM   1186 N  N   . ALA A 1 153 ? 17.895  8.112   -6.824  1.00 12.65 ? 153  ALA A N   1 
ATOM   1187 C  CA  . ALA A 1 153 ? 18.639  7.978   -8.113  1.00 13.08 ? 153  ALA A CA  1 
ATOM   1188 C  C   . ALA A 1 153 ? 18.138  8.935   -9.135  1.00 14.03 ? 153  ALA A C   1 
ATOM   1189 O  O   . ALA A 1 153 ? 18.883  9.315   -9.995  1.00 16.39 ? 153  ALA A O   1 
ATOM   1190 C  CB  . ALA A 1 153 ? 18.558  6.554   -8.649  1.00 11.95 ? 153  ALA A CB  1 
ATOM   1191 N  N   . HIS A 1 154 ? 16.887  9.368   -8.995  1.00 15.40 ? 154  HIS A N   1 
ATOM   1192 C  CA  . HIS A 1 154 ? 16.238  10.352  -9.889  1.00 16.63 ? 154  HIS A CA  1 
ATOM   1193 C  C   . HIS A 1 154 ? 15.825  11.608  -9.169  1.00 17.40 ? 154  HIS A C   1 
ATOM   1194 O  O   . HIS A 1 154 ? 14.633  11.830  -8.892  1.00 17.06 ? 154  HIS A O   1 
ATOM   1195 C  CB  . HIS A 1 154 ? 15.011  9.723   -10.568 1.00 15.98 ? 154  HIS A CB  1 
ATOM   1196 C  CG  . HIS A 1 154 ? 15.351  8.480   -11.350 1.00 17.90 ? 154  HIS A CG  1 
ATOM   1197 N  ND1 . HIS A 1 154 ? 15.514  7.283   -10.767 1.00 18.71 ? 154  HIS A ND1 1 
ATOM   1198 C  CD2 . HIS A 1 154 ? 15.594  8.289   -12.697 1.00 18.42 ? 154  HIS A CD2 1 
ATOM   1199 C  CE1 . HIS A 1 154 ? 15.832  6.376   -11.701 1.00 18.61 ? 154  HIS A CE1 1 
ATOM   1200 N  NE2 . HIS A 1 154 ? 15.907  6.990   -12.871 1.00 17.98 ? 154  HIS A NE2 1 
ATOM   1201 N  N   . SER A 1 155 ? 16.783  12.506  -8.997  1.00 20.02 ? 155  SER A N   1 
ATOM   1202 C  CA  . SER A 1 155 ? 16.622  13.631  -8.122  1.00 22.74 ? 155  SER A CA  1 
ATOM   1203 C  C   . SER A 1 155 ? 15.586  14.621  -8.644  1.00 22.96 ? 155  SER A C   1 
ATOM   1204 O  O   . SER A 1 155 ? 15.033  15.362  -7.871  1.00 23.31 ? 155  SER A O   1 
ATOM   1205 C  CB  . SER A 1 155 ? 17.970  14.321  -7.893  1.00 24.41 ? 155  SER A CB  1 
ATOM   1206 O  OG  . SER A 1 155 ? 18.208  15.299  -8.885  1.00 28.33 ? 155  SER A OG  1 
ATOM   1207 N  N   . ASP A 1 156 ? 15.311  14.629  -9.944  1.00 25.39 ? 156  ASP A N   1 
ATOM   1208 C  CA  . ASP A 1 156 ? 14.355  15.611  -10.517 1.00 27.42 ? 156  ASP A CA  1 
ATOM   1209 C  C   . ASP A 1 156 ? 12.924  15.088  -10.568 1.00 26.39 ? 156  ASP A C   1 
ATOM   1210 O  O   . ASP A 1 156 ? 12.022  15.793  -11.005 1.00 27.35 ? 156  ASP A O   1 
ATOM   1211 C  CB  . ASP A 1 156 ? 14.847  16.132  -11.899 1.00 30.54 ? 156  ASP A CB  1 
ATOM   1212 C  CG  . ASP A 1 156 ? 16.256  16.823  -11.812 1.00 36.18 ? 156  ASP A CG  1 
ATOM   1213 O  OD1 . ASP A 1 156 ? 16.445  17.695  -10.912 1.00 39.54 ? 156  ASP A OD1 1 
ATOM   1214 O  OD2 . ASP A 1 156 ? 17.180  16.491  -12.621 1.00 35.47 ? 156  ASP A OD2 1 
ATOM   1215 N  N   . ALA A 1 157 ? 12.716  13.853  -10.107 1.00 24.34 ? 157  ALA A N   1 
ATOM   1216 C  CA  . ALA A 1 157 ? 11.411  13.225  -10.110 1.00 24.73 ? 157  ALA A CA  1 
ATOM   1217 C  C   . ALA A 1 157 ? 10.627  13.557  -8.814  1.00 23.30 ? 157  ALA A C   1 
ATOM   1218 O  O   . ALA A 1 157 ? 11.184  13.440  -7.697  1.00 24.64 ? 157  ALA A O   1 
ATOM   1219 C  CB  . ALA A 1 157 ? 11.559  11.706  -10.311 1.00 22.22 ? 157  ALA A CB  1 
ATOM   1220 N  N   . TYR A 1 158 ? 9.393   14.046  -8.994  1.00 22.47 ? 158  TYR A N   1 
ATOM   1221 C  CA  . TYR A 1 158 ? 8.438   14.307  -7.917  1.00 24.34 ? 158  TYR A CA  1 
ATOM   1222 C  C   . TYR A 1 158 ? 8.800   15.444  -6.958  1.00 27.90 ? 158  TYR A C   1 
ATOM   1223 O  O   . TYR A 1 158 ? 8.530   15.334  -5.771  1.00 29.79 ? 158  TYR A O   1 
ATOM   1224 C  CB  . TYR A 1 158 ? 8.173   12.999  -7.102  1.00 24.01 ? 158  TYR A CB  1 
ATOM   1225 C  CG  . TYR A 1 158 ? 7.719   11.841  -7.980  1.00 23.34 ? 158  TYR A CG  1 
ATOM   1226 C  CD1 . TYR A 1 158 ? 6.418   11.790  -8.483  1.00 24.14 ? 158  TYR A CD1 1 
ATOM   1227 C  CD2 . TYR A 1 158 ? 8.601   10.817  -8.338  1.00 23.18 ? 158  TYR A CD2 1 
ATOM   1228 C  CE1 . TYR A 1 158 ? 5.998   10.730  -9.313  1.00 24.74 ? 158  TYR A CE1 1 
ATOM   1229 C  CE2 . TYR A 1 158 ? 8.200   9.769   -9.178  1.00 24.14 ? 158  TYR A CE2 1 
ATOM   1230 C  CZ  . TYR A 1 158 ? 6.911   9.739   -9.666  1.00 22.75 ? 158  TYR A CZ  1 
ATOM   1231 O  OH  . TYR A 1 158 ? 6.528   8.732   -10.470 1.00 24.76 ? 158  TYR A OH  1 
ATOM   1232 N  N   . ASN A 1 159 ? 9.395   16.539  -7.425  1.00 31.94 ? 159  ASN A N   1 
ATOM   1233 C  CA  . ASN A 1 159 ? 9.717   17.648  -6.482  1.00 38.01 ? 159  ASN A CA  1 
ATOM   1234 C  C   . ASN A 1 159 ? 8.606   18.658  -6.199  1.00 41.01 ? 159  ASN A C   1 
ATOM   1235 O  O   . ASN A 1 159 ? 8.309   19.505  -7.039  1.00 49.10 ? 159  ASN A O   1 
ATOM   1236 C  CB  . ASN A 1 159 ? 10.942  18.382  -6.952  1.00 38.52 ? 159  ASN A CB  1 
ATOM   1237 C  CG  . ASN A 1 159 ? 12.132  17.483  -6.988  1.00 39.47 ? 159  ASN A CG  1 
ATOM   1238 O  OD1 . ASN A 1 159 ? 12.549  17.045  -8.046  1.00 43.76 ? 159  ASN A OD1 1 
ATOM   1239 N  ND2 . ASN A 1 159 ? 12.634  17.141  -5.833  1.00 38.30 ? 159  ASN A ND2 1 
HETATM 1240 S  S   . SO4 B 2 .   ? 9.817   -15.353 5.111   1.00 81.65 ? 1160 SO4 A S   1 
HETATM 1241 O  O1  . SO4 B 2 .   ? 10.112  -16.502 4.232   1.00 76.82 ? 1160 SO4 A O1  1 
HETATM 1242 O  O2  . SO4 B 2 .   ? 10.661  -14.180 4.721   1.00 73.51 ? 1160 SO4 A O2  1 
HETATM 1243 O  O3  . SO4 B 2 .   ? 10.120  -15.729 6.514   1.00 80.47 ? 1160 SO4 A O3  1 
HETATM 1244 O  O4  . SO4 B 2 .   ? 8.369   -15.048 4.973   1.00 76.32 ? 1160 SO4 A O4  1 
HETATM 1245 C  C1  . DXC C 3 .   ? -1.069  -5.546  2.131   1.00 33.37 ? 1161 DXC A C1  1 
HETATM 1246 C  C2  . DXC C 3 .   ? -2.061  -5.340  0.975   1.00 33.53 ? 1161 DXC A C2  1 
HETATM 1247 C  C3  . DXC C 3 .   ? -1.396  -5.703  -0.366  1.00 30.41 ? 1161 DXC A C3  1 
HETATM 1248 C  C4  . DXC C 3 .   ? -0.088  -4.954  -0.662  1.00 30.03 ? 1161 DXC A C4  1 
HETATM 1249 C  C5  . DXC C 3 .   ? 0.846   -5.220  0.524   1.00 31.83 ? 1161 DXC A C5  1 
HETATM 1250 C  C6  . DXC C 3 .   ? 0.225   -4.755  1.853   1.00 32.01 ? 1161 DXC A C6  1 
HETATM 1251 C  C7  . DXC C 3 .   ? -2.423  -5.535  -1.457  1.00 30.40 ? 1161 DXC A C7  1 
HETATM 1252 C  C8  . DXC C 3 .   ? -2.600  -4.111  -1.961  1.00 27.82 ? 1161 DXC A C8  1 
HETATM 1253 C  C9  . DXC C 3 .   ? -1.313  -3.302  -2.126  1.00 29.08 ? 1161 DXC A C9  1 
HETATM 1254 C  C10 . DXC C 3 .   ? -0.407  -3.483  -0.891  1.00 29.83 ? 1161 DXC A C10 1 
HETATM 1255 C  C11 . DXC C 3 .   ? -1.695  -1.815  -2.137  1.00 29.09 ? 1161 DXC A C11 1 
HETATM 1256 C  C12 . DXC C 3 .   ? -0.521  -0.864  -2.283  1.00 28.52 ? 1161 DXC A C12 1 
HETATM 1257 C  C13 . DXC C 3 .   ? 0.463   -1.097  -1.118  1.00 29.16 ? 1161 DXC A C13 1 
HETATM 1258 C  C14 . DXC C 3 .   ? 0.836   -2.573  -0.935  1.00 28.87 ? 1161 DXC A C14 1 
HETATM 1259 C  C15 . DXC C 3 .   ? -2.750  -1.284  -3.106  1.00 30.55 ? 1161 DXC A C15 1 
HETATM 1260 C  C16 . DXC C 3 .   ? -2.536  0.246   -3.110  1.00 29.61 ? 1161 DXC A C16 1 
HETATM 1261 C  C17 . DXC C 3 .   ? -1.291  0.493   -2.254  1.00 27.97 ? 1161 DXC A C17 1 
HETATM 1262 C  C18 . DXC C 3 .   ? 0.602   -5.454  -1.929  1.00 30.46 ? 1161 DXC A C18 1 
HETATM 1263 C  C19 . DXC C 3 .   ? -0.523  1.788   -2.601  1.00 28.26 ? 1161 DXC A C19 1 
HETATM 1264 O  O1  . DXC C 3 .   ? -0.154  -0.643  0.080   1.00 26.64 ? 1161 DXC A O1  1 
HETATM 1265 O  O2  . DXC C 3 .   ? -1.685  -5.217  3.413   1.00 34.76 ? 1161 DXC A O2  1 
HETATM 1266 C  C20 . DXC C 3 .   ? 0.163   -1.184  -3.628  1.00 30.08 ? 1161 DXC A C20 1 
HETATM 1267 C  C21 . DXC C 3 .   ? -1.437  3.007   -2.798  1.00 28.04 ? 1161 DXC A C21 1 
HETATM 1268 C  C22 . DXC C 3 .   ? -0.921  3.861   -3.964  1.00 31.34 ? 1161 DXC A C22 1 
HETATM 1269 C  C23 . DXC C 3 .   ? -1.313  3.378   -5.354  1.00 34.86 ? 1161 DXC A C23 1 
HETATM 1270 O  O3  . DXC C 3 .   ? -2.360  2.677   -5.487  1.00 35.40 ? 1161 DXC A O3  1 
HETATM 1271 O  O4  . DXC C 3 .   ? -0.581  3.713   -6.341  1.00 34.36 ? 1161 DXC A O4  1 
HETATM 1272 C  C24 . DXC C 3 .   ? 0.523   2.126   -1.530  1.00 25.91 ? 1161 DXC A C24 1 
HETATM 1273 C  C1  . 2AN D 4 .   ? 2.021   -2.202  4.744   1.00 62.37 ? 1162 2AN A C1  1 
HETATM 1274 C  C2  . 2AN D 4 .   ? 0.670   -2.491  4.491   1.00 60.27 ? 1162 2AN A C2  1 
HETATM 1275 C  C3  . 2AN D 4 .   ? -0.066  -1.791  3.567   1.00 58.65 ? 1162 2AN A C3  1 
HETATM 1276 C  C4  . 2AN D 4 .   ? 0.543   -0.782  2.867   1.00 57.23 ? 1162 2AN A C4  1 
HETATM 1277 C  C5  . 2AN D 4 .   ? 1.874   -0.483  3.080   1.00 55.09 ? 1162 2AN A C5  1 
HETATM 1278 C  C6  . 2AN D 4 .   ? 2.373   0.548   2.318   1.00 55.43 ? 1162 2AN A C6  1 
HETATM 1279 C  C7  . 2AN D 4 .   ? 3.686   0.948   2.478   1.00 58.09 ? 1162 2AN A C7  1 
HETATM 1280 C  C8  . 2AN D 4 .   ? 4.512   0.316   3.375   1.00 59.06 ? 1162 2AN A C8  1 
HETATM 1281 N  N   . 2AN D 4 .   ? 2.744   -2.971  5.706   1.00 64.37 ? 1162 2AN A N   1 
HETATM 1282 S  S   . 2AN D 4 .   ? 5.231   -1.309  5.181   0.80 70.22 ? 1162 2AN A S   1 
HETATM 1283 C  C9  . 2AN D 4 .   ? 4.058   -0.743  4.171   1.00 65.48 ? 1162 2AN A C9  1 
HETATM 1284 C  C10 . 2AN D 4 .   ? 2.671   -1.161  4.021   1.00 61.20 ? 1162 2AN A C10 1 
HETATM 1285 C  C11 . 2AN D 4 .   ? 2.032   -3.775  6.652   1.00 65.40 ? 1162 2AN A C11 1 
HETATM 1286 C  C12 . 2AN D 4 .   ? 1.247   -4.869  6.277   1.00 63.43 ? 1162 2AN A C12 1 
HETATM 1287 C  C13 . 2AN D 4 .   ? 0.581   -5.639  7.243   1.00 64.87 ? 1162 2AN A C13 1 
HETATM 1288 C  C14 . 2AN D 4 .   ? 0.712   -5.338  8.598   0.80 69.42 ? 1162 2AN A C14 1 
HETATM 1289 C  C15 . 2AN D 4 .   ? 1.497   -4.248  8.988   1.00 70.91 ? 1162 2AN A C15 1 
HETATM 1290 C  C16 . 2AN D 4 .   ? 2.151   -3.485  8.016   1.00 69.82 ? 1162 2AN A C16 1 
HETATM 1291 O  O1  . 2AN D 4 .   ? 6.266   -0.311  5.377   1.00 69.50 ? 1162 2AN A O1  1 
HETATM 1292 O  O2  . 2AN D 4 .   ? 5.886   -2.501  4.699   1.00 73.43 ? 1162 2AN A O2  1 
HETATM 1293 O  O3  . 2AN D 4 .   ? 4.657   -1.596  6.693   1.00 77.52 ? 1162 2AN A O3  1 
HETATM 1294 C  C1  A MPD E 5 .   ? -0.023  -11.818 0.618   0.50 26.94 ? 1163 MPD A C1  1 
HETATM 1295 C  C1  B MPD E 5 .   ? 1.006   -12.052 -1.046  0.50 31.52 ? 1163 MPD A C1  1 
HETATM 1296 C  C2  A MPD E 5 .   ? -0.270  -10.351 0.284   0.50 26.90 ? 1163 MPD A C2  1 
HETATM 1297 C  C2  B MPD E 5 .   ? 0.333   -10.667 -0.941  0.50 32.92 ? 1163 MPD A C2  1 
HETATM 1298 O  O2  A MPD E 5 .   ? 0.735   -9.593  0.978   0.50 28.81 ? 1163 MPD A O2  1 
HETATM 1299 O  O2  B MPD E 5 .   ? 1.329   -9.709  -0.542  0.50 33.56 ? 1163 MPD A O2  1 
HETATM 1300 C  CM  A MPD E 5 .   ? -0.175  -10.055 -1.206  0.50 27.05 ? 1163 MPD A CM  1 
HETATM 1301 C  CM  B MPD E 5 .   ? -0.233  -10.300 -2.305  0.50 31.14 ? 1163 MPD A CM  1 
HETATM 1302 C  C3  A MPD E 5 .   ? -1.663  -9.958  0.745   0.50 27.50 ? 1163 MPD A C3  1 
HETATM 1303 C  C3  B MPD E 5 .   ? -0.811  -10.636 0.085   0.50 30.34 ? 1163 MPD A C3  1 
HETATM 1304 C  C4  A MPD E 5 .   ? -1.983  -10.708 2.020   0.50 27.88 ? 1163 MPD A C4  1 
HETATM 1305 C  C4  B MPD E 5 .   ? -1.856  -9.539  -0.189  0.50 30.63 ? 1163 MPD A C4  1 
HETATM 1306 O  O4  A MPD E 5 .   ? -0.994  -10.339 2.982   0.50 29.25 ? 1163 MPD A O4  1 
HETATM 1307 O  O4  B MPD E 5 .   ? -1.873  -9.145  -1.568  0.50 31.84 ? 1163 MPD A O4  1 
HETATM 1308 C  C5  A MPD E 5 .   ? -3.372  -10.349 2.504   0.50 27.02 ? 1163 MPD A C5  1 
HETATM 1309 C  C5  B MPD E 5 .   ? -3.270  -9.966  0.154   0.50 29.19 ? 1163 MPD A C5  1 
HETATM 1310 NA NA  . NA  F 6 .   ? -2.735  -12.539 14.291  1.00 40.16 ? 1164 NA  A NA  1 
HETATM 1311 O  O   . HOH G 7 .   ? -7.087  -6.701  16.861  1.00 16.36 ? 2001 HOH A O   1 
HETATM 1312 O  O   . HOH G 7 .   ? 13.532  8.267   12.200  1.00 33.33 ? 2002 HOH A O   1 
HETATM 1313 O  O   . HOH G 7 .   ? 1.136   2.808   13.517  1.00 25.34 ? 2003 HOH A O   1 
HETATM 1314 O  O   . HOH G 7 .   ? 6.882   -1.853  14.522  1.00 26.72 ? 2004 HOH A O   1 
HETATM 1315 O  O   . HOH G 7 .   ? 7.272   18.322  -12.664 1.00 42.22 ? 2005 HOH A O   1 
HETATM 1316 O  O   . HOH G 7 .   ? 7.481   7.153   16.163  1.00 31.43 ? 2006 HOH A O   1 
HETATM 1317 O  O   . HOH G 7 .   ? 12.401  1.056   9.231   1.00 40.30 ? 2007 HOH A O   1 
HETATM 1318 O  O   . HOH G 7 .   ? 15.023  4.586   6.708   1.00 27.45 ? 2008 HOH A O   1 
HETATM 1319 O  O   . HOH G 7 .   ? 12.994  8.851   9.144   1.00 23.43 ? 2009 HOH A O   1 
HETATM 1320 O  O   . HOH G 7 .   ? 8.072   17.089  3.246   1.00 12.46 ? 2010 HOH A O   1 
HETATM 1321 O  O   . HOH G 7 .   ? 10.081  14.799  5.799   1.00 10.23 ? 2011 HOH A O   1 
HETATM 1322 O  O   . HOH G 7 .   ? 9.231   16.869  0.812   1.00 15.82 ? 2012 HOH A O   1 
HETATM 1323 O  O   . HOH G 7 .   ? 2.738   15.415  -1.547  1.00 25.10 ? 2013 HOH A O   1 
HETATM 1324 O  O   . HOH G 7 .   ? 14.105  13.914  -1.424  1.00 14.70 ? 2014 HOH A O   1 
HETATM 1325 O  O   . HOH G 7 .   ? 8.899   17.676  -1.756  1.00 22.15 ? 2015 HOH A O   1 
HETATM 1326 O  O   . HOH G 7 .   ? 2.225   12.295  -8.072  1.00 21.67 ? 2016 HOH A O   1 
HETATM 1327 O  O   . HOH G 7 .   ? 4.591   19.195  -6.545  1.00 50.48 ? 2017 HOH A O   1 
HETATM 1328 O  O   . HOH G 7 .   ? 6.160   17.328  -10.471 1.00 40.18 ? 2018 HOH A O   1 
HETATM 1329 O  O   . HOH G 7 .   ? -0.732  6.445   -9.021  1.00 19.70 ? 2019 HOH A O   1 
HETATM 1330 O  O   . HOH G 7 .   ? -12.321 -16.297 -13.405 1.00 35.39 ? 2020 HOH A O   1 
HETATM 1331 O  O   . HOH G 7 .   ? -8.124  -15.261 -10.578 1.00 39.04 ? 2021 HOH A O   1 
HETATM 1332 O  O   . HOH G 7 .   ? 1.518   11.538  -12.411 1.00 50.95 ? 2022 HOH A O   1 
HETATM 1333 O  O   . HOH G 7 .   ? -14.316 0.498   7.961   1.00 44.03 ? 2023 HOH A O   1 
HETATM 1334 O  O   . HOH G 7 .   ? 1.958   1.240   -14.323 1.00 24.19 ? 2024 HOH A O   1 
HETATM 1335 O  O   . HOH G 7 .   ? -4.379  7.440   -9.530  1.00 51.00 ? 2025 HOH A O   1 
HETATM 1336 O  O   . HOH G 7 .   ? -3.308  3.906   -12.992 1.00 38.45 ? 2026 HOH A O   1 
HETATM 1337 O  O   . HOH G 7 .   ? -0.864  21.532  3.605   1.00 25.07 ? 2027 HOH A O   1 
HETATM 1338 O  O   . HOH G 7 .   ? -5.393  21.748  8.124   1.00 28.78 ? 2028 HOH A O   1 
HETATM 1339 O  O   . HOH G 7 .   ? 6.110   -4.613  -14.208 1.00 19.39 ? 2029 HOH A O   1 
HETATM 1340 O  O   . HOH G 7 .   ? 11.222  0.159   -15.712 1.00 54.49 ? 2030 HOH A O   1 
HETATM 1341 O  O   . HOH G 7 .   ? -15.147 -11.587 -3.197  1.00 16.42 ? 2031 HOH A O   1 
HETATM 1342 O  O   . HOH G 7 .   ? 13.150  -3.016  -7.375  1.00 31.54 ? 2032 HOH A O   1 
HETATM 1343 O  O   . HOH G 7 .   ? 9.766   -9.794  -4.378  1.00 42.27 ? 2033 HOH A O   1 
HETATM 1344 O  O   . HOH G 7 .   ? 12.745  -8.713  -4.906  1.00 41.95 ? 2034 HOH A O   1 
HETATM 1345 O  O   . HOH G 7 .   ? 13.203  -5.561  -4.422  1.00 37.31 ? 2035 HOH A O   1 
HETATM 1346 O  O   . HOH G 7 .   ? 0.966   -11.117 -13.655 1.00 20.35 ? 2036 HOH A O   1 
HETATM 1347 O  O   . HOH G 7 .   ? -3.377  -5.339  -12.807 1.00 12.61 ? 2037 HOH A O   1 
HETATM 1348 O  O   . HOH G 7 .   ? 0.770   -1.151  -14.697 1.00 18.08 ? 2038 HOH A O   1 
HETATM 1349 O  O   . HOH G 7 .   ? -9.401  4.152   -16.167 1.00 48.32 ? 2039 HOH A O   1 
HETATM 1350 O  O   . HOH G 7 .   ? -11.405 6.184   -14.441 1.00 33.52 ? 2040 HOH A O   1 
HETATM 1351 O  O   . HOH G 7 .   ? -17.066 1.347   -15.483 1.00 35.22 ? 2041 HOH A O   1 
HETATM 1352 O  O   . HOH G 7 .   ? -5.031  6.645   -5.337  1.00 23.70 ? 2042 HOH A O   1 
HETATM 1353 O  O   . HOH G 7 .   ? -11.733 11.513  -7.524  1.00 32.39 ? 2043 HOH A O   1 
HETATM 1354 O  O   . HOH G 7 .   ? -13.731 10.829  -5.408  1.00 17.93 ? 2044 HOH A O   1 
HETATM 1355 O  O   . HOH G 7 .   ? -4.331  -10.389 -12.784 1.00 24.98 ? 2045 HOH A O   1 
HETATM 1356 O  O   . HOH G 7 .   ? 17.304  10.974  -14.509 1.00 43.32 ? 2046 HOH A O   1 
HETATM 1357 O  O   . HOH G 7 .   ? -1.284  -12.168 -11.804 1.00 15.74 ? 2047 HOH A O   1 
HETATM 1358 O  O   . HOH G 7 .   ? 0.324   -14.307 -9.638  1.00 22.46 ? 2048 HOH A O   1 
HETATM 1359 O  O   . HOH G 7 .   ? 4.903   -12.240 -14.311 1.00 32.07 ? 2049 HOH A O   1 
HETATM 1360 O  O   . HOH G 7 .   ? 7.811   -13.625 -10.204 1.00 25.09 ? 2050 HOH A O   1 
HETATM 1361 O  O   . HOH G 7 .   ? 1.537   -18.195 -11.005 1.00 11.78 ? 2051 HOH A O   1 
HETATM 1362 O  O   . HOH G 7 .   ? 0.442   -16.601 -8.908  1.00 14.87 ? 2052 HOH A O   1 
HETATM 1363 O  O   . HOH G 7 .   ? -5.629  -15.558 -5.998  1.00 10.36 ? 2053 HOH A O   1 
HETATM 1364 O  O   . HOH G 7 .   ? -9.286  -14.910 -12.451 1.00 36.22 ? 2054 HOH A O   1 
HETATM 1365 O  O   . HOH G 7 .   ? -6.436  -12.517 -16.484 1.00 51.51 ? 2055 HOH A O   1 
HETATM 1366 O  O   . HOH G 7 .   ? -14.170 -5.079  -13.224 1.00 51.44 ? 2056 HOH A O   1 
HETATM 1367 O  O   . HOH G 7 .   ? -4.703  2.188   -4.433  1.00 40.12 ? 2057 HOH A O   1 
HETATM 1368 O  O   . HOH G 7 .   ? -16.573 1.063   2.792   1.00 30.71 ? 2058 HOH A O   1 
HETATM 1369 O  O   . HOH G 7 .   ? -17.464 -1.505  2.730   1.00 46.14 ? 2059 HOH A O   1 
HETATM 1370 O  O   . HOH G 7 .   ? -12.931 0.068   4.637   1.00 23.87 ? 2060 HOH A O   1 
HETATM 1371 O  O   . HOH G 7 .   ? -14.743 4.313   1.413   1.00 32.52 ? 2061 HOH A O   1 
HETATM 1372 O  O   . HOH G 7 .   ? -9.125  2.366   4.783   1.00 17.32 ? 2062 HOH A O   1 
HETATM 1373 O  O   . HOH G 7 .   ? -10.101 10.000  8.608   1.00 55.31 ? 2063 HOH A O   1 
HETATM 1374 O  O   . HOH G 7 .   ? -6.606  15.945  0.287   1.00 14.25 ? 2064 HOH A O   1 
HETATM 1375 O  O   . HOH G 7 .   ? -6.238  17.859  2.607   1.00 31.18 ? 2065 HOH A O   1 
HETATM 1376 O  O   . HOH G 7 .   ? -7.830  12.549  7.768   1.00 34.38 ? 2066 HOH A O   1 
HETATM 1377 O  O   . HOH G 7 .   ? 1.260   19.738  3.461   1.00 37.39 ? 2067 HOH A O   1 
HETATM 1378 O  O   . HOH G 7 .   ? 1.699   13.965  7.940   1.00 17.75 ? 2068 HOH A O   1 
HETATM 1379 O  O   . HOH G 7 .   ? -5.863  18.866  8.866   1.00 34.45 ? 2069 HOH A O   1 
HETATM 1380 O  O   . HOH G 7 .   ? -10.900 6.294   5.238   1.00 21.74 ? 2070 HOH A O   1 
HETATM 1381 O  O   . HOH G 7 .   ? -15.344 -9.254  -2.145  1.00 22.96 ? 2071 HOH A O   1 
HETATM 1382 O  O   . HOH G 7 .   ? -14.877 -6.030  0.369   1.00 31.38 ? 2072 HOH A O   1 
HETATM 1383 O  O   . HOH G 7 .   ? -12.685 -12.094 -3.812  1.00 13.89 ? 2073 HOH A O   1 
HETATM 1384 O  O   . HOH G 7 .   ? -11.279 -15.749 2.184   1.00 19.20 ? 2074 HOH A O   1 
HETATM 1385 O  O   . HOH G 7 .   ? -16.219 -11.824 0.943   1.00 28.35 ? 2075 HOH A O   1 
HETATM 1386 O  O   . HOH G 7 .   ? -11.393 -17.938 0.224   1.00 33.13 ? 2076 HOH A O   1 
HETATM 1387 O  O   . HOH G 7 .   ? -15.947 -9.428  0.572   1.00 21.89 ? 2077 HOH A O   1 
HETATM 1388 O  O   . HOH G 7 .   ? -6.922  0.655   9.161   1.00 37.14 ? 2078 HOH A O   1 
HETATM 1389 O  O   . HOH G 7 .   ? -1.645  4.680   10.375  1.00 39.27 ? 2079 HOH A O   1 
HETATM 1390 O  O   . HOH G 7 .   ? -10.175 3.432   6.589   1.00 35.91 ? 2080 HOH A O   1 
HETATM 1391 O  O   . HOH G 7 .   ? 1.192   14.757  10.544  1.00 35.06 ? 2081 HOH A O   1 
HETATM 1392 O  O   . HOH G 7 .   ? 4.870   15.954  8.639   1.00 35.76 ? 2082 HOH A O   1 
HETATM 1393 O  O   . HOH G 7 .   ? 8.788   13.041  13.338  1.00 31.51 ? 2083 HOH A O   1 
HETATM 1394 O  O   . HOH G 7 .   ? 19.171  17.829  10.733  1.00 35.23 ? 2084 HOH A O   1 
HETATM 1395 O  O   . HOH G 7 .   ? 17.637  17.895  8.244   1.00 28.53 ? 2085 HOH A O   1 
HETATM 1396 O  O   . HOH G 7 .   ? 15.389  12.788  12.395  1.00 23.83 ? 2086 HOH A O   1 
HETATM 1397 O  O   . HOH G 7 .   ? 16.733  14.358  3.453   1.00 23.81 ? 2087 HOH A O   1 
HETATM 1398 O  O   . HOH G 7 .   ? 1.163   10.918  14.155  1.00 39.65 ? 2088 HOH A O   1 
HETATM 1399 O  O   . HOH G 7 .   ? -13.017 -1.066  12.317  1.00 35.11 ? 2089 HOH A O   1 
HETATM 1400 O  O   . HOH G 7 .   ? -2.259  -7.817  3.666   1.00 42.35 ? 2090 HOH A O   1 
HETATM 1401 O  O   . HOH G 7 .   ? -11.991 -0.568  9.471   1.00 40.55 ? 2091 HOH A O   1 
HETATM 1402 O  O   . HOH G 7 .   ? -18.917 -12.517 11.194  1.00 47.39 ? 2092 HOH A O   1 
HETATM 1403 O  O   . HOH G 7 .   ? -17.836 -18.656 13.654  1.00 46.13 ? 2093 HOH A O   1 
HETATM 1404 O  O   . HOH G 7 .   ? -15.142 -19.043 14.297  1.00 41.03 ? 2094 HOH A O   1 
HETATM 1405 O  O   . HOH G 7 .   ? -16.402 -17.501 18.055  1.00 42.14 ? 2095 HOH A O   1 
HETATM 1406 O  O   . HOH G 7 .   ? -6.267  -19.202 11.520  1.00 37.93 ? 2096 HOH A O   1 
HETATM 1407 O  O   . HOH G 7 .   ? -4.340  -15.731 8.129   1.00 27.23 ? 2097 HOH A O   1 
HETATM 1408 O  O   . HOH G 7 .   ? 6.245   -14.968 2.644   1.00 38.48 ? 2098 HOH A O   1 
HETATM 1409 O  O   . HOH G 7 .   ? -5.046  -16.107 3.045   1.00 38.46 ? 2099 HOH A O   1 
HETATM 1410 O  O   . HOH G 7 .   ? 13.118  -3.659  -2.945  1.00 23.13 ? 2100 HOH A O   1 
HETATM 1411 O  O   . HOH G 7 .   ? 15.194  -1.759  -3.374  1.00 25.43 ? 2101 HOH A O   1 
HETATM 1412 O  O   . HOH G 7 .   ? 14.252  0.742   -7.451  1.00 20.48 ? 2102 HOH A O   1 
HETATM 1413 O  O   . HOH G 7 .   ? 16.547  2.278   -0.076  1.00 28.94 ? 2103 HOH A O   1 
HETATM 1414 O  O   . HOH G 7 .   ? 15.928  12.914  -12.104 1.00 31.22 ? 2104 HOH A O   1 
HETATM 1415 O  O   . HOH G 7 .   ? 17.039  17.908  -8.404  1.00 26.88 ? 2105 HOH A O   1 
HETATM 1416 O  O   . HOH G 7 .   ? 13.269  13.454  -12.956 1.00 34.40 ? 2106 HOH A O   1 
HETATM 1417 O  O   . HOH G 7 .   ? 8.180   14.260  -11.592 1.00 27.43 ? 2107 HOH A O   1 
HETATM 1418 O  O   . HOH G 7 .   ? 7.256   16.847  -3.722  1.00 24.26 ? 2108 HOH A O   1 
# 
loop_
_pdbx_poly_seq_scheme.asym_id 
_pdbx_poly_seq_scheme.entity_id 
_pdbx_poly_seq_scheme.seq_id 
_pdbx_poly_seq_scheme.mon_id 
_pdbx_poly_seq_scheme.ndb_seq_num 
_pdbx_poly_seq_scheme.pdb_seq_num 
_pdbx_poly_seq_scheme.auth_seq_num 
_pdbx_poly_seq_scheme.pdb_mon_id 
_pdbx_poly_seq_scheme.auth_mon_id 
_pdbx_poly_seq_scheme.pdb_strand_id 
_pdbx_poly_seq_scheme.pdb_ins_code 
_pdbx_poly_seq_scheme.hetero 
A 1 1   GLY 1   1   1   GLY GLY A . n 
A 1 2   VAL 2   2   2   VAL VAL A . n 
A 1 3   PHE 3   3   3   PHE PHE A . n 
A 1 4   ASN 4   4   4   ASN ASN A . n 
A 1 5   TYR 5   5   5   TYR TYR A . n 
A 1 6   GLU 6   6   6   GLU GLU A . n 
A 1 7   THR 7   7   7   THR THR A . n 
A 1 8   GLU 8   8   8   GLU GLU A . n 
A 1 9   THR 9   9   9   THR THR A . n 
A 1 10  THR 10  10  10  THR THR A . n 
A 1 11  SER 11  11  11  SER SER A . n 
A 1 12  VAL 12  12  12  VAL VAL A . n 
A 1 13  ILE 13  13  13  ILE ILE A . n 
A 1 14  PRO 14  14  14  PRO PRO A . n 
A 1 15  ALA 15  15  15  ALA ALA A . n 
A 1 16  ALA 16  16  16  ALA ALA A . n 
A 1 17  ARG 17  17  17  ARG ARG A . n 
A 1 18  LEU 18  18  18  LEU LEU A . n 
A 1 19  PHE 19  19  19  PHE PHE A . n 
A 1 20  LYS 20  20  20  LYS LYS A . n 
A 1 21  ALA 21  21  21  ALA ALA A . n 
A 1 22  PHE 22  22  22  PHE PHE A . n 
A 1 23  ILE 23  23  23  ILE ILE A . n 
A 1 24  LEU 24  24  24  LEU LEU A . n 
A 1 25  ASP 25  25  25  ASP ASP A . n 
A 1 26  GLY 26  26  26  GLY GLY A . n 
A 1 27  ASP 27  27  27  ASP ASP A . n 
A 1 28  ASN 28  28  28  ASN ASN A . n 
A 1 29  LEU 29  29  29  LEU LEU A . n 
A 1 30  PHE 30  30  30  PHE PHE A . n 
A 1 31  PRO 31  31  31  PRO PRO A . n 
A 1 32  LYS 32  32  32  LYS LYS A . n 
A 1 33  VAL 33  33  33  VAL VAL A . n 
A 1 34  ALA 34  34  34  ALA ALA A . n 
A 1 35  PRO 35  35  35  PRO PRO A . n 
A 1 36  GLN 36  36  36  GLN GLN A . n 
A 1 37  ALA 37  37  37  ALA ALA A . n 
A 1 38  ILE 38  38  38  ILE ILE A . n 
A 1 39  SER 39  39  39  SER SER A . n 
A 1 40  SER 40  40  40  SER SER A . n 
A 1 41  VAL 41  41  41  VAL VAL A . n 
A 1 42  GLU 42  42  42  GLU GLU A . n 
A 1 43  ASN 43  43  43  ASN ASN A . n 
A 1 44  ILE 44  44  44  ILE ILE A . n 
A 1 45  GLU 45  45  45  GLU GLU A . n 
A 1 46  GLY 46  46  46  GLY GLY A . n 
A 1 47  ASN 47  47  47  ASN ASN A . n 
A 1 48  GLY 48  48  48  GLY GLY A . n 
A 1 49  GLY 49  49  49  GLY GLY A . n 
A 1 50  PRO 50  50  50  PRO PRO A . n 
A 1 51  GLY 51  51  51  GLY GLY A . n 
A 1 52  THR 52  52  52  THR THR A . n 
A 1 53  ILE 53  53  53  ILE ILE A . n 
A 1 54  LYS 54  54  54  LYS LYS A . n 
A 1 55  LYS 55  55  55  LYS LYS A . n 
A 1 56  ILE 56  56  56  ILE ILE A . n 
A 1 57  SER 57  57  57  SER SER A . n 
A 1 58  PHE 58  58  58  PHE PHE A . n 
A 1 59  PRO 59  59  59  PRO PRO A . n 
A 1 60  GLU 60  60  60  GLU GLU A . n 
A 1 61  GLY 61  61  61  GLY GLY A . n 
A 1 62  PHE 62  62  62  PHE PHE A . n 
A 1 63  PRO 63  63  63  PRO PRO A . n 
A 1 64  PHE 64  64  64  PHE PHE A . n 
A 1 65  LYS 65  65  65  LYS LYS A . n 
A 1 66  TYR 66  66  66  TYR TYR A . n 
A 1 67  VAL 67  67  67  VAL VAL A . n 
A 1 68  LYS 68  68  68  LYS LYS A . n 
A 1 69  ASP 69  69  69  ASP ASP A . n 
A 1 70  ARG 70  70  70  ARG ARG A . n 
A 1 71  VAL 71  71  71  VAL VAL A . n 
A 1 72  ASP 72  72  72  ASP ASP A . n 
A 1 73  GLU 73  73  73  GLU GLU A . n 
A 1 74  VAL 74  74  74  VAL VAL A . n 
A 1 75  ASP 75  75  75  ASP ASP A . n 
A 1 76  HIS 76  76  76  HIS HIS A . n 
A 1 77  THR 77  77  77  THR THR A . n 
A 1 78  ASN 78  78  78  ASN ASN A . n 
A 1 79  PHE 79  79  79  PHE PHE A . n 
A 1 80  LYS 80  80  80  LYS LYS A . n 
A 1 81  TYR 81  81  81  TYR TYR A . n 
A 1 82  ASN 82  82  82  ASN ASN A . n 
A 1 83  TYR 83  83  83  TYR TYR A . n 
A 1 84  SER 84  84  84  SER SER A . n 
A 1 85  VAL 85  85  85  VAL VAL A . n 
A 1 86  ILE 86  86  86  ILE ILE A . n 
A 1 87  GLU 87  87  87  GLU GLU A . n 
A 1 88  GLY 88  88  88  GLY GLY A . n 
A 1 89  GLY 89  89  89  GLY GLY A . n 
A 1 90  PRO 90  90  90  PRO PRO A . n 
A 1 91  ILE 91  91  91  ILE ILE A . n 
A 1 92  GLY 92  92  92  GLY GLY A . n 
A 1 93  ASP 93  93  93  ASP ASP A . n 
A 1 94  THR 94  94  94  THR THR A . n 
A 1 95  LEU 95  95  95  LEU LEU A . n 
A 1 96  GLU 96  96  96  GLU GLU A . n 
A 1 97  LYS 97  97  97  LYS LYS A . n 
A 1 98  ILE 98  98  98  ILE ILE A . n 
A 1 99  SER 99  99  99  SER SER A . n 
A 1 100 ASN 100 100 100 ASN ASN A . n 
A 1 101 GLU 101 101 101 GLU GLU A . n 
A 1 102 ILE 102 102 102 ILE ILE A . n 
A 1 103 LYS 103 103 103 LYS LYS A . n 
A 1 104 ILE 104 104 104 ILE ILE A . n 
A 1 105 VAL 105 105 105 VAL VAL A . n 
A 1 106 ALA 106 106 106 ALA ALA A . n 
A 1 107 THR 107 107 107 THR THR A . n 
A 1 108 PRO 108 108 108 PRO PRO A . n 
A 1 109 ASP 109 109 109 ASP ASP A . n 
A 1 110 GLY 110 110 110 GLY GLY A . n 
A 1 111 GLY 111 111 111 GLY GLY A . n 
A 1 112 SER 112 112 112 SER SER A . n 
A 1 113 ILE 113 113 113 ILE ILE A . n 
A 1 114 LEU 114 114 114 LEU LEU A . n 
A 1 115 LYS 115 115 115 LYS LYS A . n 
A 1 116 ILE 116 116 116 ILE ILE A . n 
A 1 117 SER 117 117 117 SER SER A . n 
A 1 118 ASN 118 118 118 ASN ASN A . n 
A 1 119 LYS 119 119 119 LYS LYS A . n 
A 1 120 TYR 120 120 120 TYR TYR A . n 
A 1 121 HIS 121 121 121 HIS HIS A . n 
A 1 122 THR 122 122 122 THR THR A . n 
A 1 123 LYS 123 123 123 LYS LYS A . n 
A 1 124 GLY 124 124 124 GLY GLY A . n 
A 1 125 ASP 125 125 125 ASP ASP A . n 
A 1 126 HIS 126 126 126 HIS HIS A . n 
A 1 127 GLU 127 127 127 GLU GLU A . n 
A 1 128 VAL 128 128 128 VAL VAL A . n 
A 1 129 LYS 129 129 129 LYS LYS A . n 
A 1 130 ALA 130 130 130 ALA ALA A . n 
A 1 131 GLU 131 131 131 GLU GLU A . n 
A 1 132 GLN 132 132 132 GLN GLN A . n 
A 1 133 VAL 133 133 133 VAL VAL A . n 
A 1 134 LYS 134 134 134 LYS LYS A . n 
A 1 135 ALA 135 135 135 ALA ALA A . n 
A 1 136 SER 136 136 136 SER SER A . n 
A 1 137 LYS 137 137 137 LYS LYS A . n 
A 1 138 GLU 138 138 138 GLU GLU A . n 
A 1 139 MET 139 139 139 MET MET A . n 
A 1 140 GLY 140 140 140 GLY GLY A . n 
A 1 141 GLU 141 141 141 GLU GLU A . n 
A 1 142 THR 142 142 142 THR THR A . n 
A 1 143 LEU 143 143 143 LEU LEU A . n 
A 1 144 LEU 144 144 144 LEU LEU A . n 
A 1 145 ARG 145 145 145 ARG ARG A . n 
A 1 146 ALA 146 146 146 ALA ALA A . n 
A 1 147 VAL 147 147 147 VAL VAL A . n 
A 1 148 GLU 148 148 148 GLU GLU A . n 
A 1 149 SER 149 149 149 SER SER A . n 
A 1 150 TYR 150 150 150 TYR TYR A . n 
A 1 151 LEU 151 151 151 LEU LEU A . n 
A 1 152 LEU 152 152 152 LEU LEU A . n 
A 1 153 ALA 153 153 153 ALA ALA A . n 
A 1 154 HIS 154 154 154 HIS HIS A . n 
A 1 155 SER 155 155 155 SER SER A . n 
A 1 156 ASP 156 156 156 ASP ASP A . n 
A 1 157 ALA 157 157 157 ALA ALA A . n 
A 1 158 TYR 158 158 158 TYR TYR A . n 
A 1 159 ASN 159 159 159 ASN ASN A . n 
# 
loop_
_pdbx_nonpoly_scheme.asym_id 
_pdbx_nonpoly_scheme.entity_id 
_pdbx_nonpoly_scheme.mon_id 
_pdbx_nonpoly_scheme.ndb_seq_num 
_pdbx_nonpoly_scheme.pdb_seq_num 
_pdbx_nonpoly_scheme.auth_seq_num 
_pdbx_nonpoly_scheme.pdb_mon_id 
_pdbx_nonpoly_scheme.auth_mon_id 
_pdbx_nonpoly_scheme.pdb_strand_id 
_pdbx_nonpoly_scheme.pdb_ins_code 
B 2 SO4 1   1160 1160 SO4 SO4 A . 
C 3 DXC 1   1161 1161 DXC DXC A . 
D 4 2AN 1   1162 1162 2AN 2AN A . 
E 5 MPD 1   1163 1163 MPD MPD A . 
F 6 NA  1   1164 1164 NA  NA  A . 
G 7 HOH 1   2001 2001 HOH HOH A . 
G 7 HOH 2   2002 2002 HOH HOH A . 
G 7 HOH 3   2003 2003 HOH HOH A . 
G 7 HOH 4   2004 2004 HOH HOH A . 
G 7 HOH 5   2005 2005 HOH HOH A . 
G 7 HOH 6   2006 2006 HOH HOH A . 
G 7 HOH 7   2007 2007 HOH HOH A . 
G 7 HOH 8   2008 2008 HOH HOH A . 
G 7 HOH 9   2009 2009 HOH HOH A . 
G 7 HOH 10  2010 2010 HOH HOH A . 
G 7 HOH 11  2011 2011 HOH HOH A . 
G 7 HOH 12  2012 2012 HOH HOH A . 
G 7 HOH 13  2013 2013 HOH HOH A . 
G 7 HOH 14  2014 2014 HOH HOH A . 
G 7 HOH 15  2015 2015 HOH HOH A . 
G 7 HOH 16  2016 2016 HOH HOH A . 
G 7 HOH 17  2017 2017 HOH HOH A . 
G 7 HOH 18  2018 2018 HOH HOH A . 
G 7 HOH 19  2019 2019 HOH HOH A . 
G 7 HOH 20  2020 2020 HOH HOH A . 
G 7 HOH 21  2021 2021 HOH HOH A . 
G 7 HOH 22  2022 2022 HOH HOH A . 
G 7 HOH 23  2023 2023 HOH HOH A . 
G 7 HOH 24  2024 2024 HOH HOH A . 
G 7 HOH 25  2025 2025 HOH HOH A . 
G 7 HOH 26  2026 2026 HOH HOH A . 
G 7 HOH 27  2027 2027 HOH HOH A . 
G 7 HOH 28  2028 2028 HOH HOH A . 
G 7 HOH 29  2029 2029 HOH HOH A . 
G 7 HOH 30  2030 2030 HOH HOH A . 
G 7 HOH 31  2031 2031 HOH HOH A . 
G 7 HOH 32  2032 2032 HOH HOH A . 
G 7 HOH 33  2033 2033 HOH HOH A . 
G 7 HOH 34  2034 2034 HOH HOH A . 
G 7 HOH 35  2035 2035 HOH HOH A . 
G 7 HOH 36  2036 2036 HOH HOH A . 
G 7 HOH 37  2037 2037 HOH HOH A . 
G 7 HOH 38  2038 2038 HOH HOH A . 
G 7 HOH 39  2039 2039 HOH HOH A . 
G 7 HOH 40  2040 2040 HOH HOH A . 
G 7 HOH 41  2041 2041 HOH HOH A . 
G 7 HOH 42  2042 2042 HOH HOH A . 
G 7 HOH 43  2043 2043 HOH HOH A . 
G 7 HOH 44  2044 2044 HOH HOH A . 
G 7 HOH 45  2045 2045 HOH HOH A . 
G 7 HOH 46  2046 2046 HOH HOH A . 
G 7 HOH 47  2047 2047 HOH HOH A . 
G 7 HOH 48  2048 2048 HOH HOH A . 
G 7 HOH 49  2049 2049 HOH HOH A . 
G 7 HOH 50  2050 2050 HOH HOH A . 
G 7 HOH 51  2051 2051 HOH HOH A . 
G 7 HOH 52  2052 2052 HOH HOH A . 
G 7 HOH 53  2053 2053 HOH HOH A . 
G 7 HOH 54  2054 2054 HOH HOH A . 
G 7 HOH 55  2055 2055 HOH HOH A . 
G 7 HOH 56  2056 2056 HOH HOH A . 
G 7 HOH 57  2057 2057 HOH HOH A . 
G 7 HOH 58  2058 2058 HOH HOH A . 
G 7 HOH 59  2059 2059 HOH HOH A . 
G 7 HOH 60  2060 2060 HOH HOH A . 
G 7 HOH 61  2061 2061 HOH HOH A . 
G 7 HOH 62  2062 2062 HOH HOH A . 
G 7 HOH 63  2063 2063 HOH HOH A . 
G 7 HOH 64  2064 2064 HOH HOH A . 
G 7 HOH 65  2065 2065 HOH HOH A . 
G 7 HOH 66  2066 2066 HOH HOH A . 
G 7 HOH 67  2067 2067 HOH HOH A . 
G 7 HOH 68  2068 2068 HOH HOH A . 
G 7 HOH 69  2069 2069 HOH HOH A . 
G 7 HOH 70  2070 2070 HOH HOH A . 
G 7 HOH 71  2071 2071 HOH HOH A . 
G 7 HOH 72  2072 2072 HOH HOH A . 
G 7 HOH 73  2073 2073 HOH HOH A . 
G 7 HOH 74  2074 2074 HOH HOH A . 
G 7 HOH 75  2075 2075 HOH HOH A . 
G 7 HOH 76  2076 2076 HOH HOH A . 
G 7 HOH 77  2077 2077 HOH HOH A . 
G 7 HOH 78  2078 2078 HOH HOH A . 
G 7 HOH 79  2079 2079 HOH HOH A . 
G 7 HOH 80  2080 2080 HOH HOH A . 
G 7 HOH 81  2081 2081 HOH HOH A . 
G 7 HOH 82  2082 2082 HOH HOH A . 
G 7 HOH 83  2083 2083 HOH HOH A . 
G 7 HOH 84  2084 2084 HOH HOH A . 
G 7 HOH 85  2085 2085 HOH HOH A . 
G 7 HOH 86  2086 2086 HOH HOH A . 
G 7 HOH 87  2087 2087 HOH HOH A . 
G 7 HOH 88  2088 2088 HOH HOH A . 
G 7 HOH 89  2089 2089 HOH HOH A . 
G 7 HOH 90  2090 2090 HOH HOH A . 
G 7 HOH 91  2091 2091 HOH HOH A . 
G 7 HOH 92  2092 2092 HOH HOH A . 
G 7 HOH 93  2093 2093 HOH HOH A . 
G 7 HOH 94  2094 2094 HOH HOH A . 
G 7 HOH 95  2095 2095 HOH HOH A . 
G 7 HOH 96  2096 2096 HOH HOH A . 
G 7 HOH 97  2097 2097 HOH HOH A . 
G 7 HOH 98  2098 2098 HOH HOH A . 
G 7 HOH 99  2099 2099 HOH HOH A . 
G 7 HOH 100 2100 2100 HOH HOH A . 
G 7 HOH 101 2101 2101 HOH HOH A . 
G 7 HOH 102 2102 2102 HOH HOH A . 
G 7 HOH 103 2103 2103 HOH HOH A . 
G 7 HOH 104 2104 2104 HOH HOH A . 
G 7 HOH 105 2105 2105 HOH HOH A . 
G 7 HOH 106 2106 2106 HOH HOH A . 
G 7 HOH 107 2107 2107 HOH HOH A . 
G 7 HOH 108 2108 2108 HOH HOH A . 
# 
_pdbx_struct_assembly.id                   1 
_pdbx_struct_assembly.details              author_and_software_defined_assembly 
_pdbx_struct_assembly.method_details       PISA 
_pdbx_struct_assembly.oligomeric_details   monomeric 
_pdbx_struct_assembly.oligomeric_count     1 
# 
_pdbx_struct_assembly_gen.assembly_id       1 
_pdbx_struct_assembly_gen.oper_expression   1 
_pdbx_struct_assembly_gen.asym_id_list      A,B,C,D,E,F,G 
# 
_pdbx_struct_oper_list.id                   1 
_pdbx_struct_oper_list.type                 'identity operation' 
_pdbx_struct_oper_list.name                 1_555 
_pdbx_struct_oper_list.symmetry_operation   x,y,z 
_pdbx_struct_oper_list.matrix[1][1]         1.0000000000 
_pdbx_struct_oper_list.matrix[1][2]         0.0000000000 
_pdbx_struct_oper_list.matrix[1][3]         0.0000000000 
_pdbx_struct_oper_list.vector[1]            0.0000000000 
_pdbx_struct_oper_list.matrix[2][1]         0.0000000000 
_pdbx_struct_oper_list.matrix[2][2]         1.0000000000 
_pdbx_struct_oper_list.matrix[2][3]         0.0000000000 
_pdbx_struct_oper_list.vector[2]            0.0000000000 
_pdbx_struct_oper_list.matrix[3][1]         0.0000000000 
_pdbx_struct_oper_list.matrix[3][2]         0.0000000000 
_pdbx_struct_oper_list.matrix[3][3]         1.0000000000 
_pdbx_struct_oper_list.vector[3]            0.0000000000 
# 
loop_
_pdbx_struct_conn_angle.id 
_pdbx_struct_conn_angle.ptnr1_label_atom_id 
_pdbx_struct_conn_angle.ptnr1_label_alt_id 
_pdbx_struct_conn_angle.ptnr1_label_asym_id 
_pdbx_struct_conn_angle.ptnr1_label_comp_id 
_pdbx_struct_conn_angle.ptnr1_label_seq_id 
_pdbx_struct_conn_angle.ptnr1_auth_atom_id 
_pdbx_struct_conn_angle.ptnr1_auth_asym_id 
_pdbx_struct_conn_angle.ptnr1_auth_comp_id 
_pdbx_struct_conn_angle.ptnr1_auth_seq_id 
_pdbx_struct_conn_angle.ptnr1_PDB_ins_code 
_pdbx_struct_conn_angle.ptnr1_symmetry 
_pdbx_struct_conn_angle.ptnr2_label_atom_id 
_pdbx_struct_conn_angle.ptnr2_label_alt_id 
_pdbx_struct_conn_angle.ptnr2_label_asym_id 
_pdbx_struct_conn_angle.ptnr2_label_comp_id 
_pdbx_struct_conn_angle.ptnr2_label_seq_id 
_pdbx_struct_conn_angle.ptnr2_auth_atom_id 
_pdbx_struct_conn_angle.ptnr2_auth_asym_id 
_pdbx_struct_conn_angle.ptnr2_auth_comp_id 
_pdbx_struct_conn_angle.ptnr2_auth_seq_id 
_pdbx_struct_conn_angle.ptnr2_PDB_ins_code 
_pdbx_struct_conn_angle.ptnr2_symmetry 
_pdbx_struct_conn_angle.ptnr3_label_atom_id 
_pdbx_struct_conn_angle.ptnr3_label_alt_id 
_pdbx_struct_conn_angle.ptnr3_label_asym_id 
_pdbx_struct_conn_angle.ptnr3_label_comp_id 
_pdbx_struct_conn_angle.ptnr3_label_seq_id 
_pdbx_struct_conn_angle.ptnr3_auth_atom_id 
_pdbx_struct_conn_angle.ptnr3_auth_asym_id 
_pdbx_struct_conn_angle.ptnr3_auth_comp_id 
_pdbx_struct_conn_angle.ptnr3_auth_seq_id 
_pdbx_struct_conn_angle.ptnr3_PDB_ins_code 
_pdbx_struct_conn_angle.ptnr3_symmetry 
_pdbx_struct_conn_angle.value 
_pdbx_struct_conn_angle.value_esd 
1 OH ? A TYR 5  ? A TYR 5  ? 1_555 NA ? F NA . ? A NA 1164 ? 1_555 O ? A SER 39  ? A SER 39  ? 1_455 142.8 ? 
2 OH ? A TYR 5  ? A TYR 5  ? 1_555 NA ? F NA . ? A NA 1164 ? 1_555 O ? A VAL 128 ? A VAL 128 ? 1_555 87.1  ? 
3 O  ? A SER 39 ? A SER 39 ? 1_455 NA ? F NA . ? A NA 1164 ? 1_555 O ? A VAL 128 ? A VAL 128 ? 1_555 117.8 ? 
# 
loop_
_pdbx_audit_revision_history.ordinal 
_pdbx_audit_revision_history.data_content_type 
_pdbx_audit_revision_history.major_revision 
_pdbx_audit_revision_history.minor_revision 
_pdbx_audit_revision_history.revision_date 
1 'Structure model' 1 0 2012-05-30 
2 'Structure model' 1 1 2012-08-15 
3 'Structure model' 1 2 2017-07-05 
4 'Structure model' 1 3 2023-12-20 
# 
_pdbx_audit_revision_details.ordinal             1 
_pdbx_audit_revision_details.revision_ordinal    1 
_pdbx_audit_revision_details.data_content_type   'Structure model' 
_pdbx_audit_revision_details.provider            repository 
_pdbx_audit_revision_details.type                'Initial release' 
_pdbx_audit_revision_details.description         ? 
_pdbx_audit_revision_details.details             ? 
# 
loop_
_pdbx_audit_revision_group.ordinal 
_pdbx_audit_revision_group.revision_ordinal 
_pdbx_audit_revision_group.data_content_type 
_pdbx_audit_revision_group.group 
1 2 'Structure model' 'Database references'    
2 3 'Structure model' 'Data collection'        
3 4 'Structure model' 'Data collection'        
4 4 'Structure model' 'Database references'    
5 4 'Structure model' 'Derived calculations'   
6 4 'Structure model' Other                    
7 4 'Structure model' 'Refinement description' 
# 
loop_
_pdbx_audit_revision_category.ordinal 
_pdbx_audit_revision_category.revision_ordinal 
_pdbx_audit_revision_category.data_content_type 
_pdbx_audit_revision_category.category 
1 3 'Structure model' diffrn_source                 
2 4 'Structure model' chem_comp_atom                
3 4 'Structure model' chem_comp_bond                
4 4 'Structure model' database_2                    
5 4 'Structure model' pdbx_database_status          
6 4 'Structure model' pdbx_initial_refinement_model 
7 4 'Structure model' pdbx_struct_conn_angle        
8 4 'Structure model' struct_conn                   
9 4 'Structure model' struct_site                   
# 
loop_
_pdbx_audit_revision_item.ordinal 
_pdbx_audit_revision_item.revision_ordinal 
_pdbx_audit_revision_item.data_content_type 
_pdbx_audit_revision_item.item 
1  3 'Structure model' '_diffrn_source.type'                         
2  4 'Structure model' '_database_2.pdbx_DOI'                        
3  4 'Structure model' '_database_2.pdbx_database_accession'         
4  4 'Structure model' '_pdbx_database_status.status_code_sf'        
5  4 'Structure model' '_pdbx_struct_conn_angle.ptnr1_auth_comp_id'  
6  4 'Structure model' '_pdbx_struct_conn_angle.ptnr1_auth_seq_id'   
7  4 'Structure model' '_pdbx_struct_conn_angle.ptnr1_label_comp_id' 
8  4 'Structure model' '_pdbx_struct_conn_angle.ptnr1_label_seq_id'  
9  4 'Structure model' '_pdbx_struct_conn_angle.ptnr1_symmetry'      
10 4 'Structure model' '_pdbx_struct_conn_angle.ptnr3_auth_comp_id'  
11 4 'Structure model' '_pdbx_struct_conn_angle.ptnr3_auth_seq_id'   
12 4 'Structure model' '_pdbx_struct_conn_angle.ptnr3_label_comp_id' 
13 4 'Structure model' '_pdbx_struct_conn_angle.ptnr3_label_seq_id'  
14 4 'Structure model' '_pdbx_struct_conn_angle.ptnr3_symmetry'      
15 4 'Structure model' '_pdbx_struct_conn_angle.value'               
16 4 'Structure model' '_struct_conn.pdbx_dist_value'                
17 4 'Structure model' '_struct_conn.ptnr1_auth_comp_id'             
18 4 'Structure model' '_struct_conn.ptnr1_auth_seq_id'              
19 4 'Structure model' '_struct_conn.ptnr1_label_asym_id'            
20 4 'Structure model' '_struct_conn.ptnr1_label_atom_id'            
21 4 'Structure model' '_struct_conn.ptnr1_label_comp_id'            
22 4 'Structure model' '_struct_conn.ptnr1_label_seq_id'             
23 4 'Structure model' '_struct_conn.ptnr1_symmetry'                 
24 4 'Structure model' '_struct_conn.ptnr2_auth_comp_id'             
25 4 'Structure model' '_struct_conn.ptnr2_auth_seq_id'              
26 4 'Structure model' '_struct_conn.ptnr2_label_asym_id'            
27 4 'Structure model' '_struct_conn.ptnr2_label_atom_id'            
28 4 'Structure model' '_struct_conn.ptnr2_label_comp_id'            
29 4 'Structure model' '_struct_conn.ptnr2_label_seq_id'             
30 4 'Structure model' '_struct_conn.ptnr2_symmetry'                 
31 4 'Structure model' '_struct_site.pdbx_auth_asym_id'              
32 4 'Structure model' '_struct_site.pdbx_auth_comp_id'              
33 4 'Structure model' '_struct_site.pdbx_auth_seq_id'               
# 
loop_
_software.name 
_software.classification 
_software.version 
_software.citation_id 
_software.pdbx_ordinal 
REFMAC  refinement       5.6.0117 ? 1 
iMOSFLM 'data reduction' .        ? 2 
SCALA   'data scaling'   .        ? 3 
PHASER  phasing          .        ? 4 
# 
_pdbx_entry_details.entry_id                 4A81 
_pdbx_entry_details.compound_details         ? 
_pdbx_entry_details.source_details           ? 
_pdbx_entry_details.nonpolymer_details       ? 
_pdbx_entry_details.sequence_details         'STARTING METHIONINE OF UNIPROT SEQUENCE IS CLEAVED.' 
_pdbx_entry_details.has_ligand_of_interest   ? 
# 
_pdbx_validate_torsion.id              1 
_pdbx_validate_torsion.PDB_model_num   1 
_pdbx_validate_torsion.auth_comp_id    ILE 
_pdbx_validate_torsion.auth_asym_id    A 
_pdbx_validate_torsion.auth_seq_id     23 
_pdbx_validate_torsion.PDB_ins_code    ? 
_pdbx_validate_torsion.label_alt_id    ? 
_pdbx_validate_torsion.phi             -96.77 
_pdbx_validate_torsion.psi             -67.40 
# 
_pdbx_distant_solvent_atoms.id                                1 
_pdbx_distant_solvent_atoms.PDB_model_num                     1 
_pdbx_distant_solvent_atoms.auth_atom_id                      O 
_pdbx_distant_solvent_atoms.label_alt_id                      ? 
_pdbx_distant_solvent_atoms.auth_asym_id                      A 
_pdbx_distant_solvent_atoms.auth_comp_id                      HOH 
_pdbx_distant_solvent_atoms.auth_seq_id                       2020 
_pdbx_distant_solvent_atoms.PDB_ins_code                      ? 
_pdbx_distant_solvent_atoms.neighbor_macromolecule_distance   6.45 
_pdbx_distant_solvent_atoms.neighbor_ligand_distance          . 
# 
loop_
_pdbx_unobs_or_zero_occ_atoms.id 
_pdbx_unobs_or_zero_occ_atoms.PDB_model_num 
_pdbx_unobs_or_zero_occ_atoms.polymer_flag 
_pdbx_unobs_or_zero_occ_atoms.occupancy_flag 
_pdbx_unobs_or_zero_occ_atoms.auth_asym_id 
_pdbx_unobs_or_zero_occ_atoms.auth_comp_id 
_pdbx_unobs_or_zero_occ_atoms.auth_seq_id 
_pdbx_unobs_or_zero_occ_atoms.PDB_ins_code 
_pdbx_unobs_or_zero_occ_atoms.auth_atom_id 
_pdbx_unobs_or_zero_occ_atoms.label_alt_id 
_pdbx_unobs_or_zero_occ_atoms.label_asym_id 
_pdbx_unobs_or_zero_occ_atoms.label_comp_id 
_pdbx_unobs_or_zero_occ_atoms.label_seq_id 
_pdbx_unobs_or_zero_occ_atoms.label_atom_id 
1 1 Y 1 A HIS 126 ? CB  ? A HIS 126 CB  
2 1 Y 1 A HIS 126 ? CG  ? A HIS 126 CG  
3 1 Y 1 A HIS 126 ? ND1 ? A HIS 126 ND1 
4 1 Y 1 A HIS 126 ? CD2 ? A HIS 126 CD2 
5 1 Y 1 A HIS 126 ? CE1 ? A HIS 126 CE1 
6 1 Y 1 A HIS 126 ? NE2 ? A HIS 126 NE2 
# 
loop_
_chem_comp_atom.comp_id 
_chem_comp_atom.atom_id 
_chem_comp_atom.type_symbol 
_chem_comp_atom.pdbx_aromatic_flag 
_chem_comp_atom.pdbx_stereo_config 
_chem_comp_atom.pdbx_ordinal 
2AN C1   C  Y N 1   
2AN C2   C  Y N 2   
2AN C3   C  Y N 3   
2AN C4   C  Y N 4   
2AN C5   C  Y N 5   
2AN C6   C  Y N 6   
2AN C7   C  Y N 7   
2AN C8   C  Y N 8   
2AN N    N  N N 9   
2AN S    S  N N 10  
2AN C9   C  Y N 11  
2AN C10  C  Y N 12  
2AN C11  C  Y N 13  
2AN C12  C  Y N 14  
2AN C13  C  Y N 15  
2AN C14  C  Y N 16  
2AN C15  C  Y N 17  
2AN C16  C  Y N 18  
2AN O1   O  N N 19  
2AN O2   O  N N 20  
2AN O3   O  N N 21  
2AN H2   H  N N 22  
2AN H3   H  N N 23  
2AN H4   H  N N 24  
2AN H6   H  N N 25  
2AN H7   H  N N 26  
2AN H8   H  N N 27  
2AN HN   H  N N 28  
2AN H12  H  N N 29  
2AN H13  H  N N 30  
2AN H14  H  N N 31  
2AN H15  H  N N 32  
2AN H16  H  N N 33  
2AN HO3  H  N N 34  
ALA N    N  N N 35  
ALA CA   C  N S 36  
ALA C    C  N N 37  
ALA O    O  N N 38  
ALA CB   C  N N 39  
ALA OXT  O  N N 40  
ALA H    H  N N 41  
ALA H2   H  N N 42  
ALA HA   H  N N 43  
ALA HB1  H  N N 44  
ALA HB2  H  N N 45  
ALA HB3  H  N N 46  
ALA HXT  H  N N 47  
ARG N    N  N N 48  
ARG CA   C  N S 49  
ARG C    C  N N 50  
ARG O    O  N N 51  
ARG CB   C  N N 52  
ARG CG   C  N N 53  
ARG CD   C  N N 54  
ARG NE   N  N N 55  
ARG CZ   C  N N 56  
ARG NH1  N  N N 57  
ARG NH2  N  N N 58  
ARG OXT  O  N N 59  
ARG H    H  N N 60  
ARG H2   H  N N 61  
ARG HA   H  N N 62  
ARG HB2  H  N N 63  
ARG HB3  H  N N 64  
ARG HG2  H  N N 65  
ARG HG3  H  N N 66  
ARG HD2  H  N N 67  
ARG HD3  H  N N 68  
ARG HE   H  N N 69  
ARG HH11 H  N N 70  
ARG HH12 H  N N 71  
ARG HH21 H  N N 72  
ARG HH22 H  N N 73  
ARG HXT  H  N N 74  
ASN N    N  N N 75  
ASN CA   C  N S 76  
ASN C    C  N N 77  
ASN O    O  N N 78  
ASN CB   C  N N 79  
ASN CG   C  N N 80  
ASN OD1  O  N N 81  
ASN ND2  N  N N 82  
ASN OXT  O  N N 83  
ASN H    H  N N 84  
ASN H2   H  N N 85  
ASN HA   H  N N 86  
ASN HB2  H  N N 87  
ASN HB3  H  N N 88  
ASN HD21 H  N N 89  
ASN HD22 H  N N 90  
ASN HXT  H  N N 91  
ASP N    N  N N 92  
ASP CA   C  N S 93  
ASP C    C  N N 94  
ASP O    O  N N 95  
ASP CB   C  N N 96  
ASP CG   C  N N 97  
ASP OD1  O  N N 98  
ASP OD2  O  N N 99  
ASP OXT  O  N N 100 
ASP H    H  N N 101 
ASP H2   H  N N 102 
ASP HA   H  N N 103 
ASP HB2  H  N N 104 
ASP HB3  H  N N 105 
ASP HD2  H  N N 106 
ASP HXT  H  N N 107 
DXC C1   C  N R 108 
DXC C2   C  N N 109 
DXC C3   C  N R 110 
DXC C4   C  N S 111 
DXC C5   C  N N 112 
DXC C6   C  N N 113 
DXC C7   C  N N 114 
DXC C8   C  N N 115 
DXC C9   C  N R 116 
DXC C10  C  N S 117 
DXC C11  C  N S 118 
DXC C12  C  N R 119 
DXC C13  C  N S 120 
DXC C14  C  N N 121 
DXC C15  C  N N 122 
DXC C16  C  N N 123 
DXC C17  C  N R 124 
DXC C18  C  N N 125 
DXC C19  C  N R 126 
DXC O1   O  N N 127 
DXC O2   O  N N 128 
DXC C20  C  N N 129 
DXC C21  C  N N 130 
DXC C22  C  N N 131 
DXC C23  C  N N 132 
DXC O3   O  N N 133 
DXC O4   O  N N 134 
DXC C24  C  N N 135 
DXC H1   H  N N 136 
DXC H22  H  N N 137 
DXC H21  H  N N 138 
DXC H3   H  N N 139 
DXC H52  H  N N 140 
DXC H51  H  N N 141 
DXC H62  H  N N 142 
DXC H61  H  N N 143 
DXC H72  H  N N 144 
DXC H71  H  N N 145 
DXC H82  H  N N 146 
DXC H81  H  N N 147 
DXC H9   H  N N 148 
DXC H10  H  N N 149 
DXC H11  H  N N 150 
DXC H13  H  N N 151 
DXC H142 H  N N 152 
DXC H141 H  N N 153 
DXC H152 H  N N 154 
DXC H151 H  N N 155 
DXC H162 H  N N 156 
DXC H161 H  N N 157 
DXC H17  H  N N 158 
DXC H183 H  N N 159 
DXC H182 H  N N 160 
DXC H181 H  N N 161 
DXC H19  H  N N 162 
DXC H1O1 H  N N 163 
DXC H2   H  N N 164 
DXC H203 H  N N 165 
DXC H202 H  N N 166 
DXC H201 H  N N 167 
DXC H212 H  N N 168 
DXC H211 H  N N 169 
DXC H222 H  N N 170 
DXC H221 H  N N 171 
DXC HO4  H  N N 172 
DXC H243 H  N N 173 
DXC H242 H  N N 174 
DXC H241 H  N N 175 
GLN N    N  N N 176 
GLN CA   C  N S 177 
GLN C    C  N N 178 
GLN O    O  N N 179 
GLN CB   C  N N 180 
GLN CG   C  N N 181 
GLN CD   C  N N 182 
GLN OE1  O  N N 183 
GLN NE2  N  N N 184 
GLN OXT  O  N N 185 
GLN H    H  N N 186 
GLN H2   H  N N 187 
GLN HA   H  N N 188 
GLN HB2  H  N N 189 
GLN HB3  H  N N 190 
GLN HG2  H  N N 191 
GLN HG3  H  N N 192 
GLN HE21 H  N N 193 
GLN HE22 H  N N 194 
GLN HXT  H  N N 195 
GLU N    N  N N 196 
GLU CA   C  N S 197 
GLU C    C  N N 198 
GLU O    O  N N 199 
GLU CB   C  N N 200 
GLU CG   C  N N 201 
GLU CD   C  N N 202 
GLU OE1  O  N N 203 
GLU OE2  O  N N 204 
GLU OXT  O  N N 205 
GLU H    H  N N 206 
GLU H2   H  N N 207 
GLU HA   H  N N 208 
GLU HB2  H  N N 209 
GLU HB3  H  N N 210 
GLU HG2  H  N N 211 
GLU HG3  H  N N 212 
GLU HE2  H  N N 213 
GLU HXT  H  N N 214 
GLY N    N  N N 215 
GLY CA   C  N N 216 
GLY C    C  N N 217 
GLY O    O  N N 218 
GLY OXT  O  N N 219 
GLY H    H  N N 220 
GLY H2   H  N N 221 
GLY HA2  H  N N 222 
GLY HA3  H  N N 223 
GLY HXT  H  N N 224 
HIS N    N  N N 225 
HIS CA   C  N S 226 
HIS C    C  N N 227 
HIS O    O  N N 228 
HIS CB   C  N N 229 
HIS CG   C  Y N 230 
HIS ND1  N  Y N 231 
HIS CD2  C  Y N 232 
HIS CE1  C  Y N 233 
HIS NE2  N  Y N 234 
HIS OXT  O  N N 235 
HIS H    H  N N 236 
HIS H2   H  N N 237 
HIS HA   H  N N 238 
HIS HB2  H  N N 239 
HIS HB3  H  N N 240 
HIS HD1  H  N N 241 
HIS HD2  H  N N 242 
HIS HE1  H  N N 243 
HIS HE2  H  N N 244 
HIS HXT  H  N N 245 
HOH O    O  N N 246 
HOH H1   H  N N 247 
HOH H2   H  N N 248 
ILE N    N  N N 249 
ILE CA   C  N S 250 
ILE C    C  N N 251 
ILE O    O  N N 252 
ILE CB   C  N S 253 
ILE CG1  C  N N 254 
ILE CG2  C  N N 255 
ILE CD1  C  N N 256 
ILE OXT  O  N N 257 
ILE H    H  N N 258 
ILE H2   H  N N 259 
ILE HA   H  N N 260 
ILE HB   H  N N 261 
ILE HG12 H  N N 262 
ILE HG13 H  N N 263 
ILE HG21 H  N N 264 
ILE HG22 H  N N 265 
ILE HG23 H  N N 266 
ILE HD11 H  N N 267 
ILE HD12 H  N N 268 
ILE HD13 H  N N 269 
ILE HXT  H  N N 270 
LEU N    N  N N 271 
LEU CA   C  N S 272 
LEU C    C  N N 273 
LEU O    O  N N 274 
LEU CB   C  N N 275 
LEU CG   C  N N 276 
LEU CD1  C  N N 277 
LEU CD2  C  N N 278 
LEU OXT  O  N N 279 
LEU H    H  N N 280 
LEU H2   H  N N 281 
LEU HA   H  N N 282 
LEU HB2  H  N N 283 
LEU HB3  H  N N 284 
LEU HG   H  N N 285 
LEU HD11 H  N N 286 
LEU HD12 H  N N 287 
LEU HD13 H  N N 288 
LEU HD21 H  N N 289 
LEU HD22 H  N N 290 
LEU HD23 H  N N 291 
LEU HXT  H  N N 292 
LYS N    N  N N 293 
LYS CA   C  N S 294 
LYS C    C  N N 295 
LYS O    O  N N 296 
LYS CB   C  N N 297 
LYS CG   C  N N 298 
LYS CD   C  N N 299 
LYS CE   C  N N 300 
LYS NZ   N  N N 301 
LYS OXT  O  N N 302 
LYS H    H  N N 303 
LYS H2   H  N N 304 
LYS HA   H  N N 305 
LYS HB2  H  N N 306 
LYS HB3  H  N N 307 
LYS HG2  H  N N 308 
LYS HG3  H  N N 309 
LYS HD2  H  N N 310 
LYS HD3  H  N N 311 
LYS HE2  H  N N 312 
LYS HE3  H  N N 313 
LYS HZ1  H  N N 314 
LYS HZ2  H  N N 315 
LYS HZ3  H  N N 316 
LYS HXT  H  N N 317 
MET N    N  N N 318 
MET CA   C  N S 319 
MET C    C  N N 320 
MET O    O  N N 321 
MET CB   C  N N 322 
MET CG   C  N N 323 
MET SD   S  N N 324 
MET CE   C  N N 325 
MET OXT  O  N N 326 
MET H    H  N N 327 
MET H2   H  N N 328 
MET HA   H  N N 329 
MET HB2  H  N N 330 
MET HB3  H  N N 331 
MET HG2  H  N N 332 
MET HG3  H  N N 333 
MET HE1  H  N N 334 
MET HE2  H  N N 335 
MET HE3  H  N N 336 
MET HXT  H  N N 337 
MPD C1   C  N N 338 
MPD C2   C  N N 339 
MPD O2   O  N N 340 
MPD CM   C  N N 341 
MPD C3   C  N N 342 
MPD C4   C  N S 343 
MPD O4   O  N N 344 
MPD C5   C  N N 345 
MPD H11  H  N N 346 
MPD H12  H  N N 347 
MPD H13  H  N N 348 
MPD HO2  H  N N 349 
MPD HM1  H  N N 350 
MPD HM2  H  N N 351 
MPD HM3  H  N N 352 
MPD H31  H  N N 353 
MPD H32  H  N N 354 
MPD H4   H  N N 355 
MPD HO4  H  N N 356 
MPD H51  H  N N 357 
MPD H52  H  N N 358 
MPD H53  H  N N 359 
NA  NA   NA N N 360 
PHE N    N  N N 361 
PHE CA   C  N S 362 
PHE C    C  N N 363 
PHE O    O  N N 364 
PHE CB   C  N N 365 
PHE CG   C  Y N 366 
PHE CD1  C  Y N 367 
PHE CD2  C  Y N 368 
PHE CE1  C  Y N 369 
PHE CE2  C  Y N 370 
PHE CZ   C  Y N 371 
PHE OXT  O  N N 372 
PHE H    H  N N 373 
PHE H2   H  N N 374 
PHE HA   H  N N 375 
PHE HB2  H  N N 376 
PHE HB3  H  N N 377 
PHE HD1  H  N N 378 
PHE HD2  H  N N 379 
PHE HE1  H  N N 380 
PHE HE2  H  N N 381 
PHE HZ   H  N N 382 
PHE HXT  H  N N 383 
PRO N    N  N N 384 
PRO CA   C  N S 385 
PRO C    C  N N 386 
PRO O    O  N N 387 
PRO CB   C  N N 388 
PRO CG   C  N N 389 
PRO CD   C  N N 390 
PRO OXT  O  N N 391 
PRO H    H  N N 392 
PRO HA   H  N N 393 
PRO HB2  H  N N 394 
PRO HB3  H  N N 395 
PRO HG2  H  N N 396 
PRO HG3  H  N N 397 
PRO HD2  H  N N 398 
PRO HD3  H  N N 399 
PRO HXT  H  N N 400 
SER N    N  N N 401 
SER CA   C  N S 402 
SER C    C  N N 403 
SER O    O  N N 404 
SER CB   C  N N 405 
SER OG   O  N N 406 
SER OXT  O  N N 407 
SER H    H  N N 408 
SER H2   H  N N 409 
SER HA   H  N N 410 
SER HB2  H  N N 411 
SER HB3  H  N N 412 
SER HG   H  N N 413 
SER HXT  H  N N 414 
SO4 S    S  N N 415 
SO4 O1   O  N N 416 
SO4 O2   O  N N 417 
SO4 O3   O  N N 418 
SO4 O4   O  N N 419 
THR N    N  N N 420 
THR CA   C  N S 421 
THR C    C  N N 422 
THR O    O  N N 423 
THR CB   C  N R 424 
THR OG1  O  N N 425 
THR CG2  C  N N 426 
THR OXT  O  N N 427 
THR H    H  N N 428 
THR H2   H  N N 429 
THR HA   H  N N 430 
THR HB   H  N N 431 
THR HG1  H  N N 432 
THR HG21 H  N N 433 
THR HG22 H  N N 434 
THR HG23 H  N N 435 
THR HXT  H  N N 436 
TYR N    N  N N 437 
TYR CA   C  N S 438 
TYR C    C  N N 439 
TYR O    O  N N 440 
TYR CB   C  N N 441 
TYR CG   C  Y N 442 
TYR CD1  C  Y N 443 
TYR CD2  C  Y N 444 
TYR CE1  C  Y N 445 
TYR CE2  C  Y N 446 
TYR CZ   C  Y N 447 
TYR OH   O  N N 448 
TYR OXT  O  N N 449 
TYR H    H  N N 450 
TYR H2   H  N N 451 
TYR HA   H  N N 452 
TYR HB2  H  N N 453 
TYR HB3  H  N N 454 
TYR HD1  H  N N 455 
TYR HD2  H  N N 456 
TYR HE1  H  N N 457 
TYR HE2  H  N N 458 
TYR HH   H  N N 459 
TYR HXT  H  N N 460 
VAL N    N  N N 461 
VAL CA   C  N S 462 
VAL C    C  N N 463 
VAL O    O  N N 464 
VAL CB   C  N N 465 
VAL CG1  C  N N 466 
VAL CG2  C  N N 467 
VAL OXT  O  N N 468 
VAL H    H  N N 469 
VAL H2   H  N N 470 
VAL HA   H  N N 471 
VAL HB   H  N N 472 
VAL HG11 H  N N 473 
VAL HG12 H  N N 474 
VAL HG13 H  N N 475 
VAL HG21 H  N N 476 
VAL HG22 H  N N 477 
VAL HG23 H  N N 478 
VAL HXT  H  N N 479 
# 
loop_
_chem_comp_bond.comp_id 
_chem_comp_bond.atom_id_1 
_chem_comp_bond.atom_id_2 
_chem_comp_bond.value_order 
_chem_comp_bond.pdbx_aromatic_flag 
_chem_comp_bond.pdbx_stereo_config 
_chem_comp_bond.pdbx_ordinal 
2AN C1  C2   doub Y N 1   
2AN C1  N    sing N N 2   
2AN C1  C10  sing Y N 3   
2AN C2  C3   sing Y N 4   
2AN C2  H2   sing N N 5   
2AN C3  C4   doub Y N 6   
2AN C3  H3   sing N N 7   
2AN C4  C5   sing Y N 8   
2AN C4  H4   sing N N 9   
2AN C5  C6   doub Y N 10  
2AN C5  C10  sing Y N 11  
2AN C6  C7   sing Y N 12  
2AN C6  H6   sing N N 13  
2AN C7  C8   doub Y N 14  
2AN C7  H7   sing N N 15  
2AN C8  C9   sing Y N 16  
2AN C8  H8   sing N N 17  
2AN N   C11  sing N N 18  
2AN N   HN   sing N N 19  
2AN S   C9   sing N N 20  
2AN S   O1   doub N N 21  
2AN S   O2   doub N N 22  
2AN S   O3   sing N N 23  
2AN C9  C10  doub Y N 24  
2AN C11 C12  doub Y N 25  
2AN C11 C16  sing Y N 26  
2AN C12 C13  sing Y N 27  
2AN C12 H12  sing N N 28  
2AN C13 C14  doub Y N 29  
2AN C13 H13  sing N N 30  
2AN C14 C15  sing Y N 31  
2AN C14 H14  sing N N 32  
2AN C15 C16  doub Y N 33  
2AN C15 H15  sing N N 34  
2AN C16 H16  sing N N 35  
2AN O3  HO3  sing N N 36  
ALA N   CA   sing N N 37  
ALA N   H    sing N N 38  
ALA N   H2   sing N N 39  
ALA CA  C    sing N N 40  
ALA CA  CB   sing N N 41  
ALA CA  HA   sing N N 42  
ALA C   O    doub N N 43  
ALA C   OXT  sing N N 44  
ALA CB  HB1  sing N N 45  
ALA CB  HB2  sing N N 46  
ALA CB  HB3  sing N N 47  
ALA OXT HXT  sing N N 48  
ARG N   CA   sing N N 49  
ARG N   H    sing N N 50  
ARG N   H2   sing N N 51  
ARG CA  C    sing N N 52  
ARG CA  CB   sing N N 53  
ARG CA  HA   sing N N 54  
ARG C   O    doub N N 55  
ARG C   OXT  sing N N 56  
ARG CB  CG   sing N N 57  
ARG CB  HB2  sing N N 58  
ARG CB  HB3  sing N N 59  
ARG CG  CD   sing N N 60  
ARG CG  HG2  sing N N 61  
ARG CG  HG3  sing N N 62  
ARG CD  NE   sing N N 63  
ARG CD  HD2  sing N N 64  
ARG CD  HD3  sing N N 65  
ARG NE  CZ   sing N N 66  
ARG NE  HE   sing N N 67  
ARG CZ  NH1  sing N N 68  
ARG CZ  NH2  doub N N 69  
ARG NH1 HH11 sing N N 70  
ARG NH1 HH12 sing N N 71  
ARG NH2 HH21 sing N N 72  
ARG NH2 HH22 sing N N 73  
ARG OXT HXT  sing N N 74  
ASN N   CA   sing N N 75  
ASN N   H    sing N N 76  
ASN N   H2   sing N N 77  
ASN CA  C    sing N N 78  
ASN CA  CB   sing N N 79  
ASN CA  HA   sing N N 80  
ASN C   O    doub N N 81  
ASN C   OXT  sing N N 82  
ASN CB  CG   sing N N 83  
ASN CB  HB2  sing N N 84  
ASN CB  HB3  sing N N 85  
ASN CG  OD1  doub N N 86  
ASN CG  ND2  sing N N 87  
ASN ND2 HD21 sing N N 88  
ASN ND2 HD22 sing N N 89  
ASN OXT HXT  sing N N 90  
ASP N   CA   sing N N 91  
ASP N   H    sing N N 92  
ASP N   H2   sing N N 93  
ASP CA  C    sing N N 94  
ASP CA  CB   sing N N 95  
ASP CA  HA   sing N N 96  
ASP C   O    doub N N 97  
ASP C   OXT  sing N N 98  
ASP CB  CG   sing N N 99  
ASP CB  HB2  sing N N 100 
ASP CB  HB3  sing N N 101 
ASP CG  OD1  doub N N 102 
ASP CG  OD2  sing N N 103 
ASP OD2 HD2  sing N N 104 
ASP OXT HXT  sing N N 105 
DXC C1  C2   sing N N 106 
DXC C1  C6   sing N N 107 
DXC C1  O2   sing N N 108 
DXC C1  H1   sing N N 109 
DXC C2  C3   sing N N 110 
DXC C2  H22  sing N N 111 
DXC C2  H21  sing N N 112 
DXC C3  C4   sing N N 113 
DXC C3  C7   sing N N 114 
DXC C3  H3   sing N N 115 
DXC C4  C5   sing N N 116 
DXC C4  C10  sing N N 117 
DXC C4  C18  sing N N 118 
DXC C5  C6   sing N N 119 
DXC C5  H52  sing N N 120 
DXC C5  H51  sing N N 121 
DXC C6  H62  sing N N 122 
DXC C6  H61  sing N N 123 
DXC C7  C8   sing N N 124 
DXC C7  H72  sing N N 125 
DXC C7  H71  sing N N 126 
DXC C8  C9   sing N N 127 
DXC C8  H82  sing N N 128 
DXC C8  H81  sing N N 129 
DXC C9  C10  sing N N 130 
DXC C9  C11  sing N N 131 
DXC C9  H9   sing N N 132 
DXC C10 C14  sing N N 133 
DXC C10 H10  sing N N 134 
DXC C11 C12  sing N N 135 
DXC C11 C15  sing N N 136 
DXC C11 H11  sing N N 137 
DXC C12 C13  sing N N 138 
DXC C12 C17  sing N N 139 
DXC C12 C20  sing N N 140 
DXC C13 C14  sing N N 141 
DXC C13 O1   sing N N 142 
DXC C13 H13  sing N N 143 
DXC C14 H142 sing N N 144 
DXC C14 H141 sing N N 145 
DXC C15 C16  sing N N 146 
DXC C15 H152 sing N N 147 
DXC C15 H151 sing N N 148 
DXC C16 C17  sing N N 149 
DXC C16 H162 sing N N 150 
DXC C16 H161 sing N N 151 
DXC C17 C19  sing N N 152 
DXC C17 H17  sing N N 153 
DXC C18 H183 sing N N 154 
DXC C18 H182 sing N N 155 
DXC C18 H181 sing N N 156 
DXC C19 C21  sing N N 157 
DXC C19 C24  sing N N 158 
DXC C19 H19  sing N N 159 
DXC O1  H1O1 sing N N 160 
DXC O2  H2   sing N N 161 
DXC C20 H203 sing N N 162 
DXC C20 H202 sing N N 163 
DXC C20 H201 sing N N 164 
DXC C21 C22  sing N N 165 
DXC C21 H212 sing N N 166 
DXC C21 H211 sing N N 167 
DXC C22 C23  sing N N 168 
DXC C22 H222 sing N N 169 
DXC C22 H221 sing N N 170 
DXC C23 O3   doub N N 171 
DXC C23 O4   sing N N 172 
DXC O4  HO4  sing N N 173 
DXC C24 H243 sing N N 174 
DXC C24 H242 sing N N 175 
DXC C24 H241 sing N N 176 
GLN N   CA   sing N N 177 
GLN N   H    sing N N 178 
GLN N   H2   sing N N 179 
GLN CA  C    sing N N 180 
GLN CA  CB   sing N N 181 
GLN CA  HA   sing N N 182 
GLN C   O    doub N N 183 
GLN C   OXT  sing N N 184 
GLN CB  CG   sing N N 185 
GLN CB  HB2  sing N N 186 
GLN CB  HB3  sing N N 187 
GLN CG  CD   sing N N 188 
GLN CG  HG2  sing N N 189 
GLN CG  HG3  sing N N 190 
GLN CD  OE1  doub N N 191 
GLN CD  NE2  sing N N 192 
GLN NE2 HE21 sing N N 193 
GLN NE2 HE22 sing N N 194 
GLN OXT HXT  sing N N 195 
GLU N   CA   sing N N 196 
GLU N   H    sing N N 197 
GLU N   H2   sing N N 198 
GLU CA  C    sing N N 199 
GLU CA  CB   sing N N 200 
GLU CA  HA   sing N N 201 
GLU C   O    doub N N 202 
GLU C   OXT  sing N N 203 
GLU CB  CG   sing N N 204 
GLU CB  HB2  sing N N 205 
GLU CB  HB3  sing N N 206 
GLU CG  CD   sing N N 207 
GLU CG  HG2  sing N N 208 
GLU CG  HG3  sing N N 209 
GLU CD  OE1  doub N N 210 
GLU CD  OE2  sing N N 211 
GLU OE2 HE2  sing N N 212 
GLU OXT HXT  sing N N 213 
GLY N   CA   sing N N 214 
GLY N   H    sing N N 215 
GLY N   H2   sing N N 216 
GLY CA  C    sing N N 217 
GLY CA  HA2  sing N N 218 
GLY CA  HA3  sing N N 219 
GLY C   O    doub N N 220 
GLY C   OXT  sing N N 221 
GLY OXT HXT  sing N N 222 
HIS N   CA   sing N N 223 
HIS N   H    sing N N 224 
HIS N   H2   sing N N 225 
HIS CA  C    sing N N 226 
HIS CA  CB   sing N N 227 
HIS CA  HA   sing N N 228 
HIS C   O    doub N N 229 
HIS C   OXT  sing N N 230 
HIS CB  CG   sing N N 231 
HIS CB  HB2  sing N N 232 
HIS CB  HB3  sing N N 233 
HIS CG  ND1  sing Y N 234 
HIS CG  CD2  doub Y N 235 
HIS ND1 CE1  doub Y N 236 
HIS ND1 HD1  sing N N 237 
HIS CD2 NE2  sing Y N 238 
HIS CD2 HD2  sing N N 239 
HIS CE1 NE2  sing Y N 240 
HIS CE1 HE1  sing N N 241 
HIS NE2 HE2  sing N N 242 
HIS OXT HXT  sing N N 243 
HOH O   H1   sing N N 244 
HOH O   H2   sing N N 245 
ILE N   CA   sing N N 246 
ILE N   H    sing N N 247 
ILE N   H2   sing N N 248 
ILE CA  C    sing N N 249 
ILE CA  CB   sing N N 250 
ILE CA  HA   sing N N 251 
ILE C   O    doub N N 252 
ILE C   OXT  sing N N 253 
ILE CB  CG1  sing N N 254 
ILE CB  CG2  sing N N 255 
ILE CB  HB   sing N N 256 
ILE CG1 CD1  sing N N 257 
ILE CG1 HG12 sing N N 258 
ILE CG1 HG13 sing N N 259 
ILE CG2 HG21 sing N N 260 
ILE CG2 HG22 sing N N 261 
ILE CG2 HG23 sing N N 262 
ILE CD1 HD11 sing N N 263 
ILE CD1 HD12 sing N N 264 
ILE CD1 HD13 sing N N 265 
ILE OXT HXT  sing N N 266 
LEU N   CA   sing N N 267 
LEU N   H    sing N N 268 
LEU N   H2   sing N N 269 
LEU CA  C    sing N N 270 
LEU CA  CB   sing N N 271 
LEU CA  HA   sing N N 272 
LEU C   O    doub N N 273 
LEU C   OXT  sing N N 274 
LEU CB  CG   sing N N 275 
LEU CB  HB2  sing N N 276 
LEU CB  HB3  sing N N 277 
LEU CG  CD1  sing N N 278 
LEU CG  CD2  sing N N 279 
LEU CG  HG   sing N N 280 
LEU CD1 HD11 sing N N 281 
LEU CD1 HD12 sing N N 282 
LEU CD1 HD13 sing N N 283 
LEU CD2 HD21 sing N N 284 
LEU CD2 HD22 sing N N 285 
LEU CD2 HD23 sing N N 286 
LEU OXT HXT  sing N N 287 
LYS N   CA   sing N N 288 
LYS N   H    sing N N 289 
LYS N   H2   sing N N 290 
LYS CA  C    sing N N 291 
LYS CA  CB   sing N N 292 
LYS CA  HA   sing N N 293 
LYS C   O    doub N N 294 
LYS C   OXT  sing N N 295 
LYS CB  CG   sing N N 296 
LYS CB  HB2  sing N N 297 
LYS CB  HB3  sing N N 298 
LYS CG  CD   sing N N 299 
LYS CG  HG2  sing N N 300 
LYS CG  HG3  sing N N 301 
LYS CD  CE   sing N N 302 
LYS CD  HD2  sing N N 303 
LYS CD  HD3  sing N N 304 
LYS CE  NZ   sing N N 305 
LYS CE  HE2  sing N N 306 
LYS CE  HE3  sing N N 307 
LYS NZ  HZ1  sing N N 308 
LYS NZ  HZ2  sing N N 309 
LYS NZ  HZ3  sing N N 310 
LYS OXT HXT  sing N N 311 
MET N   CA   sing N N 312 
MET N   H    sing N N 313 
MET N   H2   sing N N 314 
MET CA  C    sing N N 315 
MET CA  CB   sing N N 316 
MET CA  HA   sing N N 317 
MET C   O    doub N N 318 
MET C   OXT  sing N N 319 
MET CB  CG   sing N N 320 
MET CB  HB2  sing N N 321 
MET CB  HB3  sing N N 322 
MET CG  SD   sing N N 323 
MET CG  HG2  sing N N 324 
MET CG  HG3  sing N N 325 
MET SD  CE   sing N N 326 
MET CE  HE1  sing N N 327 
MET CE  HE2  sing N N 328 
MET CE  HE3  sing N N 329 
MET OXT HXT  sing N N 330 
MPD C1  C2   sing N N 331 
MPD C1  H11  sing N N 332 
MPD C1  H12  sing N N 333 
MPD C1  H13  sing N N 334 
MPD C2  O2   sing N N 335 
MPD C2  CM   sing N N 336 
MPD C2  C3   sing N N 337 
MPD O2  HO2  sing N N 338 
MPD CM  HM1  sing N N 339 
MPD CM  HM2  sing N N 340 
MPD CM  HM3  sing N N 341 
MPD C3  C4   sing N N 342 
MPD C3  H31  sing N N 343 
MPD C3  H32  sing N N 344 
MPD C4  O4   sing N N 345 
MPD C4  C5   sing N N 346 
MPD C4  H4   sing N N 347 
MPD O4  HO4  sing N N 348 
MPD C5  H51  sing N N 349 
MPD C5  H52  sing N N 350 
MPD C5  H53  sing N N 351 
PHE N   CA   sing N N 352 
PHE N   H    sing N N 353 
PHE N   H2   sing N N 354 
PHE CA  C    sing N N 355 
PHE CA  CB   sing N N 356 
PHE CA  HA   sing N N 357 
PHE C   O    doub N N 358 
PHE C   OXT  sing N N 359 
PHE CB  CG   sing N N 360 
PHE CB  HB2  sing N N 361 
PHE CB  HB3  sing N N 362 
PHE CG  CD1  doub Y N 363 
PHE CG  CD2  sing Y N 364 
PHE CD1 CE1  sing Y N 365 
PHE CD1 HD1  sing N N 366 
PHE CD2 CE2  doub Y N 367 
PHE CD2 HD2  sing N N 368 
PHE CE1 CZ   doub Y N 369 
PHE CE1 HE1  sing N N 370 
PHE CE2 CZ   sing Y N 371 
PHE CE2 HE2  sing N N 372 
PHE CZ  HZ   sing N N 373 
PHE OXT HXT  sing N N 374 
PRO N   CA   sing N N 375 
PRO N   CD   sing N N 376 
PRO N   H    sing N N 377 
PRO CA  C    sing N N 378 
PRO CA  CB   sing N N 379 
PRO CA  HA   sing N N 380 
PRO C   O    doub N N 381 
PRO C   OXT  sing N N 382 
PRO CB  CG   sing N N 383 
PRO CB  HB2  sing N N 384 
PRO CB  HB3  sing N N 385 
PRO CG  CD   sing N N 386 
PRO CG  HG2  sing N N 387 
PRO CG  HG3  sing N N 388 
PRO CD  HD2  sing N N 389 
PRO CD  HD3  sing N N 390 
PRO OXT HXT  sing N N 391 
SER N   CA   sing N N 392 
SER N   H    sing N N 393 
SER N   H2   sing N N 394 
SER CA  C    sing N N 395 
SER CA  CB   sing N N 396 
SER CA  HA   sing N N 397 
SER C   O    doub N N 398 
SER C   OXT  sing N N 399 
SER CB  OG   sing N N 400 
SER CB  HB2  sing N N 401 
SER CB  HB3  sing N N 402 
SER OG  HG   sing N N 403 
SER OXT HXT  sing N N 404 
SO4 S   O1   doub N N 405 
SO4 S   O2   doub N N 406 
SO4 S   O3   sing N N 407 
SO4 S   O4   sing N N 408 
THR N   CA   sing N N 409 
THR N   H    sing N N 410 
THR N   H2   sing N N 411 
THR CA  C    sing N N 412 
THR CA  CB   sing N N 413 
THR CA  HA   sing N N 414 
THR C   O    doub N N 415 
THR C   OXT  sing N N 416 
THR CB  OG1  sing N N 417 
THR CB  CG2  sing N N 418 
THR CB  HB   sing N N 419 
THR OG1 HG1  sing N N 420 
THR CG2 HG21 sing N N 421 
THR CG2 HG22 sing N N 422 
THR CG2 HG23 sing N N 423 
THR OXT HXT  sing N N 424 
TYR N   CA   sing N N 425 
TYR N   H    sing N N 426 
TYR N   H2   sing N N 427 
TYR CA  C    sing N N 428 
TYR CA  CB   sing N N 429 
TYR CA  HA   sing N N 430 
TYR C   O    doub N N 431 
TYR C   OXT  sing N N 432 
TYR CB  CG   sing N N 433 
TYR CB  HB2  sing N N 434 
TYR CB  HB3  sing N N 435 
TYR CG  CD1  doub Y N 436 
TYR CG  CD2  sing Y N 437 
TYR CD1 CE1  sing Y N 438 
TYR CD1 HD1  sing N N 439 
TYR CD2 CE2  doub Y N 440 
TYR CD2 HD2  sing N N 441 
TYR CE1 CZ   doub Y N 442 
TYR CE1 HE1  sing N N 443 
TYR CE2 CZ   sing Y N 444 
TYR CE2 HE2  sing N N 445 
TYR CZ  OH   sing N N 446 
TYR OH  HH   sing N N 447 
TYR OXT HXT  sing N N 448 
VAL N   CA   sing N N 449 
VAL N   H    sing N N 450 
VAL N   H2   sing N N 451 
VAL CA  C    sing N N 452 
VAL CA  CB   sing N N 453 
VAL CA  HA   sing N N 454 
VAL C   O    doub N N 455 
VAL C   OXT  sing N N 456 
VAL CB  CG1  sing N N 457 
VAL CB  CG2  sing N N 458 
VAL CB  HB   sing N N 459 
VAL CG1 HG11 sing N N 460 
VAL CG1 HG12 sing N N 461 
VAL CG1 HG13 sing N N 462 
VAL CG2 HG21 sing N N 463 
VAL CG2 HG22 sing N N 464 
VAL CG2 HG23 sing N N 465 
VAL OXT HXT  sing N N 466 
# 
loop_
_pdbx_entity_nonpoly.entity_id 
_pdbx_entity_nonpoly.name 
_pdbx_entity_nonpoly.comp_id 
2 'SULFATE ION'                                             SO4 
3 '(3ALPHA,5BETA,12ALPHA)-3,12-DIHYDROXYCHOLAN-24-OIC ACID' DXC 
4 '8-ANILINO-1-NAPHTHALENE SULFONATE'                       2AN 
5 '(4S)-2-METHYL-2,4-PENTANEDIOL'                           MPD 
6 'SODIUM ION'                                              NA  
7 water                                                     HOH 
# 
_pdbx_initial_refinement_model.id               1 
_pdbx_initial_refinement_model.entity_id_list   ? 
_pdbx_initial_refinement_model.type             'experimental model' 
_pdbx_initial_refinement_model.source_name      PDB 
_pdbx_initial_refinement_model.accession_code   4A80 
_pdbx_initial_refinement_model.details          'PDB ENTRY 4A80' 
# 
